data_1RSM
# 
_entry.id   1RSM 
# 
_audit_conform.dict_name       mmcif_pdbx.dic 
_audit_conform.dict_version    5.398 
_audit_conform.dict_location   http://mmcif.pdb.org/dictionaries/ascii/mmcif_pdbx.dic 
# 
loop_
_database_2.database_id 
_database_2.database_code 
_database_2.pdbx_database_accession 
_database_2.pdbx_DOI 
PDB   1RSM         pdb_00001rsm 10.2210/pdb1rsm/pdb 
WWPDB D_1000176200 ?            ?                   
# 
loop_
_pdbx_audit_revision_history.ordinal 
_pdbx_audit_revision_history.data_content_type 
_pdbx_audit_revision_history.major_revision 
_pdbx_audit_revision_history.minor_revision 
_pdbx_audit_revision_history.revision_date 
1 'Structure model' 1 0 1986-01-21 
2 'Structure model' 1 1 2008-03-24 
3 'Structure model' 1 2 2011-07-13 
4 'Structure model' 1 3 2024-06-05 
5 'Structure model' 1 4 2024-11-06 
# 
_pdbx_audit_revision_details.ordinal             1 
_pdbx_audit_revision_details.revision_ordinal    1 
_pdbx_audit_revision_details.data_content_type   'Structure model' 
_pdbx_audit_revision_details.provider            repository 
_pdbx_audit_revision_details.type                'Initial release' 
_pdbx_audit_revision_details.description         ? 
_pdbx_audit_revision_details.details             ? 
# 
loop_
_pdbx_audit_revision_group.ordinal 
_pdbx_audit_revision_group.revision_ordinal 
_pdbx_audit_revision_group.data_content_type 
_pdbx_audit_revision_group.group 
1 2 'Structure model' 'Version format compliance' 
2 3 'Structure model' 'Version format compliance' 
3 4 'Structure model' 'Data collection'           
4 4 'Structure model' 'Database references'       
5 4 'Structure model' 'Derived calculations'      
6 4 'Structure model' Other                       
7 5 'Structure model' 'Structure summary'         
# 
loop_
_pdbx_audit_revision_category.ordinal 
_pdbx_audit_revision_category.revision_ordinal 
_pdbx_audit_revision_category.data_content_type 
_pdbx_audit_revision_category.category 
1 4 'Structure model' chem_comp_atom            
2 4 'Structure model' chem_comp_bond            
3 4 'Structure model' database_2                
4 4 'Structure model' pdbx_database_status      
5 4 'Structure model' struct_conn               
6 4 'Structure model' struct_site               
7 5 'Structure model' pdbx_entry_details        
8 5 'Structure model' pdbx_modification_feature 
# 
loop_
_pdbx_audit_revision_item.ordinal 
_pdbx_audit_revision_item.revision_ordinal 
_pdbx_audit_revision_item.data_content_type 
_pdbx_audit_revision_item.item 
1 4 'Structure model' '_database_2.pdbx_DOI'                
2 4 'Structure model' '_database_2.pdbx_database_accession' 
3 4 'Structure model' '_pdbx_database_status.process_site'  
4 4 'Structure model' '_struct_conn.pdbx_leaving_atom_flag' 
5 4 'Structure model' '_struct_site.pdbx_auth_asym_id'      
6 4 'Structure model' '_struct_site.pdbx_auth_comp_id'      
7 4 'Structure model' '_struct_site.pdbx_auth_seq_id'       
# 
_pdbx_database_status.status_code                     REL 
_pdbx_database_status.entry_id                        1RSM 
_pdbx_database_status.recvd_initial_deposition_date   1985-08-27 
_pdbx_database_status.deposit_site                    ? 
_pdbx_database_status.process_site                    BNL 
_pdbx_database_status.status_code_sf                  REL 
_pdbx_database_status.status_code_mr                  ? 
_pdbx_database_status.SG_entry                        ? 
_pdbx_database_status.pdb_format_compatible           Y 
_pdbx_database_status.status_code_cs                  ? 
_pdbx_database_status.status_code_nmr_data            ? 
_pdbx_database_status.methods_development_category    ? 
# 
loop_
_audit_author.name 
_audit_author.pdbx_ordinal 
'Weber, P.C.'     1 
'Sheriff, S.'     2 
'Ohlendorf, D.H.' 3 
'Finzel, B.C.'    4 
'Salemme, F.R.'   5 
# 
loop_
_citation.id 
_citation.title 
_citation.journal_abbrev 
_citation.journal_volume 
_citation.page_first 
_citation.page_last 
_citation.year 
_citation.journal_id_ASTM 
_citation.country 
_citation.journal_id_ISSN 
_citation.journal_id_CSD 
_citation.book_publisher 
_citation.pdbx_database_id_PubMed 
_citation.pdbx_database_id_DOI 
primary 'The 2-A resolution structure of a thermostable ribonuclease A chemically cross-linked between lysine residues 7 and 41.' 
Proc.Natl.Acad.Sci.USA 82  8473 8477 1985 PNASA6 US 0027-8424 0040 ? 3936036 10.1073/pnas.82.24.8473 
1       'Preliminary Crystallographic Data for Cross-Linked (Lysine7-Lysine41)-Ribonuclease A' J.Mol.Biol.            181 453  ? 
1985 JMOBAK UK 0022-2836 0070 ? ?       ?                       
2       
;Influence of an Extrinsic Cross-Link on the Folding Pathway of Ribonuclease A. Conformational and Thermodynamic Analysis of Cross-Linked (Lysine7-Lysine41)-Ribonuclease A
;
Biochemistry           23  5504 ?    1984 BICHAW US 0006-2960 0033 ? ?       ?                       
3       'Structure of Ribonuclease A. Results of Joint Neutron and X-Ray Refinement at 2.0-Angstroms Resolutions' Biochemistry 22  
2720 ?    1983 BICHAW US 0006-2960 0033 ? ?       ?                       
# 
loop_
_citation_author.citation_id 
_citation_author.name 
_citation_author.ordinal 
_citation_author.identifier_ORCID 
primary 'Weber, P.C.'     1  ? 
primary 'Sheriff, S.'     2  ? 
primary 'Ohlendorf, D.H.' 3  ? 
primary 'Finzel, B.C.'    4  ? 
primary 'Salemme, F.R.'   5  ? 
1       'Weber, P.C.'     6  ? 
1       'Salemme, F.R.'   7  ? 
1       'Lin, S.H.'       8  ? 
1       'Konishi, Y.'     9  ? 
1       'Scheraga, H.A.'  10 ? 
2       'Lin, S.H.'       11 ? 
2       'Konishi, Y.'     12 ? 
2       'Denton, M.E.'    13 ? 
2       'Scheraga, H.A.'  14 ? 
3       'Wlodawer, A.'    15 ? 
3       'Sjolin, L.'      16 ? 
# 
loop_
_entity.id 
_entity.type 
_entity.src_method 
_entity.pdbx_description 
_entity.formula_weight 
_entity.pdbx_number_of_molecules 
_entity.pdbx_ec 
_entity.pdbx_mutation 
_entity.pdbx_fragment 
_entity.details 
1 polymer     man 'RIBONUCLEASE A' 13708.326 1  3.1.27.5 ? ? ? 
2 non-polymer syn DINITROPHENYLENE 168.107   1  ?        ? ? ? 
3 water       nat water            18.015    75 ?        ? ? ? 
# 
_entity_poly.entity_id                      1 
_entity_poly.type                           'polypeptide(L)' 
_entity_poly.nstd_linkage                   no 
_entity_poly.nstd_monomer                   no 
_entity_poly.pdbx_seq_one_letter_code       
;KETAAAKFERQHMDSSTSAASSSNYCNQMMKSRNLTKDRCKPVNTFVHESLADVQAVCSQKNVACKNGQTNCYQSYSTMS
ITDCRETGSSKYPNCAYKTTQANKHIIVACEGNPYVPVHFDASV
;
_entity_poly.pdbx_seq_one_letter_code_can   
;KETAAAKFERQHMDSSTSAASSSNYCNQMMKSRNLTKDRCKPVNTFVHESLADVQAVCSQKNVACKNGQTNCYQSYSTMS
ITDCRETGSSKYPNCAYKTTQANKHIIVACEGNPYVPVHFDASV
;
_entity_poly.pdbx_strand_id                 A 
_entity_poly.pdbx_target_identifier         ? 
# 
loop_
_pdbx_entity_nonpoly.entity_id 
_pdbx_entity_nonpoly.name 
_pdbx_entity_nonpoly.comp_id 
2 DINITROPHENYLENE NIN 
3 water            HOH 
# 
loop_
_entity_poly_seq.entity_id 
_entity_poly_seq.num 
_entity_poly_seq.mon_id 
_entity_poly_seq.hetero 
1 1   LYS n 
1 2   GLU n 
1 3   THR n 
1 4   ALA n 
1 5   ALA n 
1 6   ALA n 
1 7   LYS n 
1 8   PHE n 
1 9   GLU n 
1 10  ARG n 
1 11  GLN n 
1 12  HIS n 
1 13  MET n 
1 14  ASP n 
1 15  SER n 
1 16  SER n 
1 17  THR n 
1 18  SER n 
1 19  ALA n 
1 20  ALA n 
1 21  SER n 
1 22  SER n 
1 23  SER n 
1 24  ASN n 
1 25  TYR n 
1 26  CYS n 
1 27  ASN n 
1 28  GLN n 
1 29  MET n 
1 30  MET n 
1 31  LYS n 
1 32  SER n 
1 33  ARG n 
1 34  ASN n 
1 35  LEU n 
1 36  THR n 
1 37  LYS n 
1 38  ASP n 
1 39  ARG n 
1 40  CYS n 
1 41  LYS n 
1 42  PRO n 
1 43  VAL n 
1 44  ASN n 
1 45  THR n 
1 46  PHE n 
1 47  VAL n 
1 48  HIS n 
1 49  GLU n 
1 50  SER n 
1 51  LEU n 
1 52  ALA n 
1 53  ASP n 
1 54  VAL n 
1 55  GLN n 
1 56  ALA n 
1 57  VAL n 
1 58  CYS n 
1 59  SER n 
1 60  GLN n 
1 61  LYS n 
1 62  ASN n 
1 63  VAL n 
1 64  ALA n 
1 65  CYS n 
1 66  LYS n 
1 67  ASN n 
1 68  GLY n 
1 69  GLN n 
1 70  THR n 
1 71  ASN n 
1 72  CYS n 
1 73  TYR n 
1 74  GLN n 
1 75  SER n 
1 76  TYR n 
1 77  SER n 
1 78  THR n 
1 79  MET n 
1 80  SER n 
1 81  ILE n 
1 82  THR n 
1 83  ASP n 
1 84  CYS n 
1 85  ARG n 
1 86  GLU n 
1 87  THR n 
1 88  GLY n 
1 89  SER n 
1 90  SER n 
1 91  LYS n 
1 92  TYR n 
1 93  PRO n 
1 94  ASN n 
1 95  CYS n 
1 96  ALA n 
1 97  TYR n 
1 98  LYS n 
1 99  THR n 
1 100 THR n 
1 101 GLN n 
1 102 ALA n 
1 103 ASN n 
1 104 LYS n 
1 105 HIS n 
1 106 ILE n 
1 107 ILE n 
1 108 VAL n 
1 109 ALA n 
1 110 CYS n 
1 111 GLU n 
1 112 GLY n 
1 113 ASN n 
1 114 PRO n 
1 115 TYR n 
1 116 VAL n 
1 117 PRO n 
1 118 VAL n 
1 119 HIS n 
1 120 PHE n 
1 121 ASP n 
1 122 ALA n 
1 123 SER n 
1 124 VAL n 
# 
_entity_src_gen.entity_id                          1 
_entity_src_gen.pdbx_src_id                        1 
_entity_src_gen.pdbx_alt_source_flag               sample 
_entity_src_gen.pdbx_seq_type                      ? 
_entity_src_gen.pdbx_beg_seq_num                   ? 
_entity_src_gen.pdbx_end_seq_num                   ? 
_entity_src_gen.gene_src_common_name               cattle 
_entity_src_gen.gene_src_genus                     Bos 
_entity_src_gen.pdbx_gene_src_gene                 ? 
_entity_src_gen.gene_src_species                   ? 
_entity_src_gen.gene_src_strain                    ? 
_entity_src_gen.gene_src_tissue                    ? 
_entity_src_gen.gene_src_tissue_fraction           ? 
_entity_src_gen.gene_src_details                   ? 
_entity_src_gen.pdbx_gene_src_fragment             ? 
_entity_src_gen.pdbx_gene_src_scientific_name      'Bos taurus' 
_entity_src_gen.pdbx_gene_src_ncbi_taxonomy_id     9913 
_entity_src_gen.pdbx_gene_src_variant              ? 
_entity_src_gen.pdbx_gene_src_cell_line            S2 
_entity_src_gen.pdbx_gene_src_atcc                 ? 
_entity_src_gen.pdbx_gene_src_organ                PANCREAS 
_entity_src_gen.pdbx_gene_src_organelle            ? 
_entity_src_gen.pdbx_gene_src_cell                 ? 
_entity_src_gen.pdbx_gene_src_cellular_location    ? 
_entity_src_gen.host_org_common_name               ? 
_entity_src_gen.pdbx_host_org_scientific_name      ? 
_entity_src_gen.pdbx_host_org_ncbi_taxonomy_id     ? 
_entity_src_gen.host_org_genus                     ? 
_entity_src_gen.pdbx_host_org_gene                 ? 
_entity_src_gen.pdbx_host_org_organ                ? 
_entity_src_gen.host_org_species                   ? 
_entity_src_gen.pdbx_host_org_tissue               ? 
_entity_src_gen.pdbx_host_org_tissue_fraction      ? 
_entity_src_gen.pdbx_host_org_strain               ? 
_entity_src_gen.pdbx_host_org_variant              ? 
_entity_src_gen.pdbx_host_org_cell_line            ? 
_entity_src_gen.pdbx_host_org_atcc                 ? 
_entity_src_gen.pdbx_host_org_culture_collection   ? 
_entity_src_gen.pdbx_host_org_cell                 ? 
_entity_src_gen.pdbx_host_org_organelle            ? 
_entity_src_gen.pdbx_host_org_cellular_location    ? 
_entity_src_gen.pdbx_host_org_vector_type          ? 
_entity_src_gen.pdbx_host_org_vector               ? 
_entity_src_gen.host_org_details                   ? 
_entity_src_gen.expression_system_id               ? 
_entity_src_gen.plasmid_name                       ? 
_entity_src_gen.plasmid_details                    ? 
_entity_src_gen.pdbx_description                   ? 
# 
loop_
_chem_comp.id 
_chem_comp.type 
_chem_comp.mon_nstd_flag 
_chem_comp.name 
_chem_comp.pdbx_synonyms 
_chem_comp.formula 
_chem_comp.formula_weight 
ALA 'L-peptide linking' y ALANINE          ? 'C3 H7 N O2'     89.093  
ARG 'L-peptide linking' y ARGININE         ? 'C6 H15 N4 O2 1' 175.209 
ASN 'L-peptide linking' y ASPARAGINE       ? 'C4 H8 N2 O3'    132.118 
ASP 'L-peptide linking' y 'ASPARTIC ACID'  ? 'C4 H7 N O4'     133.103 
CYS 'L-peptide linking' y CYSTEINE         ? 'C3 H7 N O2 S'   121.158 
GLN 'L-peptide linking' y GLUTAMINE        ? 'C5 H10 N2 O3'   146.144 
GLU 'L-peptide linking' y 'GLUTAMIC ACID'  ? 'C5 H9 N O4'     147.129 
GLY 'peptide linking'   y GLYCINE          ? 'C2 H5 N O2'     75.067  
HIS 'L-peptide linking' y HISTIDINE        ? 'C6 H10 N3 O2 1' 156.162 
HOH non-polymer         . WATER            ? 'H2 O'           18.015  
ILE 'L-peptide linking' y ISOLEUCINE       ? 'C6 H13 N O2'    131.173 
LEU 'L-peptide linking' y LEUCINE          ? 'C6 H13 N O2'    131.173 
LYS 'L-peptide linking' y LYSINE           ? 'C6 H15 N2 O2 1' 147.195 
MET 'L-peptide linking' y METHIONINE       ? 'C5 H11 N O2 S'  149.211 
NIN non-polymer         . DINITROPHENYLENE ? 'C6 H4 N2 O4'    168.107 
PHE 'L-peptide linking' y PHENYLALANINE    ? 'C9 H11 N O2'    165.189 
PRO 'L-peptide linking' y PROLINE          ? 'C5 H9 N O2'     115.130 
SER 'L-peptide linking' y SERINE           ? 'C3 H7 N O3'     105.093 
THR 'L-peptide linking' y THREONINE        ? 'C4 H9 N O3'     119.119 
TYR 'L-peptide linking' y TYROSINE         ? 'C9 H11 N O3'    181.189 
VAL 'L-peptide linking' y VALINE           ? 'C5 H11 N O2'    117.146 
# 
loop_
_pdbx_poly_seq_scheme.asym_id 
_pdbx_poly_seq_scheme.entity_id 
_pdbx_poly_seq_scheme.seq_id 
_pdbx_poly_seq_scheme.mon_id 
_pdbx_poly_seq_scheme.ndb_seq_num 
_pdbx_poly_seq_scheme.pdb_seq_num 
_pdbx_poly_seq_scheme.auth_seq_num 
_pdbx_poly_seq_scheme.pdb_mon_id 
_pdbx_poly_seq_scheme.auth_mon_id 
_pdbx_poly_seq_scheme.pdb_strand_id 
_pdbx_poly_seq_scheme.pdb_ins_code 
_pdbx_poly_seq_scheme.hetero 
A 1 1   LYS 1   1   1   LYS LYS A . n 
A 1 2   GLU 2   2   2   GLU GLU A . n 
A 1 3   THR 3   3   3   THR THR A . n 
A 1 4   ALA 4   4   4   ALA ALA A . n 
A 1 5   ALA 5   5   5   ALA ALA A . n 
A 1 6   ALA 6   6   6   ALA ALA A . n 
A 1 7   LYS 7   7   7   LYS LYS A . n 
A 1 8   PHE 8   8   8   PHE PHE A . n 
A 1 9   GLU 9   9   9   GLU GLU A . n 
A 1 10  ARG 10  10  10  ARG ARG A . n 
A 1 11  GLN 11  11  11  GLN GLN A . n 
A 1 12  HIS 12  12  12  HIS HIS A . n 
A 1 13  MET 13  13  13  MET MET A . n 
A 1 14  ASP 14  14  14  ASP ASP A . n 
A 1 15  SER 15  15  15  SER SER A . n 
A 1 16  SER 16  16  16  SER SER A . n 
A 1 17  THR 17  17  17  THR THR A . n 
A 1 18  SER 18  18  18  SER SER A . n 
A 1 19  ALA 19  19  19  ALA ALA A . n 
A 1 20  ALA 20  20  20  ALA ALA A . n 
A 1 21  SER 21  21  21  SER SER A . n 
A 1 22  SER 22  22  22  SER SER A . n 
A 1 23  SER 23  23  23  SER SER A . n 
A 1 24  ASN 24  24  24  ASN ASN A . n 
A 1 25  TYR 25  25  25  TYR TYR A . n 
A 1 26  CYS 26  26  26  CYS CYS A . n 
A 1 27  ASN 27  27  27  ASN ASN A . n 
A 1 28  GLN 28  28  28  GLN GLN A . n 
A 1 29  MET 29  29  29  MET MET A . n 
A 1 30  MET 30  30  30  MET MET A . n 
A 1 31  LYS 31  31  31  LYS LYS A . n 
A 1 32  SER 32  32  32  SER SER A . n 
A 1 33  ARG 33  33  33  ARG ARG A . n 
A 1 34  ASN 34  34  34  ASN ASN A . n 
A 1 35  LEU 35  35  35  LEU LEU A . n 
A 1 36  THR 36  36  36  THR THR A . n 
A 1 37  LYS 37  37  37  LYS LYS A . n 
A 1 38  ASP 38  38  38  ASP ASP A . n 
A 1 39  ARG 39  39  39  ARG ARG A . n 
A 1 40  CYS 40  40  40  CYS CYS A . n 
A 1 41  LYS 41  41  41  LYS LYS A . n 
A 1 42  PRO 42  42  42  PRO PRO A . n 
A 1 43  VAL 43  43  43  VAL VAL A . n 
A 1 44  ASN 44  44  44  ASN ASN A . n 
A 1 45  THR 45  45  45  THR THR A . n 
A 1 46  PHE 46  46  46  PHE PHE A . n 
A 1 47  VAL 47  47  47  VAL VAL A . n 
A 1 48  HIS 48  48  48  HIS HIS A . n 
A 1 49  GLU 49  49  49  GLU GLU A . n 
A 1 50  SER 50  50  50  SER SER A . n 
A 1 51  LEU 51  51  51  LEU LEU A . n 
A 1 52  ALA 52  52  52  ALA ALA A . n 
A 1 53  ASP 53  53  53  ASP ASP A . n 
A 1 54  VAL 54  54  54  VAL VAL A . n 
A 1 55  GLN 55  55  55  GLN GLN A . n 
A 1 56  ALA 56  56  56  ALA ALA A . n 
A 1 57  VAL 57  57  57  VAL VAL A . n 
A 1 58  CYS 58  58  58  CYS CYS A . n 
A 1 59  SER 59  59  59  SER SER A . n 
A 1 60  GLN 60  60  60  GLN GLN A . n 
A 1 61  LYS 61  61  61  LYS LYS A . n 
A 1 62  ASN 62  62  62  ASN ASN A . n 
A 1 63  VAL 63  63  63  VAL VAL A . n 
A 1 64  ALA 64  64  64  ALA ALA A . n 
A 1 65  CYS 65  65  65  CYS CYS A . n 
A 1 66  LYS 66  66  66  LYS LYS A . n 
A 1 67  ASN 67  67  67  ASN ASN A . n 
A 1 68  GLY 68  68  68  GLY GLY A . n 
A 1 69  GLN 69  69  69  GLN GLN A . n 
A 1 70  THR 70  70  70  THR THR A . n 
A 1 71  ASN 71  71  71  ASN ASN A . n 
A 1 72  CYS 72  72  72  CYS CYS A . n 
A 1 73  TYR 73  73  73  TYR TYR A . n 
A 1 74  GLN 74  74  74  GLN GLN A . n 
A 1 75  SER 75  75  75  SER SER A . n 
A 1 76  TYR 76  76  76  TYR TYR A . n 
A 1 77  SER 77  77  77  SER SER A . n 
A 1 78  THR 78  78  78  THR THR A . n 
A 1 79  MET 79  79  79  MET MET A . n 
A 1 80  SER 80  80  80  SER SER A . n 
A 1 81  ILE 81  81  81  ILE ILE A . n 
A 1 82  THR 82  82  82  THR THR A . n 
A 1 83  ASP 83  83  83  ASP ASP A . n 
A 1 84  CYS 84  84  84  CYS CYS A . n 
A 1 85  ARG 85  85  85  ARG ARG A . n 
A 1 86  GLU 86  86  86  GLU GLU A . n 
A 1 87  THR 87  87  87  THR THR A . n 
A 1 88  GLY 88  88  88  GLY GLY A . n 
A 1 89  SER 89  89  89  SER SER A . n 
A 1 90  SER 90  90  90  SER SER A . n 
A 1 91  LYS 91  91  91  LYS LYS A . n 
A 1 92  TYR 92  92  92  TYR TYR A . n 
A 1 93  PRO 93  93  93  PRO PRO A . n 
A 1 94  ASN 94  94  94  ASN ASN A . n 
A 1 95  CYS 95  95  95  CYS CYS A . n 
A 1 96  ALA 96  96  96  ALA ALA A . n 
A 1 97  TYR 97  97  97  TYR TYR A . n 
A 1 98  LYS 98  98  98  LYS LYS A . n 
A 1 99  THR 99  99  99  THR THR A . n 
A 1 100 THR 100 100 100 THR THR A . n 
A 1 101 GLN 101 101 101 GLN GLN A . n 
A 1 102 ALA 102 102 102 ALA ALA A . n 
A 1 103 ASN 103 103 103 ASN ASN A . n 
A 1 104 LYS 104 104 104 LYS LYS A . n 
A 1 105 HIS 105 105 105 HIS HIS A . n 
A 1 106 ILE 106 106 106 ILE ILE A . n 
A 1 107 ILE 107 107 107 ILE ILE A . n 
A 1 108 VAL 108 108 108 VAL VAL A . n 
A 1 109 ALA 109 109 109 ALA ALA A . n 
A 1 110 CYS 110 110 110 CYS CYS A . n 
A 1 111 GLU 111 111 111 GLU GLU A . n 
A 1 112 GLY 112 112 112 GLY GLY A . n 
A 1 113 ASN 113 113 113 ASN ASN A . n 
A 1 114 PRO 114 114 114 PRO PRO A . n 
A 1 115 TYR 115 115 115 TYR TYR A . n 
A 1 116 VAL 116 116 116 VAL VAL A . n 
A 1 117 PRO 117 117 117 PRO PRO A . n 
A 1 118 VAL 118 118 118 VAL VAL A . n 
A 1 119 HIS 119 119 119 HIS HIS A . n 
A 1 120 PHE 120 120 120 PHE PHE A . n 
A 1 121 ASP 121 121 121 ASP ASP A . n 
A 1 122 ALA 122 122 122 ALA ALA A . n 
A 1 123 SER 123 123 123 SER SER A . n 
A 1 124 VAL 124 124 124 VAL VAL A . n 
# 
loop_
_pdbx_nonpoly_scheme.asym_id 
_pdbx_nonpoly_scheme.entity_id 
_pdbx_nonpoly_scheme.mon_id 
_pdbx_nonpoly_scheme.ndb_seq_num 
_pdbx_nonpoly_scheme.pdb_seq_num 
_pdbx_nonpoly_scheme.auth_seq_num 
_pdbx_nonpoly_scheme.pdb_mon_id 
_pdbx_nonpoly_scheme.auth_mon_id 
_pdbx_nonpoly_scheme.pdb_strand_id 
_pdbx_nonpoly_scheme.pdb_ins_code 
B 2 NIN 1  125 1  NIN DNP A . 
C 3 HOH 1  126 2  HOH HOH A . 
C 3 HOH 2  127 3  HOH HOH A . 
C 3 HOH 3  128 4  HOH HOH A . 
C 3 HOH 4  129 5  HOH HOH A . 
C 3 HOH 5  130 6  HOH HOH A . 
C 3 HOH 6  131 7  HOH HOH A . 
C 3 HOH 7  132 8  HOH HOH A . 
C 3 HOH 8  133 9  HOH HOH A . 
C 3 HOH 9  134 10 HOH HOH A . 
C 3 HOH 10 135 11 HOH HOH A . 
C 3 HOH 11 136 12 HOH HOH A . 
C 3 HOH 12 137 13 HOH HOH A . 
C 3 HOH 13 138 14 HOH HOH A . 
C 3 HOH 14 139 15 HOH HOH A . 
C 3 HOH 15 140 16 HOH HOH A . 
C 3 HOH 16 141 17 HOH HOH A . 
C 3 HOH 17 142 18 HOH HOH A . 
C 3 HOH 18 143 19 HOH HOH A . 
C 3 HOH 19 144 20 HOH HOH A . 
C 3 HOH 20 145 21 HOH HOH A . 
C 3 HOH 21 146 22 HOH HOH A . 
C 3 HOH 22 147 23 HOH HOH A . 
C 3 HOH 23 148 24 HOH HOH A . 
C 3 HOH 24 149 25 HOH HOH A . 
C 3 HOH 25 150 26 HOH HOH A . 
C 3 HOH 26 151 27 HOH HOH A . 
C 3 HOH 27 152 28 HOH HOH A . 
C 3 HOH 28 153 29 HOH HOH A . 
C 3 HOH 29 154 30 HOH HOH A . 
C 3 HOH 30 155 31 HOH HOH A . 
C 3 HOH 31 156 32 HOH HOH A . 
C 3 HOH 32 157 33 HOH HOH A . 
C 3 HOH 33 158 34 HOH HOH A . 
C 3 HOH 34 159 35 HOH HOH A . 
C 3 HOH 35 160 36 HOH HOH A . 
C 3 HOH 36 161 37 HOH HOH A . 
C 3 HOH 37 162 38 HOH HOH A . 
C 3 HOH 38 163 39 HOH HOH A . 
C 3 HOH 39 164 40 HOH HOH A . 
C 3 HOH 40 165 41 HOH HOH A . 
C 3 HOH 41 166 42 HOH HOH A . 
C 3 HOH 42 167 43 HOH HOH A . 
C 3 HOH 43 168 44 HOH HOH A . 
C 3 HOH 44 169 45 HOH HOH A . 
C 3 HOH 45 170 46 HOH HOH A . 
C 3 HOH 46 171 47 HOH HOH A . 
C 3 HOH 47 172 48 HOH HOH A . 
C 3 HOH 48 173 49 HOH HOH A . 
C 3 HOH 49 174 50 HOH HOH A . 
C 3 HOH 50 175 51 HOH HOH A . 
C 3 HOH 51 176 52 HOH HOH A . 
C 3 HOH 52 177 53 HOH HOH A . 
C 3 HOH 53 178 54 HOH HOH A . 
C 3 HOH 54 179 55 HOH HOH A . 
C 3 HOH 55 180 56 HOH HOH A . 
C 3 HOH 56 181 57 HOH HOH A . 
C 3 HOH 57 182 58 HOH HOH A . 
C 3 HOH 58 183 59 HOH HOH A . 
C 3 HOH 59 184 60 HOH HOH A . 
C 3 HOH 60 185 61 HOH HOH A . 
C 3 HOH 61 186 62 HOH HOH A . 
C 3 HOH 62 187 63 HOH HOH A . 
C 3 HOH 63 188 64 HOH HOH A . 
C 3 HOH 64 189 65 HOH HOH A . 
C 3 HOH 65 190 66 HOH HOH A . 
C 3 HOH 66 191 67 HOH HOH A . 
C 3 HOH 67 192 68 HOH HOH A . 
C 3 HOH 68 193 69 HOH HOH A . 
C 3 HOH 69 194 70 HOH HOH A . 
C 3 HOH 70 195 71 HOH HOH A . 
C 3 HOH 71 196 72 HOH HOH A . 
C 3 HOH 72 197 73 HOH HOH A . 
C 3 HOH 73 198 74 HOH HOH A . 
C 3 HOH 74 199 75 HOH HOH A . 
C 3 HOH 75 200 76 HOH HOH A . 
# 
_software.name             PROLSQ 
_software.classification   refinement 
_software.version          . 
_software.citation_id      ? 
_software.pdbx_ordinal     1 
# 
_cell.entry_id           1RSM 
_cell.length_a           37.050 
_cell.length_b           41.260 
_cell.length_c           75.640 
_cell.angle_alpha        90.00 
_cell.angle_beta         90.00 
_cell.angle_gamma        90.00 
_cell.Z_PDB              4 
_cell.pdbx_unique_axis   ? 
# 
_symmetry.entry_id                         1RSM 
_symmetry.space_group_name_H-M             'P 21 21 21' 
_symmetry.pdbx_full_space_group_name_H-M   ? 
_symmetry.cell_setting                     ? 
_symmetry.Int_Tables_number                19 
# 
_exptl.entry_id          1RSM 
_exptl.method            'X-RAY DIFFRACTION' 
_exptl.crystals_number   ? 
# 
_exptl_crystal.id                    1 
_exptl_crystal.density_meas          ? 
_exptl_crystal.density_Matthews      2.11 
_exptl_crystal.density_percent_sol   41.65 
_exptl_crystal.description           ? 
# 
_diffrn.id                     1 
_diffrn.ambient_temp           ? 
_diffrn.ambient_temp_details   ? 
_diffrn.crystal_id             1 
# 
_diffrn_radiation.diffrn_id                        1 
_diffrn_radiation.wavelength_id                    1 
_diffrn_radiation.pdbx_monochromatic_or_laue_m_l   ? 
_diffrn_radiation.monochromator                    ? 
_diffrn_radiation.pdbx_diffrn_protocol             ? 
_diffrn_radiation.pdbx_scattering_type             x-ray 
# 
_diffrn_radiation_wavelength.id           1 
_diffrn_radiation_wavelength.wavelength   . 
_diffrn_radiation_wavelength.wt           1.0 
# 
_refine.entry_id                                 1RSM 
_refine.ls_number_reflns_obs                     7853 
_refine.ls_number_reflns_all                     ? 
_refine.pdbx_ls_sigma_I                          1.0 
_refine.pdbx_ls_sigma_F                          ? 
_refine.pdbx_data_cutoff_high_absF               ? 
_refine.pdbx_data_cutoff_low_absF                ? 
_refine.pdbx_data_cutoff_high_rms_absF           ? 
_refine.ls_d_res_low                             ? 
_refine.ls_d_res_high                            2.0 
_refine.ls_percent_reflns_obs                    ? 
_refine.ls_R_factor_obs                          ? 
_refine.ls_R_factor_all                          ? 
_refine.ls_R_factor_R_work                       0.184 
_refine.ls_R_factor_R_free                       ? 
_refine.ls_R_factor_R_free_error                 ? 
_refine.ls_R_factor_R_free_error_details         ? 
_refine.ls_percent_reflns_R_free                 ? 
_refine.ls_number_reflns_R_free                  ? 
_refine.ls_number_parameters                     ? 
_refine.ls_number_restraints                     ? 
_refine.occupancy_min                            ? 
_refine.occupancy_max                            ? 
_refine.B_iso_mean                               ? 
_refine.aniso_B[1][1]                            ? 
_refine.aniso_B[2][2]                            ? 
_refine.aniso_B[3][3]                            ? 
_refine.aniso_B[1][2]                            ? 
_refine.aniso_B[1][3]                            ? 
_refine.aniso_B[2][3]                            ? 
_refine.solvent_model_details                    ? 
_refine.solvent_model_param_ksol                 ? 
_refine.solvent_model_param_bsol                 ? 
_refine.pdbx_ls_cross_valid_method               ? 
_refine.details                                  ? 
_refine.pdbx_starting_model                      ? 
_refine.pdbx_method_to_determine_struct          ? 
_refine.pdbx_isotropic_thermal_model             ? 
_refine.pdbx_stereochemistry_target_values       ? 
_refine.pdbx_stereochem_target_val_spec_case     ? 
_refine.pdbx_R_Free_selection_details            ? 
_refine.pdbx_overall_ESU_R                       ? 
_refine.pdbx_overall_ESU_R_Free                  ? 
_refine.overall_SU_ML                            ? 
_refine.overall_SU_B                             ? 
_refine.pdbx_refine_id                           'X-RAY DIFFRACTION' 
_refine.pdbx_diffrn_id                           1 
_refine.pdbx_TLS_residual_ADP_flag               ? 
_refine.correlation_coeff_Fo_to_Fc               ? 
_refine.correlation_coeff_Fo_to_Fc_free          ? 
_refine.pdbx_solvent_vdw_probe_radii             ? 
_refine.pdbx_solvent_ion_probe_radii             ? 
_refine.pdbx_solvent_shrinkage_radii             ? 
_refine.pdbx_overall_phase_error                 ? 
_refine.overall_SU_R_Cruickshank_DPI             ? 
_refine.pdbx_overall_SU_R_free_Cruickshank_DPI   ? 
_refine.pdbx_overall_SU_R_Blow_DPI               ? 
_refine.pdbx_overall_SU_R_free_Blow_DPI          ? 
# 
_refine_hist.pdbx_refine_id                   'X-RAY DIFFRACTION' 
_refine_hist.cycle_id                         LAST 
_refine_hist.pdbx_number_atoms_protein        951 
_refine_hist.pdbx_number_atoms_nucleic_acid   0 
_refine_hist.pdbx_number_atoms_ligand         12 
_refine_hist.number_atoms_solvent             75 
_refine_hist.number_atoms_total               1038 
_refine_hist.d_res_high                       2.0 
_refine_hist.d_res_low                        . 
# 
loop_
_refine_ls_restr.type 
_refine_ls_restr.dev_ideal 
_refine_ls_restr.dev_ideal_target 
_refine_ls_restr.weight 
_refine_ls_restr.number 
_refine_ls_restr.pdbx_refine_id 
_refine_ls_restr.pdbx_restraint_function 
o_bond_d                0.024 ? ? ? 'X-RAY DIFFRACTION' ? 
o_bond_d_na             ?     ? ? ? 'X-RAY DIFFRACTION' ? 
o_bond_d_prot           ?     ? ? ? 'X-RAY DIFFRACTION' ? 
o_angle_d               ?     ? ? ? 'X-RAY DIFFRACTION' ? 
o_angle_d_na            ?     ? ? ? 'X-RAY DIFFRACTION' ? 
o_angle_d_prot          ?     ? ? ? 'X-RAY DIFFRACTION' ? 
o_angle_deg             ?     ? ? ? 'X-RAY DIFFRACTION' ? 
o_angle_deg_na          ?     ? ? ? 'X-RAY DIFFRACTION' ? 
o_angle_deg_prot        ?     ? ? ? 'X-RAY DIFFRACTION' ? 
o_dihedral_angle_d      ?     ? ? ? 'X-RAY DIFFRACTION' ? 
o_dihedral_angle_d_na   ?     ? ? ? 'X-RAY DIFFRACTION' ? 
o_dihedral_angle_d_prot ?     ? ? ? 'X-RAY DIFFRACTION' ? 
o_improper_angle_d      ?     ? ? ? 'X-RAY DIFFRACTION' ? 
o_improper_angle_d_na   ?     ? ? ? 'X-RAY DIFFRACTION' ? 
o_improper_angle_d_prot ?     ? ? ? 'X-RAY DIFFRACTION' ? 
o_mcbond_it             ?     ? ? ? 'X-RAY DIFFRACTION' ? 
o_mcangle_it            ?     ? ? ? 'X-RAY DIFFRACTION' ? 
o_scbond_it             ?     ? ? ? 'X-RAY DIFFRACTION' ? 
o_scangle_it            ?     ? ? ? 'X-RAY DIFFRACTION' ? 
# 
_struct.entry_id                  1RSM 
_struct.title                     
'THE 2-ANGSTROMS RESOLUTION STRUCTURE OF A THERMOSTABLE RIBONUCLEASE A CHEMICALLY CROSS-LINKED BETWEEN LYSINE RESIDUES 7 AND 41' 
_struct.pdbx_model_details        ? 
_struct.pdbx_CASP_flag            ? 
_struct.pdbx_model_type_details   ? 
# 
_struct_keywords.entry_id        1RSM 
_struct_keywords.pdbx_keywords   'HYDROLASE (NUCLEIC ACID,RNA)' 
_struct_keywords.text            'HYDROLASE (NUCLEIC ACID, RNA)' 
# 
loop_
_struct_asym.id 
_struct_asym.pdbx_blank_PDB_chainid_flag 
_struct_asym.pdbx_modified 
_struct_asym.entity_id 
_struct_asym.details 
A N N 1 ? 
B N N 2 ? 
C N N 3 ? 
# 
_struct_ref.id                         1 
_struct_ref.db_name                    UNP 
_struct_ref.db_code                    RNAS1_BOVIN 
_struct_ref.entity_id                  1 
_struct_ref.pdbx_db_accession          P61823 
_struct_ref.pdbx_align_begin           1 
_struct_ref.pdbx_seq_one_letter_code   
;MALKSLVLLSLLVLVLLLVRVQPSLGKETAAAKFERQHMDSSTSAASSSNYCNQMMKSRNLTKDRCKPVNTFVHESLADV
QAVCSQKNVACKNGQTNCYQSYSTMSITDCRETGSSKYPNCAYKTTQANKHIIVACEGNPYVPVHFDASV
;
_struct_ref.pdbx_db_isoform            ? 
# 
_struct_ref_seq.align_id                      1 
_struct_ref_seq.ref_id                        1 
_struct_ref_seq.pdbx_PDB_id_code              1RSM 
_struct_ref_seq.pdbx_strand_id                A 
_struct_ref_seq.seq_align_beg                 1 
_struct_ref_seq.pdbx_seq_align_beg_ins_code   ? 
_struct_ref_seq.seq_align_end                 124 
_struct_ref_seq.pdbx_seq_align_end_ins_code   ? 
_struct_ref_seq.pdbx_db_accession             P61823 
_struct_ref_seq.db_align_beg                  27 
_struct_ref_seq.pdbx_db_align_beg_ins_code    ? 
_struct_ref_seq.db_align_end                  150 
_struct_ref_seq.pdbx_db_align_end_ins_code    ? 
_struct_ref_seq.pdbx_auth_seq_align_beg       1 
_struct_ref_seq.pdbx_auth_seq_align_end       124 
# 
_pdbx_struct_assembly.id                   1 
_pdbx_struct_assembly.details              author_defined_assembly 
_pdbx_struct_assembly.method_details       ? 
_pdbx_struct_assembly.oligomeric_details   monomeric 
_pdbx_struct_assembly.oligomeric_count     1 
# 
_pdbx_struct_assembly_gen.assembly_id       1 
_pdbx_struct_assembly_gen.oper_expression   1 
_pdbx_struct_assembly_gen.asym_id_list      A,B,C 
# 
_pdbx_struct_oper_list.id                   1 
_pdbx_struct_oper_list.type                 'identity operation' 
_pdbx_struct_oper_list.name                 1_555 
_pdbx_struct_oper_list.symmetry_operation   x,y,z 
_pdbx_struct_oper_list.matrix[1][1]         1.0000000000 
_pdbx_struct_oper_list.matrix[1][2]         0.0000000000 
_pdbx_struct_oper_list.matrix[1][3]         0.0000000000 
_pdbx_struct_oper_list.vector[1]            0.0000000000 
_pdbx_struct_oper_list.matrix[2][1]         0.0000000000 
_pdbx_struct_oper_list.matrix[2][2]         1.0000000000 
_pdbx_struct_oper_list.matrix[2][3]         0.0000000000 
_pdbx_struct_oper_list.vector[2]            0.0000000000 
_pdbx_struct_oper_list.matrix[3][1]         0.0000000000 
_pdbx_struct_oper_list.matrix[3][2]         0.0000000000 
_pdbx_struct_oper_list.matrix[3][3]         1.0000000000 
_pdbx_struct_oper_list.vector[3]            0.0000000000 
# 
_struct_biol.id   1 
# 
loop_
_struct_conf.conf_type_id 
_struct_conf.id 
_struct_conf.pdbx_PDB_helix_id 
_struct_conf.beg_label_comp_id 
_struct_conf.beg_label_asym_id 
_struct_conf.beg_label_seq_id 
_struct_conf.pdbx_beg_PDB_ins_code 
_struct_conf.end_label_comp_id 
_struct_conf.end_label_asym_id 
_struct_conf.end_label_seq_id 
_struct_conf.pdbx_end_PDB_ins_code 
_struct_conf.beg_auth_comp_id 
_struct_conf.beg_auth_asym_id 
_struct_conf.beg_auth_seq_id 
_struct_conf.end_auth_comp_id 
_struct_conf.end_auth_asym_id 
_struct_conf.end_auth_seq_id 
_struct_conf.pdbx_PDB_helix_class 
_struct_conf.details 
_struct_conf.pdbx_PDB_helix_length 
HELX_P HELX_P1 H1 THR A 3  ? MET A 13 ? THR A 3  MET A 13 1 ?                               11 
HELX_P HELX_P2 H2 ASN A 24 ? ASN A 34 ? ASN A 24 ASN A 34 1 'RESIDUE 34 IN 3/10 CONFIG'     11 
HELX_P HELX_P3 H3 SER A 50 ? GLN A 60 ? SER A 50 GLN A 60 1 'RESIDUES 56-60 IN 3/10 CONFIG' 11 
# 
_struct_conf_type.id          HELX_P 
_struct_conf_type.criteria    ? 
_struct_conf_type.reference   ? 
# 
loop_
_struct_conn.id 
_struct_conn.conn_type_id 
_struct_conn.pdbx_leaving_atom_flag 
_struct_conn.pdbx_PDB_id 
_struct_conn.ptnr1_label_asym_id 
_struct_conn.ptnr1_label_comp_id 
_struct_conn.ptnr1_label_seq_id 
_struct_conn.ptnr1_label_atom_id 
_struct_conn.pdbx_ptnr1_label_alt_id 
_struct_conn.pdbx_ptnr1_PDB_ins_code 
_struct_conn.pdbx_ptnr1_standard_comp_id 
_struct_conn.ptnr1_symmetry 
_struct_conn.ptnr2_label_asym_id 
_struct_conn.ptnr2_label_comp_id 
_struct_conn.ptnr2_label_seq_id 
_struct_conn.ptnr2_label_atom_id 
_struct_conn.pdbx_ptnr2_label_alt_id 
_struct_conn.pdbx_ptnr2_PDB_ins_code 
_struct_conn.ptnr1_auth_asym_id 
_struct_conn.ptnr1_auth_comp_id 
_struct_conn.ptnr1_auth_seq_id 
_struct_conn.ptnr2_auth_asym_id 
_struct_conn.ptnr2_auth_comp_id 
_struct_conn.ptnr2_auth_seq_id 
_struct_conn.ptnr2_symmetry 
_struct_conn.pdbx_ptnr3_label_atom_id 
_struct_conn.pdbx_ptnr3_label_seq_id 
_struct_conn.pdbx_ptnr3_label_comp_id 
_struct_conn.pdbx_ptnr3_label_asym_id 
_struct_conn.pdbx_ptnr3_label_alt_id 
_struct_conn.pdbx_ptnr3_PDB_ins_code 
_struct_conn.details 
_struct_conn.pdbx_dist_value 
_struct_conn.pdbx_value_order 
_struct_conn.pdbx_role 
disulf1 disulf ?    ? A CYS 26 SG ? ? ? 1_555 A CYS 84  SG ? ? A CYS 26 A CYS 84  1_555 ? ? ? ? ? ? ? 2.014 ? ? 
disulf2 disulf ?    ? A CYS 40 SG ? ? ? 1_555 A CYS 95  SG ? ? A CYS 40 A CYS 95  1_555 ? ? ? ? ? ? ? 2.000 ? ? 
disulf3 disulf ?    ? A CYS 58 SG ? ? ? 1_555 A CYS 110 SG ? ? A CYS 58 A CYS 110 1_555 ? ? ? ? ? ? ? 1.973 ? ? 
disulf4 disulf ?    ? A CYS 65 SG ? ? ? 1_555 A CYS 72  SG ? ? A CYS 65 A CYS 72  1_555 ? ? ? ? ? ? ? 2.002 ? ? 
covale1 covale none ? A LYS 7  NZ ? ? ? 1_555 B NIN .   C1 ? ? A LYS 7  A NIN 125 1_555 ? ? ? ? ? ? ? 1.448 ? ? 
covale2 covale none ? A LYS 41 NZ ? ? ? 1_555 B NIN .   C5 ? ? A LYS 41 A NIN 125 1_555 ? ? ? ? ? ? ? 1.473 ? ? 
# 
loop_
_struct_conn_type.id 
_struct_conn_type.criteria 
_struct_conn_type.reference 
disulf ? ? 
covale ? ? 
# 
loop_
_pdbx_modification_feature.ordinal 
_pdbx_modification_feature.label_comp_id 
_pdbx_modification_feature.label_asym_id 
_pdbx_modification_feature.label_seq_id 
_pdbx_modification_feature.label_alt_id 
_pdbx_modification_feature.modified_residue_label_comp_id 
_pdbx_modification_feature.modified_residue_label_asym_id 
_pdbx_modification_feature.modified_residue_label_seq_id 
_pdbx_modification_feature.modified_residue_label_alt_id 
_pdbx_modification_feature.auth_comp_id 
_pdbx_modification_feature.auth_asym_id 
_pdbx_modification_feature.auth_seq_id 
_pdbx_modification_feature.PDB_ins_code 
_pdbx_modification_feature.symmetry 
_pdbx_modification_feature.modified_residue_auth_comp_id 
_pdbx_modification_feature.modified_residue_auth_asym_id 
_pdbx_modification_feature.modified_residue_auth_seq_id 
_pdbx_modification_feature.modified_residue_PDB_ins_code 
_pdbx_modification_feature.modified_residue_symmetry 
_pdbx_modification_feature.comp_id_linking_atom 
_pdbx_modification_feature.modified_residue_id_linking_atom 
_pdbx_modification_feature.modified_residue_id 
_pdbx_modification_feature.ref_pcm_id 
_pdbx_modification_feature.ref_comp_id 
_pdbx_modification_feature.type 
_pdbx_modification_feature.category 
1 NIN B .  ? LYS A 7   ? NIN A 125 ? 1_555 LYS A 7   ? 1_555 C1 NZ LYS 1 NIN None Crosslinker        
2 NIN B .  ? LYS A 41  ? NIN A 125 ? 1_555 LYS A 41  ? 1_555 C5 NZ LYS 2 NIN None Crosslinker        
3 CYS A 26 ? CYS A 84  ? CYS A 26  ? 1_555 CYS A 84  ? 1_555 SG SG .   . .   None 'Disulfide bridge' 
4 CYS A 40 ? CYS A 95  ? CYS A 40  ? 1_555 CYS A 95  ? 1_555 SG SG .   . .   None 'Disulfide bridge' 
5 CYS A 58 ? CYS A 110 ? CYS A 58  ? 1_555 CYS A 110 ? 1_555 SG SG .   . .   None 'Disulfide bridge' 
6 CYS A 65 ? CYS A 72  ? CYS A 65  ? 1_555 CYS A 72  ? 1_555 SG SG .   . .   None 'Disulfide bridge' 
# 
loop_
_struct_mon_prot_cis.pdbx_id 
_struct_mon_prot_cis.label_comp_id 
_struct_mon_prot_cis.label_seq_id 
_struct_mon_prot_cis.label_asym_id 
_struct_mon_prot_cis.label_alt_id 
_struct_mon_prot_cis.pdbx_PDB_ins_code 
_struct_mon_prot_cis.auth_comp_id 
_struct_mon_prot_cis.auth_seq_id 
_struct_mon_prot_cis.auth_asym_id 
_struct_mon_prot_cis.pdbx_label_comp_id_2 
_struct_mon_prot_cis.pdbx_label_seq_id_2 
_struct_mon_prot_cis.pdbx_label_asym_id_2 
_struct_mon_prot_cis.pdbx_PDB_ins_code_2 
_struct_mon_prot_cis.pdbx_auth_comp_id_2 
_struct_mon_prot_cis.pdbx_auth_seq_id_2 
_struct_mon_prot_cis.pdbx_auth_asym_id_2 
_struct_mon_prot_cis.pdbx_PDB_model_num 
_struct_mon_prot_cis.pdbx_omega_angle 
1 TYR 92  A . ? TYR 92  A PRO 93  A ? PRO 93  A 1 -2.75 
2 ASN 113 A . ? ASN 113 A PRO 114 A ? PRO 114 A 1 2.92  
# 
loop_
_struct_sheet.id 
_struct_sheet.type 
_struct_sheet.number_strands 
_struct_sheet.details 
S1A ? 3 ? 
S1B ? 3 ? 
S2A ? 4 ? 
S2B ? 4 ? 
# 
loop_
_struct_sheet_order.sheet_id 
_struct_sheet_order.range_id_1 
_struct_sheet_order.range_id_2 
_struct_sheet_order.offset 
_struct_sheet_order.sense 
S1A 1 2 ? anti-parallel 
S1A 2 3 ? anti-parallel 
S1B 1 2 ? anti-parallel 
S1B 2 3 ? anti-parallel 
S2A 1 2 ? anti-parallel 
S2A 2 3 ? anti-parallel 
S2A 3 4 ? anti-parallel 
S2B 1 2 ? anti-parallel 
S2B 2 3 ? anti-parallel 
S2B 3 4 ? anti-parallel 
# 
loop_
_struct_sheet_range.sheet_id 
_struct_sheet_range.id 
_struct_sheet_range.beg_label_comp_id 
_struct_sheet_range.beg_label_asym_id 
_struct_sheet_range.beg_label_seq_id 
_struct_sheet_range.pdbx_beg_PDB_ins_code 
_struct_sheet_range.end_label_comp_id 
_struct_sheet_range.end_label_asym_id 
_struct_sheet_range.end_label_seq_id 
_struct_sheet_range.pdbx_end_PDB_ins_code 
_struct_sheet_range.beg_auth_comp_id 
_struct_sheet_range.beg_auth_asym_id 
_struct_sheet_range.beg_auth_seq_id 
_struct_sheet_range.end_auth_comp_id 
_struct_sheet_range.end_auth_asym_id 
_struct_sheet_range.end_auth_seq_id 
S1A 1 LYS A 41  ? HIS A 48  ? LYS A 41  HIS A 48  
S1A 2 MET A 79  ? THR A 87  ? MET A 79  THR A 87  
S1A 3 ASN A 94  ? LYS A 104 ? ASN A 94  LYS A 104 
S1B 1 LYS A 41  ? HIS A 48  ? LYS A 41  HIS A 48  
S1B 2 SER A 90  ? LYS A 91  ? SER A 90  LYS A 91  
S1B 3 ASN A 94  ? LYS A 104 ? ASN A 94  LYS A 104 
S2A 1 LYS A 61  ? ALA A 64  ? LYS A 61  ALA A 64  
S2A 2 ASN A 71  ? SER A 75  ? ASN A 71  SER A 75  
S2A 3 HIS A 105 ? ASN A 113 ? HIS A 105 ASN A 113 
S2A 4 PRO A 114 ? HIS A 119 ? PRO A 114 HIS A 119 
S2B 1 LYS A 61  ? ALA A 64  ? LYS A 61  ALA A 64  
S2B 2 ASN A 71  ? SER A 75  ? ASN A 71  SER A 75  
S2B 3 HIS A 105 ? ASN A 113 ? HIS A 105 ASN A 113 
S2B 4 ASP A 121 ? VAL A 124 ? ASP A 121 VAL A 124 
# 
loop_
_pdbx_struct_sheet_hbond.sheet_id 
_pdbx_struct_sheet_hbond.range_id_1 
_pdbx_struct_sheet_hbond.range_id_2 
_pdbx_struct_sheet_hbond.range_1_label_atom_id 
_pdbx_struct_sheet_hbond.range_1_label_comp_id 
_pdbx_struct_sheet_hbond.range_1_label_asym_id 
_pdbx_struct_sheet_hbond.range_1_label_seq_id 
_pdbx_struct_sheet_hbond.range_1_PDB_ins_code 
_pdbx_struct_sheet_hbond.range_1_auth_atom_id 
_pdbx_struct_sheet_hbond.range_1_auth_comp_id 
_pdbx_struct_sheet_hbond.range_1_auth_asym_id 
_pdbx_struct_sheet_hbond.range_1_auth_seq_id 
_pdbx_struct_sheet_hbond.range_2_label_atom_id 
_pdbx_struct_sheet_hbond.range_2_label_comp_id 
_pdbx_struct_sheet_hbond.range_2_label_asym_id 
_pdbx_struct_sheet_hbond.range_2_label_seq_id 
_pdbx_struct_sheet_hbond.range_2_PDB_ins_code 
_pdbx_struct_sheet_hbond.range_2_auth_atom_id 
_pdbx_struct_sheet_hbond.range_2_auth_comp_id 
_pdbx_struct_sheet_hbond.range_2_auth_asym_id 
_pdbx_struct_sheet_hbond.range_2_auth_seq_id 
S1A 1 2 O PRO A 42  ? O PRO A 42  N GLU A 86  ? N GLU A 86  
S1A 2 3 N MET A 79  ? N MET A 79  O LYS A 104 ? O LYS A 104 
S1B 2 3 N LYS A 91  ? N LYS A 91  O ASN A 94  ? O ASN A 94  
S2A 1 2 N VAL A 63  ? N VAL A 63  O CYS A 72  ? O CYS A 72  
S2A 2 3 N TYR A 73  ? N TYR A 73  O VAL A 108 ? O VAL A 108 
S2A 3 4 N GLU A 111 ? N GLU A 111 O VAL A 116 ? O VAL A 116 
S2B 1 2 N VAL A 63  ? N VAL A 63  O CYS A 72  ? O CYS A 72  
S2B 2 3 N TYR A 73  ? N TYR A 73  O VAL A 108 ? O VAL A 108 
S2B 3 4 O HIS A 105 ? O HIS A 105 N VAL A 124 ? N VAL A 124 
# 
_struct_site.id                   AC1 
_struct_site.pdbx_evidence_code   Software 
_struct_site.pdbx_auth_asym_id    A 
_struct_site.pdbx_auth_comp_id    NIN 
_struct_site.pdbx_auth_seq_id     125 
_struct_site.pdbx_auth_ins_code   ? 
_struct_site.pdbx_num_residues    6 
_struct_site.details              'BINDING SITE FOR RESIDUE NIN A 125' 
# 
loop_
_struct_site_gen.id 
_struct_site_gen.site_id 
_struct_site_gen.pdbx_num_res 
_struct_site_gen.label_comp_id 
_struct_site_gen.label_asym_id 
_struct_site_gen.label_seq_id 
_struct_site_gen.pdbx_auth_ins_code 
_struct_site_gen.auth_comp_id 
_struct_site_gen.auth_asym_id 
_struct_site_gen.auth_seq_id 
_struct_site_gen.label_atom_id 
_struct_site_gen.label_alt_id 
_struct_site_gen.symmetry 
_struct_site_gen.details 
1 AC1 6 LYS A 7  ? LYS A 7  . ? 1_555 ? 
2 AC1 6 ARG A 39 ? ARG A 39 . ? 1_555 ? 
3 AC1 6 LYS A 41 ? LYS A 41 . ? 1_555 ? 
4 AC1 6 SER A 89 ? SER A 89 . ? 3_645 ? 
5 AC1 6 LYS A 91 ? LYS A 91 . ? 3_645 ? 
6 AC1 6 ASN A 94 ? ASN A 94 . ? 3_645 ? 
# 
_pdbx_entry_details.entry_id                   1RSM 
_pdbx_entry_details.compound_details           ? 
_pdbx_entry_details.source_details             ? 
_pdbx_entry_details.nonpolymer_details         ? 
_pdbx_entry_details.sequence_details           ? 
_pdbx_entry_details.has_ligand_of_interest     ? 
_pdbx_entry_details.has_protein_modification   Y 
# 
loop_
_pdbx_validate_rmsd_angle.id 
_pdbx_validate_rmsd_angle.PDB_model_num 
_pdbx_validate_rmsd_angle.auth_atom_id_1 
_pdbx_validate_rmsd_angle.auth_asym_id_1 
_pdbx_validate_rmsd_angle.auth_comp_id_1 
_pdbx_validate_rmsd_angle.auth_seq_id_1 
_pdbx_validate_rmsd_angle.PDB_ins_code_1 
_pdbx_validate_rmsd_angle.label_alt_id_1 
_pdbx_validate_rmsd_angle.auth_atom_id_2 
_pdbx_validate_rmsd_angle.auth_asym_id_2 
_pdbx_validate_rmsd_angle.auth_comp_id_2 
_pdbx_validate_rmsd_angle.auth_seq_id_2 
_pdbx_validate_rmsd_angle.PDB_ins_code_2 
_pdbx_validate_rmsd_angle.label_alt_id_2 
_pdbx_validate_rmsd_angle.auth_atom_id_3 
_pdbx_validate_rmsd_angle.auth_asym_id_3 
_pdbx_validate_rmsd_angle.auth_comp_id_3 
_pdbx_validate_rmsd_angle.auth_seq_id_3 
_pdbx_validate_rmsd_angle.PDB_ins_code_3 
_pdbx_validate_rmsd_angle.label_alt_id_3 
_pdbx_validate_rmsd_angle.angle_value 
_pdbx_validate_rmsd_angle.angle_target_value 
_pdbx_validate_rmsd_angle.angle_deviation 
_pdbx_validate_rmsd_angle.angle_standard_deviation 
_pdbx_validate_rmsd_angle.linker_flag 
1  1 CA  A LYS 1  ? ? CB A LYS 1  ? ? CG  A LYS 1  ? ? 134.83 113.40 21.43  2.20 N 
2  1 NE  A ARG 33 ? ? CZ A ARG 33 ? ? NH1 A ARG 33 ? ? 124.45 120.30 4.15   0.50 N 
3  1 NE  A ARG 33 ? ? CZ A ARG 33 ? ? NH2 A ARG 33 ? ? 114.39 120.30 -5.91  0.50 N 
4  1 CD  A ARG 39 ? ? NE A ARG 39 ? ? CZ  A ARG 39 ? ? 133.59 123.60 9.99   1.40 N 
5  1 NE  A ARG 39 ? ? CZ A ARG 39 ? ? NH2 A ARG 39 ? ? 123.41 120.30 3.11   0.50 N 
6  1 CB  A SER 77 ? ? CA A SER 77 ? ? C   A SER 77 ? ? 97.70  110.10 -12.40 1.90 N 
7  1 CA  A MET 79 ? ? CB A MET 79 ? ? CG  A MET 79 ? ? 101.78 113.30 -11.52 1.70 N 
8  1 NE  A ARG 85 ? ? CZ A ARG 85 ? ? NH1 A ARG 85 ? ? 127.02 120.30 6.72   0.50 N 
9  1 CA  A GLU 86 ? ? CB A GLU 86 ? ? CG  A GLU 86 ? ? 129.95 113.40 16.55  2.20 N 
10 1 OE1 A GLU 86 ? ? CD A GLU 86 ? ? OE2 A GLU 86 ? ? 130.65 123.30 7.35   1.20 N 
# 
loop_
_pdbx_validate_torsion.id 
_pdbx_validate_torsion.PDB_model_num 
_pdbx_validate_torsion.auth_comp_id 
_pdbx_validate_torsion.auth_asym_id 
_pdbx_validate_torsion.auth_seq_id 
_pdbx_validate_torsion.PDB_ins_code 
_pdbx_validate_torsion.label_alt_id 
_pdbx_validate_torsion.phi 
_pdbx_validate_torsion.psi 
1 1 HIS A 48 ? ? -105.74 61.48   
2 1 CYS A 58 ? ? -58.25  -7.40   
3 1 GLN A 60 ? ? -103.38 -133.91 
# 
_pdbx_validate_planes.id              1 
_pdbx_validate_planes.PDB_model_num   1 
_pdbx_validate_planes.auth_comp_id    ARG 
_pdbx_validate_planes.auth_asym_id    A 
_pdbx_validate_planes.auth_seq_id     85 
_pdbx_validate_planes.PDB_ins_code    ? 
_pdbx_validate_planes.label_alt_id    ? 
_pdbx_validate_planes.rmsd            0.121 
_pdbx_validate_planes.type            'SIDE CHAIN' 
# 
_pdbx_database_remark.id     700 
_pdbx_database_remark.text   
;SHEET
THIS STRUCTURE CONTAINS TWO SHEETS.  SHEET S1 COMPRISES
THREE STRANDS.  IN THE SECOND STRAND OF SHEET S1, RESIDUES
88 AND 89 *BULGE OUT*.  IN ORDER TO REPRESENT THIS BREAK
IN STRAND 2, TWO SHEETS (S1A AND S1B) ARE DEFINED BELOW.
STRANDS 1 AND 3 OF *SHEETS* S1A AND S1B ARE, THEREFORE,
IDENTICAL AND STRAND 2 DIFFERS.  SHEET S2 COMPRISES FOUR
STRANDS.  RESIDUE 120 DOES NOT PROPERLY BELONG IN STRAND
4 OF SHEET S2.  IN ORDER TO REPRESENT THIS BREAK IN STRAND
4, TWO SHEETS (S2A AND S2B) ARE DEFINED BELOW.  STRANDS
1,2,3 OF *SHEETS* S2A AND S2B ARE, THEREFORE, IDENTICAL
AND STRAND 4 DIFFERS.
;
# 
loop_
_chem_comp_atom.comp_id 
_chem_comp_atom.atom_id 
_chem_comp_atom.type_symbol 
_chem_comp_atom.pdbx_aromatic_flag 
_chem_comp_atom.pdbx_stereo_config 
_chem_comp_atom.pdbx_ordinal 
ALA N    N N N 1   
ALA CA   C N S 2   
ALA C    C N N 3   
ALA O    O N N 4   
ALA CB   C N N 5   
ALA OXT  O N N 6   
ALA H    H N N 7   
ALA H2   H N N 8   
ALA HA   H N N 9   
ALA HB1  H N N 10  
ALA HB2  H N N 11  
ALA HB3  H N N 12  
ALA HXT  H N N 13  
ARG N    N N N 14  
ARG CA   C N S 15  
ARG C    C N N 16  
ARG O    O N N 17  
ARG CB   C N N 18  
ARG CG   C N N 19  
ARG CD   C N N 20  
ARG NE   N N N 21  
ARG CZ   C N N 22  
ARG NH1  N N N 23  
ARG NH2  N N N 24  
ARG OXT  O N N 25  
ARG H    H N N 26  
ARG H2   H N N 27  
ARG HA   H N N 28  
ARG HB2  H N N 29  
ARG HB3  H N N 30  
ARG HG2  H N N 31  
ARG HG3  H N N 32  
ARG HD2  H N N 33  
ARG HD3  H N N 34  
ARG HE   H N N 35  
ARG HH11 H N N 36  
ARG HH12 H N N 37  
ARG HH21 H N N 38  
ARG HH22 H N N 39  
ARG HXT  H N N 40  
ASN N    N N N 41  
ASN CA   C N S 42  
ASN C    C N N 43  
ASN O    O N N 44  
ASN CB   C N N 45  
ASN CG   C N N 46  
ASN OD1  O N N 47  
ASN ND2  N N N 48  
ASN OXT  O N N 49  
ASN H    H N N 50  
ASN H2   H N N 51  
ASN HA   H N N 52  
ASN HB2  H N N 53  
ASN HB3  H N N 54  
ASN HD21 H N N 55  
ASN HD22 H N N 56  
ASN HXT  H N N 57  
ASP N    N N N 58  
ASP CA   C N S 59  
ASP C    C N N 60  
ASP O    O N N 61  
ASP CB   C N N 62  
ASP CG   C N N 63  
ASP OD1  O N N 64  
ASP OD2  O N N 65  
ASP OXT  O N N 66  
ASP H    H N N 67  
ASP H2   H N N 68  
ASP HA   H N N 69  
ASP HB2  H N N 70  
ASP HB3  H N N 71  
ASP HD2  H N N 72  
ASP HXT  H N N 73  
CYS N    N N N 74  
CYS CA   C N R 75  
CYS C    C N N 76  
CYS O    O N N 77  
CYS CB   C N N 78  
CYS SG   S N N 79  
CYS OXT  O N N 80  
CYS H    H N N 81  
CYS H2   H N N 82  
CYS HA   H N N 83  
CYS HB2  H N N 84  
CYS HB3  H N N 85  
CYS HG   H N N 86  
CYS HXT  H N N 87  
GLN N    N N N 88  
GLN CA   C N S 89  
GLN C    C N N 90  
GLN O    O N N 91  
GLN CB   C N N 92  
GLN CG   C N N 93  
GLN CD   C N N 94  
GLN OE1  O N N 95  
GLN NE2  N N N 96  
GLN OXT  O N N 97  
GLN H    H N N 98  
GLN H2   H N N 99  
GLN HA   H N N 100 
GLN HB2  H N N 101 
GLN HB3  H N N 102 
GLN HG2  H N N 103 
GLN HG3  H N N 104 
GLN HE21 H N N 105 
GLN HE22 H N N 106 
GLN HXT  H N N 107 
GLU N    N N N 108 
GLU CA   C N S 109 
GLU C    C N N 110 
GLU O    O N N 111 
GLU CB   C N N 112 
GLU CG   C N N 113 
GLU CD   C N N 114 
GLU OE1  O N N 115 
GLU OE2  O N N 116 
GLU OXT  O N N 117 
GLU H    H N N 118 
GLU H2   H N N 119 
GLU HA   H N N 120 
GLU HB2  H N N 121 
GLU HB3  H N N 122 
GLU HG2  H N N 123 
GLU HG3  H N N 124 
GLU HE2  H N N 125 
GLU HXT  H N N 126 
GLY N    N N N 127 
GLY CA   C N N 128 
GLY C    C N N 129 
GLY O    O N N 130 
GLY OXT  O N N 131 
GLY H    H N N 132 
GLY H2   H N N 133 
GLY HA2  H N N 134 
GLY HA3  H N N 135 
GLY HXT  H N N 136 
HIS N    N N N 137 
HIS CA   C N S 138 
HIS C    C N N 139 
HIS O    O N N 140 
HIS CB   C N N 141 
HIS CG   C Y N 142 
HIS ND1  N Y N 143 
HIS CD2  C Y N 144 
HIS CE1  C Y N 145 
HIS NE2  N Y N 146 
HIS OXT  O N N 147 
HIS H    H N N 148 
HIS H2   H N N 149 
HIS HA   H N N 150 
HIS HB2  H N N 151 
HIS HB3  H N N 152 
HIS HD1  H N N 153 
HIS HD2  H N N 154 
HIS HE1  H N N 155 
HIS HE2  H N N 156 
HIS HXT  H N N 157 
HOH O    O N N 158 
HOH H1   H N N 159 
HOH H2   H N N 160 
ILE N    N N N 161 
ILE CA   C N S 162 
ILE C    C N N 163 
ILE O    O N N 164 
ILE CB   C N S 165 
ILE CG1  C N N 166 
ILE CG2  C N N 167 
ILE CD1  C N N 168 
ILE OXT  O N N 169 
ILE H    H N N 170 
ILE H2   H N N 171 
ILE HA   H N N 172 
ILE HB   H N N 173 
ILE HG12 H N N 174 
ILE HG13 H N N 175 
ILE HG21 H N N 176 
ILE HG22 H N N 177 
ILE HG23 H N N 178 
ILE HD11 H N N 179 
ILE HD12 H N N 180 
ILE HD13 H N N 181 
ILE HXT  H N N 182 
LEU N    N N N 183 
LEU CA   C N S 184 
LEU C    C N N 185 
LEU O    O N N 186 
LEU CB   C N N 187 
LEU CG   C N N 188 
LEU CD1  C N N 189 
LEU CD2  C N N 190 
LEU OXT  O N N 191 
LEU H    H N N 192 
LEU H2   H N N 193 
LEU HA   H N N 194 
LEU HB2  H N N 195 
LEU HB3  H N N 196 
LEU HG   H N N 197 
LEU HD11 H N N 198 
LEU HD12 H N N 199 
LEU HD13 H N N 200 
LEU HD21 H N N 201 
LEU HD22 H N N 202 
LEU HD23 H N N 203 
LEU HXT  H N N 204 
LYS N    N N N 205 
LYS CA   C N S 206 
LYS C    C N N 207 
LYS O    O N N 208 
LYS CB   C N N 209 
LYS CG   C N N 210 
LYS CD   C N N 211 
LYS CE   C N N 212 
LYS NZ   N N N 213 
LYS OXT  O N N 214 
LYS H    H N N 215 
LYS H2   H N N 216 
LYS HA   H N N 217 
LYS HB2  H N N 218 
LYS HB3  H N N 219 
LYS HG2  H N N 220 
LYS HG3  H N N 221 
LYS HD2  H N N 222 
LYS HD3  H N N 223 
LYS HE2  H N N 224 
LYS HE3  H N N 225 
LYS HZ1  H N N 226 
LYS HZ2  H N N 227 
LYS HZ3  H N N 228 
LYS HXT  H N N 229 
MET N    N N N 230 
MET CA   C N S 231 
MET C    C N N 232 
MET O    O N N 233 
MET CB   C N N 234 
MET CG   C N N 235 
MET SD   S N N 236 
MET CE   C N N 237 
MET OXT  O N N 238 
MET H    H N N 239 
MET H2   H N N 240 
MET HA   H N N 241 
MET HB2  H N N 242 
MET HB3  H N N 243 
MET HG2  H N N 244 
MET HG3  H N N 245 
MET HE1  H N N 246 
MET HE2  H N N 247 
MET HE3  H N N 248 
MET HXT  H N N 249 
NIN C1   C Y N 250 
NIN C2   C Y N 251 
NIN N2   N N N 252 
NIN O21  O N N 253 
NIN O22  O N N 254 
NIN C3   C Y N 255 
NIN C4   C Y N 256 
NIN N4   N N N 257 
NIN O41  O N N 258 
NIN O42  O N N 259 
NIN C5   C Y N 260 
NIN C6   C Y N 261 
NIN H1   H N N 262 
NIN H2   H N N 263 
NIN H3   H N N 264 
NIN H4   H N N 265 
PHE N    N N N 266 
PHE CA   C N S 267 
PHE C    C N N 268 
PHE O    O N N 269 
PHE CB   C N N 270 
PHE CG   C Y N 271 
PHE CD1  C Y N 272 
PHE CD2  C Y N 273 
PHE CE1  C Y N 274 
PHE CE2  C Y N 275 
PHE CZ   C Y N 276 
PHE OXT  O N N 277 
PHE H    H N N 278 
PHE H2   H N N 279 
PHE HA   H N N 280 
PHE HB2  H N N 281 
PHE HB3  H N N 282 
PHE HD1  H N N 283 
PHE HD2  H N N 284 
PHE HE1  H N N 285 
PHE HE2  H N N 286 
PHE HZ   H N N 287 
PHE HXT  H N N 288 
PRO N    N N N 289 
PRO CA   C N S 290 
PRO C    C N N 291 
PRO O    O N N 292 
PRO CB   C N N 293 
PRO CG   C N N 294 
PRO CD   C N N 295 
PRO OXT  O N N 296 
PRO H    H N N 297 
PRO HA   H N N 298 
PRO HB2  H N N 299 
PRO HB3  H N N 300 
PRO HG2  H N N 301 
PRO HG3  H N N 302 
PRO HD2  H N N 303 
PRO HD3  H N N 304 
PRO HXT  H N N 305 
SER N    N N N 306 
SER CA   C N S 307 
SER C    C N N 308 
SER O    O N N 309 
SER CB   C N N 310 
SER OG   O N N 311 
SER OXT  O N N 312 
SER H    H N N 313 
SER H2   H N N 314 
SER HA   H N N 315 
SER HB2  H N N 316 
SER HB3  H N N 317 
SER HG   H N N 318 
SER HXT  H N N 319 
THR N    N N N 320 
THR CA   C N S 321 
THR C    C N N 322 
THR O    O N N 323 
THR CB   C N R 324 
THR OG1  O N N 325 
THR CG2  C N N 326 
THR OXT  O N N 327 
THR H    H N N 328 
THR H2   H N N 329 
THR HA   H N N 330 
THR HB   H N N 331 
THR HG1  H N N 332 
THR HG21 H N N 333 
THR HG22 H N N 334 
THR HG23 H N N 335 
THR HXT  H N N 336 
TYR N    N N N 337 
TYR CA   C N S 338 
TYR C    C N N 339 
TYR O    O N N 340 
TYR CB   C N N 341 
TYR CG   C Y N 342 
TYR CD1  C Y N 343 
TYR CD2  C Y N 344 
TYR CE1  C Y N 345 
TYR CE2  C Y N 346 
TYR CZ   C Y N 347 
TYR OH   O N N 348 
TYR OXT  O N N 349 
TYR H    H N N 350 
TYR H2   H N N 351 
TYR HA   H N N 352 
TYR HB2  H N N 353 
TYR HB3  H N N 354 
TYR HD1  H N N 355 
TYR HD2  H N N 356 
TYR HE1  H N N 357 
TYR HE2  H N N 358 
TYR HH   H N N 359 
TYR HXT  H N N 360 
VAL N    N N N 361 
VAL CA   C N S 362 
VAL C    C N N 363 
VAL O    O N N 364 
VAL CB   C N N 365 
VAL CG1  C N N 366 
VAL CG2  C N N 367 
VAL OXT  O N N 368 
VAL H    H N N 369 
VAL H2   H N N 370 
VAL HA   H N N 371 
VAL HB   H N N 372 
VAL HG11 H N N 373 
VAL HG12 H N N 374 
VAL HG13 H N N 375 
VAL HG21 H N N 376 
VAL HG22 H N N 377 
VAL HG23 H N N 378 
VAL HXT  H N N 379 
# 
loop_
_chem_comp_bond.comp_id 
_chem_comp_bond.atom_id_1 
_chem_comp_bond.atom_id_2 
_chem_comp_bond.value_order 
_chem_comp_bond.pdbx_aromatic_flag 
_chem_comp_bond.pdbx_stereo_config 
_chem_comp_bond.pdbx_ordinal 
ALA N   CA   sing N N 1   
ALA N   H    sing N N 2   
ALA N   H2   sing N N 3   
ALA CA  C    sing N N 4   
ALA CA  CB   sing N N 5   
ALA CA  HA   sing N N 6   
ALA C   O    doub N N 7   
ALA C   OXT  sing N N 8   
ALA CB  HB1  sing N N 9   
ALA CB  HB2  sing N N 10  
ALA CB  HB3  sing N N 11  
ALA OXT HXT  sing N N 12  
ARG N   CA   sing N N 13  
ARG N   H    sing N N 14  
ARG N   H2   sing N N 15  
ARG CA  C    sing N N 16  
ARG CA  CB   sing N N 17  
ARG CA  HA   sing N N 18  
ARG C   O    doub N N 19  
ARG C   OXT  sing N N 20  
ARG CB  CG   sing N N 21  
ARG CB  HB2  sing N N 22  
ARG CB  HB3  sing N N 23  
ARG CG  CD   sing N N 24  
ARG CG  HG2  sing N N 25  
ARG CG  HG3  sing N N 26  
ARG CD  NE   sing N N 27  
ARG CD  HD2  sing N N 28  
ARG CD  HD3  sing N N 29  
ARG NE  CZ   sing N N 30  
ARG NE  HE   sing N N 31  
ARG CZ  NH1  sing N N 32  
ARG CZ  NH2  doub N N 33  
ARG NH1 HH11 sing N N 34  
ARG NH1 HH12 sing N N 35  
ARG NH2 HH21 sing N N 36  
ARG NH2 HH22 sing N N 37  
ARG OXT HXT  sing N N 38  
ASN N   CA   sing N N 39  
ASN N   H    sing N N 40  
ASN N   H2   sing N N 41  
ASN CA  C    sing N N 42  
ASN CA  CB   sing N N 43  
ASN CA  HA   sing N N 44  
ASN C   O    doub N N 45  
ASN C   OXT  sing N N 46  
ASN CB  CG   sing N N 47  
ASN CB  HB2  sing N N 48  
ASN CB  HB3  sing N N 49  
ASN CG  OD1  doub N N 50  
ASN CG  ND2  sing N N 51  
ASN ND2 HD21 sing N N 52  
ASN ND2 HD22 sing N N 53  
ASN OXT HXT  sing N N 54  
ASP N   CA   sing N N 55  
ASP N   H    sing N N 56  
ASP N   H2   sing N N 57  
ASP CA  C    sing N N 58  
ASP CA  CB   sing N N 59  
ASP CA  HA   sing N N 60  
ASP C   O    doub N N 61  
ASP C   OXT  sing N N 62  
ASP CB  CG   sing N N 63  
ASP CB  HB2  sing N N 64  
ASP CB  HB3  sing N N 65  
ASP CG  OD1  doub N N 66  
ASP CG  OD2  sing N N 67  
ASP OD2 HD2  sing N N 68  
ASP OXT HXT  sing N N 69  
CYS N   CA   sing N N 70  
CYS N   H    sing N N 71  
CYS N   H2   sing N N 72  
CYS CA  C    sing N N 73  
CYS CA  CB   sing N N 74  
CYS CA  HA   sing N N 75  
CYS C   O    doub N N 76  
CYS C   OXT  sing N N 77  
CYS CB  SG   sing N N 78  
CYS CB  HB2  sing N N 79  
CYS CB  HB3  sing N N 80  
CYS SG  HG   sing N N 81  
CYS OXT HXT  sing N N 82  
GLN N   CA   sing N N 83  
GLN N   H    sing N N 84  
GLN N   H2   sing N N 85  
GLN CA  C    sing N N 86  
GLN CA  CB   sing N N 87  
GLN CA  HA   sing N N 88  
GLN C   O    doub N N 89  
GLN C   OXT  sing N N 90  
GLN CB  CG   sing N N 91  
GLN CB  HB2  sing N N 92  
GLN CB  HB3  sing N N 93  
GLN CG  CD   sing N N 94  
GLN CG  HG2  sing N N 95  
GLN CG  HG3  sing N N 96  
GLN CD  OE1  doub N N 97  
GLN CD  NE2  sing N N 98  
GLN NE2 HE21 sing N N 99  
GLN NE2 HE22 sing N N 100 
GLN OXT HXT  sing N N 101 
GLU N   CA   sing N N 102 
GLU N   H    sing N N 103 
GLU N   H2   sing N N 104 
GLU CA  C    sing N N 105 
GLU CA  CB   sing N N 106 
GLU CA  HA   sing N N 107 
GLU C   O    doub N N 108 
GLU C   OXT  sing N N 109 
GLU CB  CG   sing N N 110 
GLU CB  HB2  sing N N 111 
GLU CB  HB3  sing N N 112 
GLU CG  CD   sing N N 113 
GLU CG  HG2  sing N N 114 
GLU CG  HG3  sing N N 115 
GLU CD  OE1  doub N N 116 
GLU CD  OE2  sing N N 117 
GLU OE2 HE2  sing N N 118 
GLU OXT HXT  sing N N 119 
GLY N   CA   sing N N 120 
GLY N   H    sing N N 121 
GLY N   H2   sing N N 122 
GLY CA  C    sing N N 123 
GLY CA  HA2  sing N N 124 
GLY CA  HA3  sing N N 125 
GLY C   O    doub N N 126 
GLY C   OXT  sing N N 127 
GLY OXT HXT  sing N N 128 
HIS N   CA   sing N N 129 
HIS N   H    sing N N 130 
HIS N   H2   sing N N 131 
HIS CA  C    sing N N 132 
HIS CA  CB   sing N N 133 
HIS CA  HA   sing N N 134 
HIS C   O    doub N N 135 
HIS C   OXT  sing N N 136 
HIS CB  CG   sing N N 137 
HIS CB  HB2  sing N N 138 
HIS CB  HB3  sing N N 139 
HIS CG  ND1  sing Y N 140 
HIS CG  CD2  doub Y N 141 
HIS ND1 CE1  doub Y N 142 
HIS ND1 HD1  sing N N 143 
HIS CD2 NE2  sing Y N 144 
HIS CD2 HD2  sing N N 145 
HIS CE1 NE2  sing Y N 146 
HIS CE1 HE1  sing N N 147 
HIS NE2 HE2  sing N N 148 
HIS OXT HXT  sing N N 149 
HOH O   H1   sing N N 150 
HOH O   H2   sing N N 151 
ILE N   CA   sing N N 152 
ILE N   H    sing N N 153 
ILE N   H2   sing N N 154 
ILE CA  C    sing N N 155 
ILE CA  CB   sing N N 156 
ILE CA  HA   sing N N 157 
ILE C   O    doub N N 158 
ILE C   OXT  sing N N 159 
ILE CB  CG1  sing N N 160 
ILE CB  CG2  sing N N 161 
ILE CB  HB   sing N N 162 
ILE CG1 CD1  sing N N 163 
ILE CG1 HG12 sing N N 164 
ILE CG1 HG13 sing N N 165 
ILE CG2 HG21 sing N N 166 
ILE CG2 HG22 sing N N 167 
ILE CG2 HG23 sing N N 168 
ILE CD1 HD11 sing N N 169 
ILE CD1 HD12 sing N N 170 
ILE CD1 HD13 sing N N 171 
ILE OXT HXT  sing N N 172 
LEU N   CA   sing N N 173 
LEU N   H    sing N N 174 
LEU N   H2   sing N N 175 
LEU CA  C    sing N N 176 
LEU CA  CB   sing N N 177 
LEU CA  HA   sing N N 178 
LEU C   O    doub N N 179 
LEU C   OXT  sing N N 180 
LEU CB  CG   sing N N 181 
LEU CB  HB2  sing N N 182 
LEU CB  HB3  sing N N 183 
LEU CG  CD1  sing N N 184 
LEU CG  CD2  sing N N 185 
LEU CG  HG   sing N N 186 
LEU CD1 HD11 sing N N 187 
LEU CD1 HD12 sing N N 188 
LEU CD1 HD13 sing N N 189 
LEU CD2 HD21 sing N N 190 
LEU CD2 HD22 sing N N 191 
LEU CD2 HD23 sing N N 192 
LEU OXT HXT  sing N N 193 
LYS N   CA   sing N N 194 
LYS N   H    sing N N 195 
LYS N   H2   sing N N 196 
LYS CA  C    sing N N 197 
LYS CA  CB   sing N N 198 
LYS CA  HA   sing N N 199 
LYS C   O    doub N N 200 
LYS C   OXT  sing N N 201 
LYS CB  CG   sing N N 202 
LYS CB  HB2  sing N N 203 
LYS CB  HB3  sing N N 204 
LYS CG  CD   sing N N 205 
LYS CG  HG2  sing N N 206 
LYS CG  HG3  sing N N 207 
LYS CD  CE   sing N N 208 
LYS CD  HD2  sing N N 209 
LYS CD  HD3  sing N N 210 
LYS CE  NZ   sing N N 211 
LYS CE  HE2  sing N N 212 
LYS CE  HE3  sing N N 213 
LYS NZ  HZ1  sing N N 214 
LYS NZ  HZ2  sing N N 215 
LYS NZ  HZ3  sing N N 216 
LYS OXT HXT  sing N N 217 
MET N   CA   sing N N 218 
MET N   H    sing N N 219 
MET N   H2   sing N N 220 
MET CA  C    sing N N 221 
MET CA  CB   sing N N 222 
MET CA  HA   sing N N 223 
MET C   O    doub N N 224 
MET C   OXT  sing N N 225 
MET CB  CG   sing N N 226 
MET CB  HB2  sing N N 227 
MET CB  HB3  sing N N 228 
MET CG  SD   sing N N 229 
MET CG  HG2  sing N N 230 
MET CG  HG3  sing N N 231 
MET SD  CE   sing N N 232 
MET CE  HE1  sing N N 233 
MET CE  HE2  sing N N 234 
MET CE  HE3  sing N N 235 
MET OXT HXT  sing N N 236 
NIN O42 N4   doub N N 237 
NIN C5  C6   doub Y N 238 
NIN C5  C4   sing Y N 239 
NIN C6  C1   sing Y N 240 
NIN N4  C4   sing N N 241 
NIN N4  O41  sing N N 242 
NIN C4  C3   doub Y N 243 
NIN C1  C2   doub Y N 244 
NIN C3  C2   sing Y N 245 
NIN C2  N2   sing N N 246 
NIN N2  O21  sing N N 247 
NIN N2  O22  doub N N 248 
NIN C1  H1   sing N N 249 
NIN C3  H2   sing N N 250 
NIN C5  H3   sing N N 251 
NIN C6  H4   sing N N 252 
PHE N   CA   sing N N 253 
PHE N   H    sing N N 254 
PHE N   H2   sing N N 255 
PHE CA  C    sing N N 256 
PHE CA  CB   sing N N 257 
PHE CA  HA   sing N N 258 
PHE C   O    doub N N 259 
PHE C   OXT  sing N N 260 
PHE CB  CG   sing N N 261 
PHE CB  HB2  sing N N 262 
PHE CB  HB3  sing N N 263 
PHE CG  CD1  doub Y N 264 
PHE CG  CD2  sing Y N 265 
PHE CD1 CE1  sing Y N 266 
PHE CD1 HD1  sing N N 267 
PHE CD2 CE2  doub Y N 268 
PHE CD2 HD2  sing N N 269 
PHE CE1 CZ   doub Y N 270 
PHE CE1 HE1  sing N N 271 
PHE CE2 CZ   sing Y N 272 
PHE CE2 HE2  sing N N 273 
PHE CZ  HZ   sing N N 274 
PHE OXT HXT  sing N N 275 
PRO N   CA   sing N N 276 
PRO N   CD   sing N N 277 
PRO N   H    sing N N 278 
PRO CA  C    sing N N 279 
PRO CA  CB   sing N N 280 
PRO CA  HA   sing N N 281 
PRO C   O    doub N N 282 
PRO C   OXT  sing N N 283 
PRO CB  CG   sing N N 284 
PRO CB  HB2  sing N N 285 
PRO CB  HB3  sing N N 286 
PRO CG  CD   sing N N 287 
PRO CG  HG2  sing N N 288 
PRO CG  HG3  sing N N 289 
PRO CD  HD2  sing N N 290 
PRO CD  HD3  sing N N 291 
PRO OXT HXT  sing N N 292 
SER N   CA   sing N N 293 
SER N   H    sing N N 294 
SER N   H2   sing N N 295 
SER CA  C    sing N N 296 
SER CA  CB   sing N N 297 
SER CA  HA   sing N N 298 
SER C   O    doub N N 299 
SER C   OXT  sing N N 300 
SER CB  OG   sing N N 301 
SER CB  HB2  sing N N 302 
SER CB  HB3  sing N N 303 
SER OG  HG   sing N N 304 
SER OXT HXT  sing N N 305 
THR N   CA   sing N N 306 
THR N   H    sing N N 307 
THR N   H2   sing N N 308 
THR CA  C    sing N N 309 
THR CA  CB   sing N N 310 
THR CA  HA   sing N N 311 
THR C   O    doub N N 312 
THR C   OXT  sing N N 313 
THR CB  OG1  sing N N 314 
THR CB  CG2  sing N N 315 
THR CB  HB   sing N N 316 
THR OG1 HG1  sing N N 317 
THR CG2 HG21 sing N N 318 
THR CG2 HG22 sing N N 319 
THR CG2 HG23 sing N N 320 
THR OXT HXT  sing N N 321 
TYR N   CA   sing N N 322 
TYR N   H    sing N N 323 
TYR N   H2   sing N N 324 
TYR CA  C    sing N N 325 
TYR CA  CB   sing N N 326 
TYR CA  HA   sing N N 327 
TYR C   O    doub N N 328 
TYR C   OXT  sing N N 329 
TYR CB  CG   sing N N 330 
TYR CB  HB2  sing N N 331 
TYR CB  HB3  sing N N 332 
TYR CG  CD1  doub Y N 333 
TYR CG  CD2  sing Y N 334 
TYR CD1 CE1  sing Y N 335 
TYR CD1 HD1  sing N N 336 
TYR CD2 CE2  doub Y N 337 
TYR CD2 HD2  sing N N 338 
TYR CE1 CZ   doub Y N 339 
TYR CE1 HE1  sing N N 340 
TYR CE2 CZ   sing Y N 341 
TYR CE2 HE2  sing N N 342 
TYR CZ  OH   sing N N 343 
TYR OH  HH   sing N N 344 
TYR OXT HXT  sing N N 345 
VAL N   CA   sing N N 346 
VAL N   H    sing N N 347 
VAL N   H2   sing N N 348 
VAL CA  C    sing N N 349 
VAL CA  CB   sing N N 350 
VAL CA  HA   sing N N 351 
VAL C   O    doub N N 352 
VAL C   OXT  sing N N 353 
VAL CB  CG1  sing N N 354 
VAL CB  CG2  sing N N 355 
VAL CB  HB   sing N N 356 
VAL CG1 HG11 sing N N 357 
VAL CG1 HG12 sing N N 358 
VAL CG1 HG13 sing N N 359 
VAL CG2 HG21 sing N N 360 
VAL CG2 HG22 sing N N 361 
VAL CG2 HG23 sing N N 362 
VAL OXT HXT  sing N N 363 
# 
_atom_sites.entry_id                    1RSM 
_atom_sites.fract_transf_matrix[1][1]   0.00641970 
_atom_sites.fract_transf_matrix[1][2]   -0.02132914 
_atom_sites.fract_transf_matrix[1][3]   -0.01524366 
_atom_sites.fract_transf_matrix[2][1]   0.00260959 
_atom_sites.fract_transf_matrix[2][2]   0.01452575 
_atom_sites.fract_transf_matrix[2][3]   -0.01922563 
_atom_sites.fract_transf_matrix[3][1]   0.01276245 
_atom_sites.fract_transf_matrix[3][2]   0.00169043 
_atom_sites.fract_transf_matrix[3][3]   0.00300950 
_atom_sites.fract_transf_vector[1]      0.224040 
_atom_sites.fract_transf_vector[2]      0.058436 
_atom_sites.fract_transf_vector[3]      0.117637 
# 
_atom_sites_footnote.id     1 
_atom_sites_footnote.text   'RESIDUES 93 AND 114 ARE CIS-PROLINES.' 
# 
loop_
_atom_type.symbol 
C 
N 
O 
S 
# 
loop_
_atom_site.group_PDB 
_atom_site.id 
_atom_site.type_symbol 
_atom_site.label_atom_id 
_atom_site.label_alt_id 
_atom_site.label_comp_id 
_atom_site.label_asym_id 
_atom_site.label_entity_id 
_atom_site.label_seq_id 
_atom_site.pdbx_PDB_ins_code 
_atom_site.Cartn_x 
_atom_site.Cartn_y 
_atom_site.Cartn_z 
_atom_site.occupancy 
_atom_site.B_iso_or_equiv 
_atom_site.pdbx_formal_charge 
_atom_site.auth_seq_id 
_atom_site.auth_comp_id 
_atom_site.auth_asym_id 
_atom_site.auth_atom_id 
_atom_site.pdbx_PDB_model_num 
ATOM   1    N N   . LYS A 1 1   ? 17.189  0.418   10.357  1.00 32.17 ? 1   LYS A N   1 
ATOM   2    C CA  . LYS A 1 1   ? 17.247  1.963   10.492  1.00 31.43 ? 1   LYS A CA  1 
ATOM   3    C C   . LYS A 1 1   ? 15.801  2.365   10.196  1.00 29.54 ? 1   LYS A C   1 
ATOM   4    O O   . LYS A 1 1   ? 15.180  3.085   10.985  1.00 30.93 ? 1   LYS A O   1 
ATOM   5    C CB  . LYS A 1 1   ? 18.238  2.472   9.529   1.00 32.96 ? 1   LYS A CB  1 
ATOM   6    C CG  . LYS A 1 1   ? 18.329  3.656   8.669   1.00 34.34 ? 1   LYS A CG  1 
ATOM   7    C CD  . LYS A 1 1   ? 19.123  4.874   8.970   1.00 35.36 ? 1   LYS A CD  1 
ATOM   8    C CE  . LYS A 1 1   ? 18.409  6.038   9.623   1.00 36.41 ? 1   LYS A CE  1 
ATOM   9    N NZ  . LYS A 1 1   ? 17.188  6.418   8.788   1.00 36.95 ? 1   LYS A NZ  1 
ATOM   10   N N   . GLU A 1 2   ? 15.316  1.884   9.035   1.00 26.20 ? 2   GLU A N   1 
ATOM   11   C CA  . GLU A 1 2   ? 13.871  2.223   8.730   1.00 21.31 ? 2   GLU A CA  1 
ATOM   12   C C   . GLU A 1 2   ? 13.109  1.032   9.300   1.00 19.00 ? 2   GLU A C   1 
ATOM   13   O O   . GLU A 1 2   ? 13.465  -0.103  8.912   1.00 19.21 ? 2   GLU A O   1 
ATOM   14   C CB  . GLU A 1 2   ? 13.690  2.163   7.188   1.00 20.06 ? 2   GLU A CB  1 
ATOM   15   C CG  . GLU A 1 2   ? 12.294  2.695   6.805   1.00 17.17 ? 2   GLU A CG  1 
ATOM   16   C CD  . GLU A 1 2   ? 12.106  2.836   5.336   1.00 16.14 ? 2   GLU A CD  1 
ATOM   17   O OE1 . GLU A 1 2   ? 12.679  2.153   4.534   1.00 16.35 ? 2   GLU A OE1 1 
ATOM   18   O OE2 . GLU A 1 2   ? 11.311  3.763   5.084   1.00 15.20 ? 2   GLU A OE2 1 
ATOM   19   N N   . THR A 1 3   ? 12.193  1.260   10.177  1.00 17.51 ? 3   THR A N   1 
ATOM   20   C CA  . THR A 1 3   ? 11.420  0.153   10.779  1.00 15.71 ? 3   THR A CA  1 
ATOM   21   C C   . THR A 1 3   ? 10.403  -0.323  9.715   1.00 14.17 ? 3   THR A C   1 
ATOM   22   O O   . THR A 1 3   ? 10.163  0.365   8.710   1.00 12.18 ? 3   THR A O   1 
ATOM   23   C CB  . THR A 1 3   ? 10.616  0.671   12.030  1.00 16.92 ? 3   THR A CB  1 
ATOM   24   O OG1 . THR A 1 3   ? 9.732   1.714   11.563  1.00 18.15 ? 3   THR A OG1 1 
ATOM   25   C CG2 . THR A 1 3   ? 11.546  1.242   13.142  1.00 17.42 ? 3   THR A CG2 1 
ATOM   26   N N   . ALA A 1 4   ? 9.858   -1.498  10.000  1.00 12.09 ? 4   ALA A N   1 
ATOM   27   C CA  . ALA A 1 4   ? 8.847   -2.111  9.148   1.00 11.62 ? 4   ALA A CA  1 
ATOM   28   C C   . ALA A 1 4   ? 7.641   -1.204  9.106   1.00 10.60 ? 4   ALA A C   1 
ATOM   29   O O   . ALA A 1 4   ? 7.106   -0.987  7.986   1.00 9.33  ? 4   ALA A O   1 
ATOM   30   C CB  . ALA A 1 4   ? 8.536   -3.545  9.510   1.00 12.22 ? 4   ALA A CB  1 
ATOM   31   N N   . ALA A 1 5   ? 7.329   -0.602  10.240  1.00 9.35  ? 5   ALA A N   1 
ATOM   32   C CA  . ALA A 1 5   ? 6.199   0.371   10.284  1.00 8.71  ? 5   ALA A CA  1 
ATOM   33   C C   . ALA A 1 5   ? 6.366   1.577   9.382   1.00 8.41  ? 5   ALA A C   1 
ATOM   34   O O   . ALA A 1 5   ? 5.430   2.065   8.686   1.00 7.57  ? 5   ALA A O   1 
ATOM   35   C CB  . ALA A 1 5   ? 5.864   0.729   11.703  1.00 8.30  ? 5   ALA A CB  1 
ATOM   36   N N   . ALA A 1 6   ? 7.563   2.172   9.409   1.00 7.74  ? 6   ALA A N   1 
ATOM   37   C CA  . ALA A 1 6   ? 7.929   3.335   8.658   1.00 7.32  ? 6   ALA A CA  1 
ATOM   38   C C   . ALA A 1 6   ? 7.960   3.004   7.160   1.00 6.60  ? 6   ALA A C   1 
ATOM   39   O O   . ALA A 1 6   ? 7.635   3.893   6.357   1.00 6.37  ? 6   ALA A O   1 
ATOM   40   C CB  . ALA A 1 6   ? 9.263   3.966   9.087   1.00 7.84  ? 6   ALA A CB  1 
ATOM   41   N N   . LYS A 1 7   ? 8.450   1.844   6.817   1.00 6.08  ? 7   LYS A N   1 
ATOM   42   C CA  . LYS A 1 7   ? 8.494   1.397   5.418   1.00 6.85  ? 7   LYS A CA  1 
ATOM   43   C C   . LYS A 1 7   ? 7.040   1.260   4.902   1.00 6.53  ? 7   LYS A C   1 
ATOM   44   O O   . LYS A 1 7   ? 6.748   1.613   3.734   1.00 4.88  ? 7   LYS A O   1 
ATOM   45   C CB  . LYS A 1 7   ? 9.301   0.144   5.273   1.00 7.89  ? 7   LYS A CB  1 
ATOM   46   C CG  . LYS A 1 7   ? 9.213   -0.555  3.840   1.00 10.58 ? 7   LYS A CG  1 
ATOM   47   C CD  . LYS A 1 7   ? 9.913   0.390   2.906   1.00 12.75 ? 7   LYS A CD  1 
ATOM   48   C CE  . LYS A 1 7   ? 9.885   -0.018  1.457   1.00 15.23 ? 7   LYS A CE  1 
ATOM   49   N NZ  . LYS A 1 7   ? 10.863  -1.189  1.334   1.00 17.04 ? 7   LYS A NZ  1 
ATOM   50   N N   . PHE A 1 8   ? 6.167   0.707   5.731   1.00 5.76  ? 8   PHE A N   1 
ATOM   51   C CA  . PHE A 1 8   ? 4.698   0.611   5.365   1.00 6.65  ? 8   PHE A CA  1 
ATOM   52   C C   . PHE A 1 8   ? 4.156   1.969   4.967   1.00 6.28  ? 8   PHE A C   1 
ATOM   53   O O   . PHE A 1 8   ? 3.486   2.181   3.948   1.00 6.71  ? 8   PHE A O   1 
ATOM   54   C CB  . PHE A 1 8   ? 3.877   -0.043  6.501   1.00 4.83  ? 8   PHE A CB  1 
ATOM   55   C CG  . PHE A 1 8   ? 2.387   -0.137  6.142   1.00 5.20  ? 8   PHE A CG  1 
ATOM   56   C CD1 . PHE A 1 8   ? 1.881   -1.303  5.628   1.00 5.45  ? 8   PHE A CD1 1 
ATOM   57   C CD2 . PHE A 1 8   ? 1.533   0.910   6.342   1.00 4.31  ? 8   PHE A CD2 1 
ATOM   58   C CE1 . PHE A 1 8   ? 0.551   -1.428  5.231   1.00 5.11  ? 8   PHE A CE1 1 
ATOM   59   C CE2 . PHE A 1 8   ? 0.207   0.863   5.966   1.00 4.89  ? 8   PHE A CE2 1 
ATOM   60   C CZ  . PHE A 1 8   ? -0.267  -0.297  5.371   1.00 5.82  ? 8   PHE A CZ  1 
ATOM   61   N N   . GLU A 1 9   ? 4.411   3.010   5.788   1.00 7.01  ? 9   GLU A N   1 
ATOM   62   C CA  . GLU A 1 9   ? 3.953   4.389   5.498   1.00 6.43  ? 9   GLU A CA  1 
ATOM   63   C C   . GLU A 1 9   ? 4.579   4.920   4.235   1.00 6.36  ? 9   GLU A C   1 
ATOM   64   O O   . GLU A 1 9   ? 3.847   5.485   3.412   1.00 5.78  ? 9   GLU A O   1 
ATOM   65   C CB  . GLU A 1 9   ? 4.174   5.351   6.650   1.00 8.29  ? 9   GLU A CB  1 
ATOM   66   C CG  . GLU A 1 9   ? 3.552   4.962   7.966   1.00 11.85 ? 9   GLU A CG  1 
ATOM   67   C CD  . GLU A 1 9   ? 3.822   5.851   9.147   1.00 15.77 ? 9   GLU A CD  1 
ATOM   68   O OE1 . GLU A 1 9   ? 3.749   5.490   10.299  1.00 16.69 ? 9   GLU A OE1 1 
ATOM   69   O OE2 . GLU A 1 9   ? 4.137   7.050   8.806   1.00 18.01 ? 9   GLU A OE2 1 
ATOM   70   N N   . ARG A 1 10  ? 5.885   4.689   4.038   1.00 6.80  ? 10  ARG A N   1 
ATOM   71   C CA  . ARG A 1 10  ? 6.527   5.183   2.806   1.00 7.21  ? 10  ARG A CA  1 
ATOM   72   C C   . ARG A 1 10  ? 5.967   4.521   1.542   1.00 6.74  ? 10  ARG A C   1 
ATOM   73   O O   . ARG A 1 10  ? 5.681   5.193   0.553   1.00 5.86  ? 10  ARG A O   1 
ATOM   74   C CB  . ARG A 1 10  ? 8.049   4.935   2.901   1.00 7.58  ? 10  ARG A CB  1 
ATOM   75   C CG  . ARG A 1 10  ? 8.782   5.473   1.689   1.00 8.11  ? 10  ARG A CG  1 
ATOM   76   C CD  . ARG A 1 10  ? 10.243  5.576   1.896   1.00 8.10  ? 10  ARG A CD  1 
ATOM   77   N NE  . ARG A 1 10  ? 10.954  4.350   2.104   1.00 9.35  ? 10  ARG A NE  1 
ATOM   78   C CZ  . ARG A 1 10  ? 11.592  3.562   1.281   1.00 9.40  ? 10  ARG A CZ  1 
ATOM   79   N NH1 . ARG A 1 10  ? 12.351  2.548   1.721   1.00 10.54 ? 10  ARG A NH1 1 
ATOM   80   N NH2 . ARG A 1 10  ? 11.608  3.795   -0.020  1.00 9.94  ? 10  ARG A NH2 1 
ATOM   81   N N   . GLN A 1 11  ? 5.788   3.208   1.603   1.00 6.30  ? 11  GLN A N   1 
ATOM   82   C CA  . GLN A 1 11  ? 5.344   2.434   0.413   1.00 6.20  ? 11  GLN A CA  1 
ATOM   83   C C   . GLN A 1 11  ? 3.877   2.533   0.079   1.00 6.12  ? 11  GLN A C   1 
ATOM   84   O O   . GLN A 1 11  ? 3.502   2.463   -1.119  1.00 5.68  ? 11  GLN A O   1 
ATOM   85   C CB  . GLN A 1 11  ? 5.871   0.976   0.593   1.00 6.41  ? 11  GLN A CB  1 
ATOM   86   C CG  . GLN A 1 11  ? 5.539   0.080   -0.606  1.00 6.93  ? 11  GLN A CG  1 
ATOM   87   C CD  . GLN A 1 11  ? 6.015   -1.333  -0.463  1.00 7.87  ? 11  GLN A CD  1 
ATOM   88   O OE1 . GLN A 1 11  ? 6.794   -1.662  0.391   1.00 8.51  ? 11  GLN A OE1 1 
ATOM   89   N NE2 . GLN A 1 11  ? 5.489   -2.248  -1.265  1.00 8.25  ? 11  GLN A NE2 1 
ATOM   90   N N   . HIS A 1 12  ? 2.994   2.622   1.055   1.00 3.81  ? 12  HIS A N   1 
ATOM   91   C CA  . HIS A 1 12  ? 1.575   2.565   0.902   1.00 5.54  ? 12  HIS A CA  1 
ATOM   92   C C   . HIS A 1 12  ? 0.727   3.742   1.272   1.00 6.62  ? 12  HIS A C   1 
ATOM   93   O O   . HIS A 1 12  ? -0.460  3.771   0.811   1.00 9.34  ? 12  HIS A O   1 
ATOM   94   C CB  . HIS A 1 12  ? 1.016   1.310   1.705   1.00 3.55  ? 12  HIS A CB  1 
ATOM   95   C CG  . HIS A 1 12  ? 1.706   0.050   1.254   1.00 3.85  ? 12  HIS A CG  1 
ATOM   96   N ND1 . HIS A 1 12  ? 1.574   -0.483  0.020   1.00 2.94  ? 12  HIS A ND1 1 
ATOM   97   C CD2 . HIS A 1 12  ? 2.538   -0.782  1.947   1.00 2.95  ? 12  HIS A CD2 1 
ATOM   98   C CE1 . HIS A 1 12  ? 2.221   -1.665  -0.016  1.00 4.44  ? 12  HIS A CE1 1 
ATOM   99   N NE2 . HIS A 1 12  ? 2.872   -1.807  1.136   1.00 3.48  ? 12  HIS A NE2 1 
ATOM   100  N N   . MET A 1 13  ? 1.154   4.656   2.119   1.00 6.22  ? 13  MET A N   1 
ATOM   101  C CA  . MET A 1 13  ? 0.245   5.758   2.583   1.00 6.08  ? 13  MET A CA  1 
ATOM   102  C C   . MET A 1 13  ? 0.342   7.017   1.756   1.00 6.11  ? 13  MET A C   1 
ATOM   103  O O   . MET A 1 13  ? 1.426   7.578   1.449   1.00 5.35  ? 13  MET A O   1 
ATOM   104  C CB  . MET A 1 13  ? 0.532   6.082   4.074   1.00 6.07  ? 13  MET A CB  1 
ATOM   105  C CG  . MET A 1 13  ? 0.162   5.078   5.049   1.00 7.23  ? 13  MET A CG  1 
ATOM   106  S SD  . MET A 1 13  ? -1.564  4.562   5.103   1.00 8.73  ? 13  MET A SD  1 
ATOM   107  C CE  . MET A 1 13  ? -2.389  6.131   5.417   1.00 7.88  ? 13  MET A CE  1 
ATOM   108  N N   . ASP A 1 14  ? -0.838  7.508   1.386   1.00 6.21  ? 14  ASP A N   1 
ATOM   109  C CA  . ASP A 1 14  ? -1.037  8.733   0.695   1.00 8.00  ? 14  ASP A CA  1 
ATOM   110  C C   . ASP A 1 14  ? -2.296  9.452   1.165   1.00 9.68  ? 14  ASP A C   1 
ATOM   111  O O   . ASP A 1 14  ? -3.289  9.477   0.437   1.00 9.64  ? 14  ASP A O   1 
ATOM   112  C CB  . ASP A 1 14  ? -0.820  8.768   -0.820  1.00 8.37  ? 14  ASP A CB  1 
ATOM   113  C CG  . ASP A 1 14  ? -0.750  10.221  -1.286  1.00 9.84  ? 14  ASP A CG  1 
ATOM   114  O OD1 . ASP A 1 14  ? -0.740  11.138  -0.444  1.00 10.72 ? 14  ASP A OD1 1 
ATOM   115  O OD2 . ASP A 1 14  ? -0.753  10.394  -2.471  1.00 11.34 ? 14  ASP A OD2 1 
ATOM   116  N N   . SER A 1 15  ? -2.226  10.075  2.331   1.00 10.01 ? 15  SER A N   1 
ATOM   117  C CA  . SER A 1 15  ? -3.292  10.823  2.956   1.00 12.14 ? 15  SER A CA  1 
ATOM   118  C C   . SER A 1 15  ? -3.518  12.196  2.351   1.00 12.22 ? 15  SER A C   1 
ATOM   119  O O   . SER A 1 15  ? -4.535  12.816  2.786   1.00 12.17 ? 15  SER A O   1 
ATOM   120  C CB  . SER A 1 15  ? -2.949  11.147  4.439   1.00 11.95 ? 15  SER A CB  1 
ATOM   121  O OG  . SER A 1 15  ? -2.732  9.813   4.992   1.00 16.57 ? 15  SER A OG  1 
ATOM   122  N N   . SER A 1 16  ? -2.644  12.599  1.487   1.00 13.17 ? 16  SER A N   1 
ATOM   123  C CA  . SER A 1 16  ? -2.725  13.937  0.865   1.00 14.39 ? 16  SER A CA  1 
ATOM   124  C C   . SER A 1 16  ? -3.782  14.087  -0.196  1.00 15.34 ? 16  SER A C   1 
ATOM   125  O O   . SER A 1 16  ? -4.051  15.270  -0.600  1.00 15.54 ? 16  SER A O   1 
ATOM   126  C CB  . SER A 1 16  ? -1.381  14.362  0.329   1.00 14.93 ? 16  SER A CB  1 
ATOM   127  O OG  . SER A 1 16  ? -1.112  13.721  -0.941  1.00 16.03 ? 16  SER A OG  1 
ATOM   128  N N   . THR A 1 17  ? -4.364  13.025  -0.680  1.00 14.10 ? 17  THR A N   1 
ATOM   129  C CA  . THR A 1 17  ? -5.376  13.077  -1.729  1.00 14.75 ? 17  THR A CA  1 
ATOM   130  C C   . THR A 1 17  ? -6.488  12.067  -1.389  1.00 12.77 ? 17  THR A C   1 
ATOM   131  O O   . THR A 1 17  ? -6.193  11.171  -0.613  1.00 12.40 ? 17  THR A O   1 
ATOM   132  C CB  . THR A 1 17  ? -4.791  12.694  -3.148  1.00 16.04 ? 17  THR A CB  1 
ATOM   133  O OG1 . THR A 1 17  ? -4.088  11.410  -3.017  1.00 17.85 ? 17  THR A OG1 1 
ATOM   134  C CG2 . THR A 1 17  ? -3.984  13.712  -3.873  1.00 19.13 ? 17  THR A CG2 1 
ATOM   135  N N   . SER A 1 18  ? -7.645  12.287  -1.977  1.00 12.32 ? 18  SER A N   1 
ATOM   136  C CA  . SER A 1 18  ? -8.790  11.359  -1.811  1.00 12.09 ? 18  SER A CA  1 
ATOM   137  C C   . SER A 1 18  ? -8.694  10.166  -2.788  1.00 10.98 ? 18  SER A C   1 
ATOM   138  O O   . SER A 1 18  ? -9.315  9.111   -2.583  1.00 11.50 ? 18  SER A O   1 
ATOM   139  C CB  . SER A 1 18  ? -10.121 12.090  -2.057  1.00 10.79 ? 18  SER A CB  1 
ATOM   140  O OG  . SER A 1 18  ? -10.223 12.657  -3.322  1.00 12.33 ? 18  SER A OG  1 
ATOM   141  N N   . ALA A 1 19  ? -8.018  10.370  -3.887  1.00 11.96 ? 19  ALA A N   1 
ATOM   142  C CA  . ALA A 1 19  ? -7.840  9.411   -4.979  1.00 11.64 ? 19  ALA A CA  1 
ATOM   143  C C   . ALA A 1 19  ? -6.699  9.889   -5.876  1.00 12.75 ? 19  ALA A C   1 
ATOM   144  O O   . ALA A 1 19  ? -6.274  11.037  -5.752  1.00 12.81 ? 19  ALA A O   1 
ATOM   145  C CB  . ALA A 1 19  ? -9.115  9.350   -5.819  1.00 11.61 ? 19  ALA A CB  1 
ATOM   146  N N   . ALA A 1 20  ? -6.252  9.017   -6.773  1.00 12.82 ? 20  ALA A N   1 
ATOM   147  C CA  . ALA A 1 20  ? -5.139  9.405   -7.691  1.00 14.94 ? 20  ALA A CA  1 
ATOM   148  C C   . ALA A 1 20  ? -5.656  10.550  -8.596  1.00 16.14 ? 20  ALA A C   1 
ATOM   149  O O   . ALA A 1 20  ? -6.764  10.444  -9.143  1.00 16.25 ? 20  ALA A O   1 
ATOM   150  C CB  . ALA A 1 20  ? -4.794  8.195   -8.577  1.00 13.76 ? 20  ALA A CB  1 
ATOM   151  N N   . SER A 1 21  ? -4.824  11.533  -8.725  1.00 18.20 ? 21  SER A N   1 
ATOM   152  C CA  . SER A 1 21  ? -5.091  12.726  -9.551  1.00 21.14 ? 21  SER A CA  1 
ATOM   153  C C   . SER A 1 21  ? -5.040  12.534  -11.037 1.00 21.54 ? 21  SER A C   1 
ATOM   154  O O   . SER A 1 21  ? -5.971  12.947  -11.762 1.00 24.41 ? 21  SER A O   1 
ATOM   155  C CB  . SER A 1 21  ? -4.106  13.818  -9.142  1.00 22.41 ? 21  SER A CB  1 
ATOM   156  O OG  . SER A 1 21  ? -2.925  13.243  -8.565  1.00 23.50 ? 21  SER A OG  1 
ATOM   157  N N   . SER A 1 22  ? -4.011  11.885  -11.549 1.00 20.75 ? 22  SER A N   1 
ATOM   158  C CA  . SER A 1 22  ? -3.839  11.671  -13.006 1.00 19.39 ? 22  SER A CA  1 
ATOM   159  C C   . SER A 1 22  ? -3.307  10.281  -13.313 1.00 17.99 ? 22  SER A C   1 
ATOM   160  O O   . SER A 1 22  ? -2.924  9.551   -12.402 1.00 16.54 ? 22  SER A O   1 
ATOM   161  C CB  . SER A 1 22  ? -2.749  12.726  -13.434 1.00 19.41 ? 22  SER A CB  1 
ATOM   162  O OG  . SER A 1 22  ? -1.557  12.425  -12.765 1.00 19.52 ? 22  SER A OG  1 
ATOM   163  N N   . SER A 1 23  ? -3.227  9.993   -14.615 1.00 16.56 ? 23  SER A N   1 
ATOM   164  C CA  . SER A 1 23  ? -2.674  8.722   -15.081 1.00 16.01 ? 23  SER A CA  1 
ATOM   165  C C   . SER A 1 23  ? -1.195  8.670   -14.709 1.00 14.42 ? 23  SER A C   1 
ATOM   166  O O   . SER A 1 23  ? -0.619  7.571   -14.665 1.00 14.78 ? 23  SER A O   1 
ATOM   167  C CB  . SER A 1 23  ? -2.855  8.585   -16.610 1.00 16.94 ? 23  SER A CB  1 
ATOM   168  O OG  . SER A 1 23  ? -1.970  9.554   -17.245 1.00 18.33 ? 23  SER A OG  1 
ATOM   169  N N   . ASN A 1 24  ? -0.609  9.828   -14.401 1.00 12.35 ? 24  ASN A N   1 
ATOM   170  C CA  . ASN A 1 24  ? 0.829   9.820   -14.017 1.00 12.44 ? 24  ASN A CA  1 
ATOM   171  C C   . ASN A 1 24  ? 1.058   9.663   -12.503 1.00 10.02 ? 24  ASN A C   1 
ATOM   172  O O   . ASN A 1 24  ? 2.220   9.685   -12.152 1.00 9.89  ? 24  ASN A O   1 
ATOM   173  C CB  . ASN A 1 24  ? 1.619   11.002  -14.564 1.00 14.27 ? 24  ASN A CB  1 
ATOM   174  C CG  . ASN A 1 24  ? 1.481   11.068  -16.085 1.00 16.94 ? 24  ASN A CG  1 
ATOM   175  O OD1 . ASN A 1 24  ? 1.972   10.141  -16.717 1.00 19.02 ? 24  ASN A OD1 1 
ATOM   176  N ND2 . ASN A 1 24  ? 0.754   12.069  -16.593 1.00 18.30 ? 24  ASN A ND2 1 
ATOM   177  N N   . TYR A 1 25  ? 0.047   9.562   -11.705 1.00 8.83  ? 25  TYR A N   1 
ATOM   178  C CA  . TYR A 1 25  ? 0.162   9.402   -10.265 1.00 7.85  ? 25  TYR A CA  1 
ATOM   179  C C   . TYR A 1 25  ? 1.117   8.327   -9.836  1.00 7.36  ? 25  TYR A C   1 
ATOM   180  O O   . TYR A 1 25  ? 2.130   8.607   -9.084  1.00 5.62  ? 25  TYR A O   1 
ATOM   181  C CB  . TYR A 1 25  ? -1.229  9.397   -9.569  1.00 8.22  ? 25  TYR A CB  1 
ATOM   182  C CG  . TYR A 1 25  ? -1.130  9.101   -8.076  1.00 8.43  ? 25  TYR A CG  1 
ATOM   183  C CD1 . TYR A 1 25  ? -1.176  10.141  -7.149  1.00 8.87  ? 25  TYR A CD1 1 
ATOM   184  C CD2 . TYR A 1 25  ? -0.953  7.800   -7.626  1.00 8.30  ? 25  TYR A CD2 1 
ATOM   185  C CE1 . TYR A 1 25  ? -1.071  9.899   -5.768  1.00 9.09  ? 25  TYR A CE1 1 
ATOM   186  C CE2 . TYR A 1 25  ? -0.887  7.556   -6.238  1.00 9.26  ? 25  TYR A CE2 1 
ATOM   187  C CZ  . TYR A 1 25  ? -0.904  8.586   -5.346  1.00 8.63  ? 25  TYR A CZ  1 
ATOM   188  O OH  . TYR A 1 25  ? -0.789  8.312   -3.976  1.00 8.65  ? 25  TYR A OH  1 
ATOM   189  N N   . CYS A 1 26  ? 0.964   7.084   -10.272 1.00 6.01  ? 26  CYS A N   1 
ATOM   190  C CA  . CYS A 1 26  ? 1.883   6.018   -9.882  1.00 6.48  ? 26  CYS A CA  1 
ATOM   191  C C   . CYS A 1 26  ? 3.315   6.331   -10.308 1.00 8.55  ? 26  CYS A C   1 
ATOM   192  O O   . CYS A 1 26  ? 4.289   6.091   -9.538  1.00 7.66  ? 26  CYS A O   1 
ATOM   193  C CB  . CYS A 1 26  ? 1.401   4.650   -10.457 1.00 6.75  ? 26  CYS A CB  1 
ATOM   194  S SG  . CYS A 1 26  ? -0.124  4.084   -9.678  1.00 6.75  ? 26  CYS A SG  1 
ATOM   195  N N   . ASN A 1 27  ? 3.512   6.846   -11.534 1.00 9.83  ? 27  ASN A N   1 
ATOM   196  C CA  . ASN A 1 27  ? 4.866   7.196   -12.001 1.00 10.81 ? 27  ASN A CA  1 
ATOM   197  C C   . ASN A 1 27  ? 5.513   8.201   -11.038 1.00 10.95 ? 27  ASN A C   1 
ATOM   198  O O   . ASN A 1 27  ? 6.668   7.965   -10.676 1.00 11.65 ? 27  ASN A O   1 
ATOM   199  C CB  . ASN A 1 27  ? 4.852   7.736   -13.425 1.00 12.89 ? 27  ASN A CB  1 
ATOM   200  C CG  . ASN A 1 27  ? 4.653   6.621   -14.475 1.00 13.46 ? 27  ASN A CG  1 
ATOM   201  O OD1 . ASN A 1 27  ? 4.950   5.470   -14.181 1.00 14.11 ? 27  ASN A OD1 1 
ATOM   202  N ND2 . ASN A 1 27  ? 4.133   7.044   -15.615 1.00 15.50 ? 27  ASN A ND2 1 
ATOM   203  N N   . GLN A 1 28  ? 4.838   9.227   -10.668 1.00 12.09 ? 28  GLN A N   1 
ATOM   204  C CA  . GLN A 1 28  ? 5.368   10.253  -9.729  1.00 13.67 ? 28  GLN A CA  1 
ATOM   205  C C   . GLN A 1 28  ? 5.621   9.710   -8.336  1.00 12.42 ? 28  GLN A C   1 
ATOM   206  O O   . GLN A 1 28  ? 6.682   10.009  -7.753  1.00 11.35 ? 28  GLN A O   1 
ATOM   207  C CB  . GLN A 1 28  ? 4.458   11.474  -9.654  1.00 16.82 ? 28  GLN A CB  1 
ATOM   208  C CG  . GLN A 1 28  ? 4.261   12.061  -11.062 1.00 22.11 ? 28  GLN A CG  1 
ATOM   209  C CD  . GLN A 1 28  ? 3.090   13.016  -11.108 1.00 24.92 ? 28  GLN A CD  1 
ATOM   210  O OE1 . GLN A 1 28  ? 2.088   12.945  -10.348 1.00 26.98 ? 28  GLN A OE1 1 
ATOM   211  N NE2 . GLN A 1 28  ? 3.212   13.984  -12.036 1.00 27.18 ? 28  GLN A NE2 1 
ATOM   212  N N   . MET A 1 29  ? 4.680   8.946   -7.815  1.00 12.01 ? 29  MET A N   1 
ATOM   213  C CA  . MET A 1 29  ? 4.729   8.396   -6.467  1.00 11.83 ? 29  MET A CA  1 
ATOM   214  C C   . MET A 1 29  ? 5.754   7.345   -6.307  1.00 11.47 ? 29  MET A C   1 
ATOM   215  O O   . MET A 1 29  ? 6.416   7.333   -5.229  1.00 11.03 ? 29  MET A O   1 
ATOM   216  C CB  . MET A 1 29  ? 3.405   8.013   -5.871  1.00 12.65 ? 29  MET A CB  1 
ATOM   217  C CG  . MET A 1 29  ? 2.409   9.099   -5.728  1.00 15.06 ? 29  MET A CG  1 
ATOM   218  S SD  . MET A 1 29  ? 2.897   10.361  -4.496  1.00 18.65 ? 29  MET A SD  1 
ATOM   219  C CE  . MET A 1 29  ? 2.942   9.427   -3.010  1.00 16.27 ? 29  MET A CE  1 
ATOM   220  N N   . MET A 1 30  ? 5.853   6.432   -7.278  1.00 9.93  ? 30  MET A N   1 
ATOM   221  C CA  . MET A 1 30  ? 6.859   5.341   -7.169  1.00 11.08 ? 30  MET A CA  1 
ATOM   222  C C   . MET A 1 30  ? 8.255   5.927   -7.065  1.00 11.95 ? 30  MET A C   1 
ATOM   223  O O   . MET A 1 30  ? 9.123   5.474   -6.262  1.00 11.73 ? 30  MET A O   1 
ATOM   224  C CB  . MET A 1 30  ? 6.733   4.284   -8.248  1.00 10.27 ? 30  MET A CB  1 
ATOM   225  C CG  . MET A 1 30  ? 5.376   3.588   -8.138  1.00 10.51 ? 30  MET A CG  1 
ATOM   226  S SD  . MET A 1 30  ? 5.216   2.610   -6.669  1.00 10.52 ? 30  MET A SD  1 
ATOM   227  C CE  . MET A 1 30  ? 6.005   1.030   -7.030  1.00 10.39 ? 30  MET A CE  1 
ATOM   228  N N   . LYS A 1 31  ? 8.449   6.984   -7.818  1.00 13.69 ? 31  LYS A N   1 
ATOM   229  C CA  . LYS A 1 31  ? 9.731   7.682   -7.909  1.00 16.02 ? 31  LYS A CA  1 
ATOM   230  C C   . LYS A 1 31  ? 10.009  8.527   -6.685  1.00 15.24 ? 31  LYS A C   1 
ATOM   231  O O   . LYS A 1 31  ? 11.098  8.382   -6.108  1.00 15.95 ? 31  LYS A O   1 
ATOM   232  C CB  . LYS A 1 31  ? 9.786   8.625   -9.121  1.00 18.79 ? 31  LYS A CB  1 
ATOM   233  C CG  . LYS A 1 31  ? 11.210  8.901   -9.558  1.00 22.06 ? 31  LYS A CG  1 
ATOM   234  C CD  . LYS A 1 31  ? 11.500  10.346  -9.837  1.00 24.49 ? 31  LYS A CD  1 
ATOM   235  C CE  . LYS A 1 31  ? 11.041  10.847  -11.201 1.00 26.36 ? 31  LYS A CE  1 
ATOM   236  N NZ  . LYS A 1 31  ? 11.708  12.223  -11.422 1.00 27.69 ? 31  LYS A NZ  1 
ATOM   237  N N   . SER A 1 32  ? 9.081   9.377   -6.280  1.00 14.57 ? 32  SER A N   1 
ATOM   238  C CA  . SER A 1 32  ? 9.302   10.244  -5.097  1.00 14.16 ? 32  SER A CA  1 
ATOM   239  C C   . SER A 1 32  ? 9.405   9.508   -3.771  1.00 14.06 ? 32  SER A C   1 
ATOM   240  O O   . SER A 1 32  ? 10.108  10.036  -2.838  1.00 14.55 ? 32  SER A O   1 
ATOM   241  C CB  . SER A 1 32  ? 8.354   11.390  -5.123  1.00 14.10 ? 32  SER A CB  1 
ATOM   242  O OG  . SER A 1 32  ? 7.079   10.848  -4.715  1.00 16.18 ? 32  SER A OG  1 
ATOM   243  N N   . ARG A 1 33  ? 8.800   8.327   -3.615  1.00 11.91 ? 33  ARG A N   1 
ATOM   244  C CA  . ARG A 1 33  ? 8.947   7.568   -2.349  1.00 10.93 ? 33  ARG A CA  1 
ATOM   245  C C   . ARG A 1 33  ? 10.139  6.667   -2.368  1.00 10.53 ? 33  ARG A C   1 
ATOM   246  O O   . ARG A 1 33  ? 10.432  5.873   -1.453  1.00 11.46 ? 33  ARG A O   1 
ATOM   247  C CB  . ARG A 1 33  ? 7.629   6.795   -2.085  1.00 9.16  ? 33  ARG A CB  1 
ATOM   248  C CG  . ARG A 1 33  ? 6.462   7.719   -1.847  1.00 8.44  ? 33  ARG A CG  1 
ATOM   249  C CD  . ARG A 1 33  ? 6.607   8.456   -0.508  1.00 7.71  ? 33  ARG A CD  1 
ATOM   250  N NE  . ARG A 1 33  ? 5.386   9.178   -0.261  1.00 8.62  ? 33  ARG A NE  1 
ATOM   251  C CZ  . ARG A 1 33  ? 4.257   8.660   0.255   1.00 10.30 ? 33  ARG A CZ  1 
ATOM   252  N NH1 . ARG A 1 33  ? 4.089   7.365   0.565   1.00 9.13  ? 33  ARG A NH1 1 
ATOM   253  N NH2 . ARG A 1 33  ? 3.258   9.552   0.420   1.00 9.79  ? 33  ARG A NH2 1 
ATOM   254  N N   . ASN A 1 34  ? 10.906  6.719   -3.430  1.00 13.56 ? 34  ASN A N   1 
ATOM   255  C CA  . ASN A 1 34  ? 12.122  5.950   -3.722  1.00 14.19 ? 34  ASN A CA  1 
ATOM   256  C C   . ASN A 1 34  ? 11.835  4.466   -3.744  1.00 13.69 ? 34  ASN A C   1 
ATOM   257  O O   . ASN A 1 34  ? 12.542  3.612   -3.169  1.00 13.33 ? 34  ASN A O   1 
ATOM   258  C CB  . ASN A 1 34  ? 13.167  6.334   -2.625  1.00 18.39 ? 34  ASN A CB  1 
ATOM   259  C CG  . ASN A 1 34  ? 13.803  7.683   -2.936  1.00 20.65 ? 34  ASN A CG  1 
ATOM   260  O OD1 . ASN A 1 34  ? 13.876  8.148   -4.101  1.00 23.44 ? 34  ASN A OD1 1 
ATOM   261  N ND2 . ASN A 1 34  ? 14.335  8.361   -1.914  1.00 22.14 ? 34  ASN A ND2 1 
ATOM   262  N N   . LEU A 1 35  ? 10.698  4.117   -4.356  1.00 12.25 ? 35  LEU A N   1 
ATOM   263  C CA  . LEU A 1 35  ? 10.294  2.690   -4.357  1.00 13.36 ? 35  LEU A CA  1 
ATOM   264  C C   . LEU A 1 35  ? 10.889  1.957   -5.551  1.00 14.65 ? 35  LEU A C   1 
ATOM   265  O O   . LEU A 1 35  ? 10.719  0.749   -5.592  1.00 15.93 ? 35  LEU A O   1 
ATOM   266  C CB  . LEU A 1 35  ? 8.757   2.635   -4.278  1.00 10.66 ? 35  LEU A CB  1 
ATOM   267  C CG  . LEU A 1 35  ? 8.160   3.173   -2.976  1.00 9.52  ? 35  LEU A CG  1 
ATOM   268  C CD1 . LEU A 1 35  ? 6.678   3.312   -3.092  1.00 8.02  ? 35  LEU A CD1 1 
ATOM   269  C CD2 . LEU A 1 35  ? 8.643   2.304   -1.821  1.00 7.61  ? 35  LEU A CD2 1 
ATOM   270  N N   . THR A 1 36  ? 11.553  2.691   -6.415  1.00 16.77 ? 36  THR A N   1 
ATOM   271  C CA  . THR A 1 36  ? 12.146  2.080   -7.602  1.00 20.08 ? 36  THR A CA  1 
ATOM   272  C C   . THR A 1 36  ? 13.662  2.232   -7.677  1.00 22.33 ? 36  THR A C   1 
ATOM   273  O O   . THR A 1 36  ? 14.246  2.106   -8.765  1.00 22.60 ? 36  THR A O   1 
ATOM   274  C CB  . THR A 1 36  ? 11.437  2.605   -8.899  1.00 19.18 ? 36  THR A CB  1 
ATOM   275  O OG1 . THR A 1 36  ? 11.872  3.963   -9.002  1.00 20.27 ? 36  THR A OG1 1 
ATOM   276  C CG2 . THR A 1 36  ? 9.916   2.481   -8.959  1.00 19.53 ? 36  THR A CG2 1 
ATOM   277  N N   . LYS A 1 37  ? 14.321  2.431   -6.557  1.00 25.28 ? 37  LYS A N   1 
ATOM   278  C CA  . LYS A 1 37  ? 15.779  2.519   -6.475  1.00 27.53 ? 37  LYS A CA  1 
ATOM   279  C C   . LYS A 1 37  ? 16.504  1.208   -6.717  1.00 28.15 ? 37  LYS A C   1 
ATOM   280  O O   . LYS A 1 37  ? 17.572  1.171   -7.358  1.00 28.81 ? 37  LYS A O   1 
ATOM   281  C CB  . LYS A 1 37  ? 16.196  3.032   -5.060  1.00 28.76 ? 37  LYS A CB  1 
ATOM   282  C CG  . LYS A 1 37  ? 16.395  4.542   -5.089  1.00 30.89 ? 37  LYS A CG  1 
ATOM   283  C CD  . LYS A 1 37  ? 15.303  5.399   -5.604  1.00 32.21 ? 37  LYS A CD  1 
ATOM   284  C CE  . LYS A 1 37  ? 15.231  5.561   -7.117  1.00 33.72 ? 37  LYS A CE  1 
ATOM   285  N NZ  . LYS A 1 37  ? 14.218  6.616   -7.483  1.00 34.23 ? 37  LYS A NZ  1 
ATOM   286  N N   . ASP A 1 38  ? 16.006  0.108   -6.232  1.00 29.44 ? 38  ASP A N   1 
ATOM   287  C CA  . ASP A 1 38  ? 16.618  -1.179  -6.353  1.00 30.99 ? 38  ASP A CA  1 
ATOM   288  C C   . ASP A 1 38  ? 16.180  -1.990  -7.556  1.00 30.25 ? 38  ASP A C   1 
ATOM   289  O O   . ASP A 1 38  ? 16.985  -2.790  -8.066  1.00 29.58 ? 38  ASP A O   1 
ATOM   290  C CB  . ASP A 1 38  ? 16.599  -1.911  -5.021  1.00 34.07 ? 38  ASP A CB  1 
ATOM   291  C CG  . ASP A 1 38  ? 17.339  -1.150  -3.917  1.00 36.64 ? 38  ASP A CG  1 
ATOM   292  O OD1 . ASP A 1 38  ? 16.737  -0.376  -3.138  1.00 38.24 ? 38  ASP A OD1 1 
ATOM   293  O OD2 . ASP A 1 38  ? 18.574  -1.357  -3.769  1.00 37.99 ? 38  ASP A OD2 1 
ATOM   294  N N   . ARG A 1 39  ? 14.938  -1.802  -7.945  1.00 28.15 ? 39  ARG A N   1 
ATOM   295  C CA  . ARG A 1 39  ? 14.289  -2.555  -9.039  1.00 26.25 ? 39  ARG A CA  1 
ATOM   296  C C   . ARG A 1 39  ? 12.906  -1.923  -9.272  1.00 23.82 ? 39  ARG A C   1 
ATOM   297  O O   . ARG A 1 39  ? 12.485  -1.096  -8.450  1.00 22.64 ? 39  ARG A O   1 
ATOM   298  C CB  . ARG A 1 39  ? 14.086  -4.015  -8.587  1.00 27.41 ? 39  ARG A CB  1 
ATOM   299  C CG  . ARG A 1 39  ? 13.066  -4.296  -7.536  1.00 29.64 ? 39  ARG A CG  1 
ATOM   300  C CD  . ARG A 1 39  ? 12.979  -5.636  -6.920  1.00 30.99 ? 39  ARG A CD  1 
ATOM   301  N NE  . ARG A 1 39  ? 11.687  -5.848  -6.247  1.00 33.01 ? 39  ARG A NE  1 
ATOM   302  C CZ  . ARG A 1 39  ? 10.629  -6.589  -6.521  1.00 33.69 ? 39  ARG A CZ  1 
ATOM   303  N NH1 . ARG A 1 39  ? 10.611  -7.476  -7.538  1.00 34.37 ? 39  ARG A NH1 1 
ATOM   304  N NH2 . ARG A 1 39  ? 9.498   -6.601  -5.750  1.00 34.22 ? 39  ARG A NH2 1 
ATOM   305  N N   . CYS A 1 40  ? 12.227  -2.388  -10.282 1.00 21.23 ? 40  CYS A N   1 
ATOM   306  C CA  . CYS A 1 40  ? 10.825  -1.878  -10.504 1.00 19.66 ? 40  CYS A CA  1 
ATOM   307  C C   . CYS A 1 40  ? 9.917   -2.829  -9.764  1.00 18.71 ? 40  CYS A C   1 
ATOM   308  O O   . CYS A 1 40  ? 9.831   -3.968  -10.256 1.00 20.49 ? 40  CYS A O   1 
ATOM   309  C CB  . CYS A 1 40  ? 10.499  -1.981  -12.016 1.00 19.14 ? 40  CYS A CB  1 
ATOM   310  S SG  . CYS A 1 40  ? 11.509  -0.939  -13.021 1.00 19.64 ? 40  CYS A SG  1 
ATOM   311  N N   . LYS A 1 41  ? 9.264   -2.424  -8.716  1.00 17.62 ? 41  LYS A N   1 
ATOM   312  C CA  . LYS A 1 41  ? 8.270   -3.340  -8.060  1.00 16.17 ? 41  LYS A CA  1 
ATOM   313  C C   . LYS A 1 41  ? 7.164   -3.527  -9.148  1.00 15.06 ? 41  LYS A C   1 
ATOM   314  O O   . LYS A 1 41  ? 6.791   -2.560  -9.823  1.00 16.10 ? 41  LYS A O   1 
ATOM   315  C CB  . LYS A 1 41  ? 7.635   -2.636  -6.873  1.00 16.43 ? 41  LYS A CB  1 
ATOM   316  C CG  . LYS A 1 41  ? 8.579   -2.360  -5.722  1.00 16.77 ? 41  LYS A CG  1 
ATOM   317  C CD  . LYS A 1 41  ? 7.755   -1.967  -4.477  1.00 16.75 ? 41  LYS A CD  1 
ATOM   318  C CE  . LYS A 1 41  ? 8.679   -1.444  -3.396  1.00 16.58 ? 41  LYS A CE  1 
ATOM   319  N NZ  . LYS A 1 41  ? 9.756   -2.395  -3.086  1.00 18.57 ? 41  LYS A NZ  1 
ATOM   320  N N   . PRO A 1 42  ? 6.754   -4.721  -9.319  1.00 14.46 ? 42  PRO A N   1 
ATOM   321  C CA  . PRO A 1 42  ? 5.716   -5.092  -10.307 1.00 13.80 ? 42  PRO A CA  1 
ATOM   322  C C   . PRO A 1 42  ? 4.359   -4.483  -10.002 1.00 12.07 ? 42  PRO A C   1 
ATOM   323  O O   . PRO A 1 42  ? 3.666   -4.056  -10.936 1.00 11.47 ? 42  PRO A O   1 
ATOM   324  C CB  . PRO A 1 42  ? 5.622   -6.588  -10.264 1.00 14.85 ? 42  PRO A CB  1 
ATOM   325  C CG  . PRO A 1 42  ? 6.830   -7.018  -9.503  1.00 15.97 ? 42  PRO A CG  1 
ATOM   326  C CD  . PRO A 1 42  ? 7.193   -5.917  -8.545  1.00 15.56 ? 42  PRO A CD  1 
ATOM   327  N N   . VAL A 1 43  ? 4.022   -4.457  -8.709  1.00 10.19 ? 43  VAL A N   1 
ATOM   328  C CA  . VAL A 1 43  ? 2.704   -3.856  -8.324  1.00 9.71  ? 43  VAL A CA  1 
ATOM   329  C C   . VAL A 1 43  ? 2.929   -3.025  -7.019  1.00 9.42  ? 43  VAL A C   1 
ATOM   330  O O   . VAL A 1 43  ? 3.800   -3.435  -6.218  1.00 10.78 ? 43  VAL A O   1 
ATOM   331  C CB  . VAL A 1 43  ? 1.611   -4.908  -8.140  0.70 9.51  ? 43  VAL A CB  1 
ATOM   332  C CG1 . VAL A 1 43  ? 1.330   -5.816  -9.319  0.70 9.62  ? 43  VAL A CG1 1 
ATOM   333  C CG2 . VAL A 1 43  ? 1.622   -5.667  -6.826  0.70 10.03 ? 43  VAL A CG2 1 
ATOM   334  N N   . ASN A 1 44  ? 2.061   -2.082  -6.785  1.00 7.03  ? 44  ASN A N   1 
ATOM   335  C CA  . ASN A 1 44  ? 2.113   -1.408  -5.479  1.00 6.67  ? 44  ASN A CA  1 
ATOM   336  C C   . ASN A 1 44  ? 0.730   -0.858  -5.226  1.00 5.57  ? 44  ASN A C   1 
ATOM   337  O O   . ASN A 1 44  ? 0.085   -0.595  -6.245  1.00 7.41  ? 44  ASN A O   1 
ATOM   338  C CB  . ASN A 1 44  ? 3.224   -0.321  -5.419  1.00 6.33  ? 44  ASN A CB  1 
ATOM   339  C CG  . ASN A 1 44  ? 3.363   0.120   -3.948  1.00 5.25  ? 44  ASN A CG  1 
ATOM   340  O OD1 . ASN A 1 44  ? 3.309   -0.706  -3.019  1.00 5.17  ? 44  ASN A OD1 1 
ATOM   341  N ND2 . ASN A 1 44  ? 3.425   1.405   -3.687  1.00 5.56  ? 44  ASN A ND2 1 
ATOM   342  N N   . THR A 1 45  ? 0.317   -0.700  -4.008  1.00 5.30  ? 45  THR A N   1 
ATOM   343  C CA  . THR A 1 45  ? -1.003  -0.076  -3.697  1.00 5.18  ? 45  THR A CA  1 
ATOM   344  C C   . THR A 1 45  ? -0.760  1.166   -2.815  1.00 5.33  ? 45  THR A C   1 
ATOM   345  O O   . THR A 1 45  ? 0.048   1.011   -1.882  1.00 5.59  ? 45  THR A O   1 
ATOM   346  C CB  . THR A 1 45  ? -1.926  -1.117  -2.928  1.00 5.48  ? 45  THR A CB  1 
ATOM   347  O OG1 . THR A 1 45  ? -2.009  -2.199  -3.947  1.00 7.66  ? 45  THR A OG1 1 
ATOM   348  C CG2 . THR A 1 45  ? -3.322  -0.568  -2.596  1.00 4.55  ? 45  THR A CG2 1 
ATOM   349  N N   . PHE A 1 46  ? -1.458  2.244   -3.084  1.00 3.94  ? 46  PHE A N   1 
ATOM   350  C CA  . PHE A 1 46  ? -1.366  3.431   -2.184  1.00 4.83  ? 46  PHE A CA  1 
ATOM   351  C C   . PHE A 1 46  ? -2.755  3.558   -1.559  1.00 5.75  ? 46  PHE A C   1 
ATOM   352  O O   . PHE A 1 46  ? -3.749  3.299   -2.280  1.00 5.95  ? 46  PHE A O   1 
ATOM   353  C CB  . PHE A 1 46  ? -0.951  4.744   -2.854  1.00 4.72  ? 46  PHE A CB  1 
ATOM   354  C CG  . PHE A 1 46  ? 0.493   4.756   -3.243  1.00 5.44  ? 46  PHE A CG  1 
ATOM   355  C CD1 . PHE A 1 46  ? 1.465   5.168   -2.291  1.00 6.29  ? 46  PHE A CD1 1 
ATOM   356  C CD2 . PHE A 1 46  ? 0.854   4.443   -4.536  1.00 5.60  ? 46  PHE A CD2 1 
ATOM   357  C CE1 . PHE A 1 46  ? 2.815   5.168   -2.668  1.00 6.46  ? 46  PHE A CE1 1 
ATOM   358  C CE2 . PHE A 1 46  ? 2.217   4.447   -4.927  1.00 7.05  ? 46  PHE A CE2 1 
ATOM   359  C CZ  . PHE A 1 46  ? 3.175   4.844   -3.974  1.00 6.99  ? 46  PHE A CZ  1 
ATOM   360  N N   . VAL A 1 47  ? -2.832  3.920   -0.324  1.00 6.14  ? 47  VAL A N   1 
ATOM   361  C CA  . VAL A 1 47  ? -4.075  4.049   0.427   1.00 6.30  ? 47  VAL A CA  1 
ATOM   362  C C   . VAL A 1 47  ? -4.298  5.540   0.732   1.00 7.47  ? 47  VAL A C   1 
ATOM   363  O O   . VAL A 1 47  ? -3.462  6.212   1.363   1.00 8.00  ? 47  VAL A O   1 
ATOM   364  C CB  . VAL A 1 47  ? -3.962  3.184   1.753   1.00 6.76  ? 47  VAL A CB  1 
ATOM   365  C CG1 . VAL A 1 47  ? -5.351  3.190   2.435   1.00 7.08  ? 47  VAL A CG1 1 
ATOM   366  C CG2 . VAL A 1 47  ? -3.595  1.738   1.353   1.00 5.84  ? 47  VAL A CG2 1 
ATOM   367  N N   . HIS A 1 48  ? -5.485  5.988   0.366   1.00 6.87  ? 48  HIS A N   1 
ATOM   368  C CA  . HIS A 1 48  ? -5.835  7.414   0.494   1.00 7.70  ? 48  HIS A CA  1 
ATOM   369  C C   . HIS A 1 48  ? -6.789  7.609   1.663   1.00 7.60  ? 48  HIS A C   1 
ATOM   370  O O   . HIS A 1 48  ? -7.973  7.929   1.463   1.00 7.94  ? 48  HIS A O   1 
ATOM   371  C CB  . HIS A 1 48  ? -6.461  7.946   -0.805  1.00 7.36  ? 48  HIS A CB  1 
ATOM   372  C CG  . HIS A 1 48  ? -5.606  7.685   -2.022  1.00 7.90  ? 48  HIS A CG  1 
ATOM   373  N ND1 . HIS A 1 48  ? -4.466  8.364   -2.250  1.00 8.53  ? 48  HIS A ND1 1 
ATOM   374  C CD2 . HIS A 1 48  ? -5.741  6.796   -3.037  1.00 7.11  ? 48  HIS A CD2 1 
ATOM   375  C CE1 . HIS A 1 48  ? -3.920  7.902   -3.380  1.00 9.38  ? 48  HIS A CE1 1 
ATOM   376  N NE2 . HIS A 1 48  ? -4.679  6.944   -3.870  1.00 8.22  ? 48  HIS A NE2 1 
ATOM   377  N N   . GLU A 1 49  ? -6.301  7.265   2.808   1.00 7.46  ? 49  GLU A N   1 
ATOM   378  C CA  . GLU A 1 49  ? -7.089  7.396   4.076   1.00 7.96  ? 49  GLU A CA  1 
ATOM   379  C C   . GLU A 1 49  ? -6.124  7.984   5.114   1.00 7.40  ? 49  GLU A C   1 
ATOM   380  O O   . GLU A 1 49  ? -4.912  7.975   4.955   1.00 6.74  ? 49  GLU A O   1 
ATOM   381  C CB  . GLU A 1 49  ? -7.522  5.972   4.565   1.00 8.19  ? 49  GLU A CB  1 
ATOM   382  C CG  . GLU A 1 49  ? -8.505  5.276   3.646   1.00 8.57  ? 49  GLU A CG  1 
ATOM   383  C CD  . GLU A 1 49  ? -9.827  5.953   3.362   1.00 10.00 ? 49  GLU A CD  1 
ATOM   384  O OE1 . GLU A 1 49  ? -10.471 5.741   2.370   1.00 9.96  ? 49  GLU A OE1 1 
ATOM   385  O OE2 . GLU A 1 49  ? -10.187 6.851   4.141   1.00 10.41 ? 49  GLU A OE2 1 
ATOM   386  N N   . SER A 1 50  ? -6.689  8.466   6.214   1.00 7.94  ? 50  SER A N   1 
ATOM   387  C CA  . SER A 1 50  ? -5.772  9.032   7.260   1.00 8.11  ? 50  SER A CA  1 
ATOM   388  C C   . SER A 1 50  ? -4.936  7.925   7.863   1.00 8.70  ? 50  SER A C   1 
ATOM   389  O O   . SER A 1 50  ? -5.295  6.734   7.947   1.00 8.97  ? 50  SER A O   1 
ATOM   390  C CB  . SER A 1 50  ? -6.683  9.728   8.279   1.00 9.03  ? 50  SER A CB  1 
ATOM   391  O OG  . SER A 1 50  ? -7.149  8.809   9.218   1.00 7.56  ? 50  SER A OG  1 
ATOM   392  N N   . LEU A 1 51  ? -3.775  8.279   8.401   1.00 9.90  ? 51  LEU A N   1 
ATOM   393  C CA  . LEU A 1 51  ? -2.944  7.282   9.102   1.00 11.06 ? 51  LEU A CA  1 
ATOM   394  C C   . LEU A 1 51  ? -3.706  6.619   10.226  1.00 9.92  ? 51  LEU A C   1 
ATOM   395  O O   . LEU A 1 51  ? -3.610  5.429   10.417  1.00 9.56  ? 51  LEU A O   1 
ATOM   396  C CB  . LEU A 1 51  ? -1.583  7.810   9.472   1.00 12.32 ? 51  LEU A CB  1 
ATOM   397  C CG  . LEU A 1 51  ? -0.620  6.830   10.072  1.00 13.52 ? 51  LEU A CG  1 
ATOM   398  C CD1 . LEU A 1 51  ? -0.225  5.665   9.197   1.00 14.15 ? 51  LEU A CD1 1 
ATOM   399  C CD2 . LEU A 1 51  ? 0.698   7.674   10.266  1.00 15.57 ? 51  LEU A CD2 1 
ATOM   400  N N   . ALA A 1 52  ? -4.449  7.377   11.015  1.00 9.41  ? 52  ALA A N   1 
ATOM   401  C CA  . ALA A 1 52  ? -5.232  6.807   12.106  1.00 8.75  ? 52  ALA A CA  1 
ATOM   402  C C   . ALA A 1 52  ? -6.255  5.784   11.591  1.00 7.98  ? 52  ALA A C   1 
ATOM   403  O O   . ALA A 1 52  ? -6.454  4.779   12.269  1.00 8.07  ? 52  ALA A O   1 
ATOM   404  C CB  . ALA A 1 52  ? -5.985  7.945   12.796  1.00 8.86  ? 52  ALA A CB  1 
ATOM   405  N N   . ASP A 1 53  ? -6.900  5.978   10.473  1.00 7.59  ? 53  ASP A N   1 
ATOM   406  C CA  . ASP A 1 53  ? -7.928  4.975   10.028  1.00 7.54  ? 53  ASP A CA  1 
ATOM   407  C C   . ASP A 1 53  ? -7.221  3.666   9.600   1.00 6.84  ? 53  ASP A C   1 
ATOM   408  O O   . ASP A 1 53  ? -7.839  2.569   9.708   1.00 6.72  ? 53  ASP A O   1 
ATOM   409  C CB  . ASP A 1 53  ? -8.741  5.569   8.884   1.00 9.41  ? 53  ASP A CB  1 
ATOM   410  C CG  . ASP A 1 53  ? -9.719  6.626   9.443   1.00 11.36 ? 53  ASP A CG  1 
ATOM   411  O OD1 . ASP A 1 53  ? -9.807  6.754   10.654  1.00 11.83 ? 53  ASP A OD1 1 
ATOM   412  O OD2 . ASP A 1 53  ? -10.363 7.210   8.609   1.00 12.21 ? 53  ASP A OD2 1 
ATOM   413  N N   . VAL A 1 54  ? -6.078  3.823   9.014   1.00 6.17  ? 54  VAL A N   1 
ATOM   414  C CA  . VAL A 1 54  ? -5.265  2.635   8.575   1.00 5.74  ? 54  VAL A CA  1 
ATOM   415  C C   . VAL A 1 54  ? -4.686  1.885   9.745   1.00 5.32  ? 54  VAL A C   1 
ATOM   416  O O   . VAL A 1 54  ? -4.731  0.651   9.802   1.00 5.66  ? 54  VAL A O   1 
ATOM   417  C CB  . VAL A 1 54  ? -4.260  3.029   7.483   1.00 6.24  ? 54  VAL A CB  1 
ATOM   418  C CG1 . VAL A 1 54  ? -3.361  1.825   7.093   1.00 4.95  ? 54  VAL A CG1 1 
ATOM   419  C CG2 . VAL A 1 54  ? -4.936  3.662   6.285   1.00 5.29  ? 54  VAL A CG2 1 
ATOM   420  N N   . GLN A 1 55  ? -4.111  2.568   10.726  1.00 5.94  ? 55  GLN A N   1 
ATOM   421  C CA  . GLN A 1 55  ? -3.604  1.961   11.953  1.00 5.92  ? 55  GLN A CA  1 
ATOM   422  C C   . GLN A 1 55  ? -4.724  1.211   12.706  1.00 5.38  ? 55  GLN A C   1 
ATOM   423  O O   . GLN A 1 55  ? -4.461  0.187   13.334  1.00 3.94  ? 55  GLN A O   1 
ATOM   424  C CB  . GLN A 1 55  ? -2.920  2.987   12.866  1.00 6.65  ? 55  GLN A CB  1 
ATOM   425  C CG  . GLN A 1 55  ? -1.631  3.486   12.243  1.00 10.14 ? 55  GLN A CG  1 
ATOM   426  C CD  . GLN A 1 55  ? -0.929  4.507   13.102  1.00 11.54 ? 55  GLN A CD  1 
ATOM   427  O OE1 . GLN A 1 55  ? -1.614  5.291   13.782  1.00 12.53 ? 55  GLN A OE1 1 
ATOM   428  N NE2 . GLN A 1 55  ? 0.384   4.591   13.012  1.00 11.48 ? 55  GLN A NE2 1 
ATOM   429  N N   . ALA A 1 56  ? -5.940  1.716   12.665  1.00 5.78  ? 56  ALA A N   1 
ATOM   430  C CA  . ALA A 1 56  ? -7.107  1.125   13.319  1.00 6.39  ? 56  ALA A CA  1 
ATOM   431  C C   . ALA A 1 56  ? -7.480  -0.228  12.705  1.00 6.59  ? 56  ALA A C   1 
ATOM   432  O O   . ALA A 1 56  ? -8.097  -1.037  13.446  1.00 7.39  ? 56  ALA A O   1 
ATOM   433  C CB  . ALA A 1 56  ? -8.301  2.025   13.304  1.00 6.65  ? 56  ALA A CB  1 
ATOM   434  N N   . VAL A 1 57  ? -7.021  -0.466  11.504  1.00 5.64  ? 57  VAL A N   1 
ATOM   435  C CA  . VAL A 1 57  ? -7.238  -1.778  10.857  1.00 6.91  ? 57  VAL A CA  1 
ATOM   436  C C   . VAL A 1 57  ? -6.743  -2.907  11.740  1.00 6.28  ? 57  VAL A C   1 
ATOM   437  O O   . VAL A 1 57  ? -7.394  -3.951  11.798  1.00 6.53  ? 57  VAL A O   1 
ATOM   438  C CB  . VAL A 1 57  ? -6.841  -1.776  9.379   1.00 6.30  ? 57  VAL A CB  1 
ATOM   439  C CG1 . VAL A 1 57  ? -7.051  -3.181  8.761   1.00 6.47  ? 57  VAL A CG1 1 
ATOM   440  C CG2 . VAL A 1 57  ? -7.759  -0.797  8.580   1.00 7.38  ? 57  VAL A CG2 1 
ATOM   441  N N   . CYS A 1 58  ? -5.646  -2.730  12.455  1.00 6.69  ? 58  CYS A N   1 
ATOM   442  C CA  . CYS A 1 58  ? -5.089  -3.662  13.413  1.00 6.86  ? 58  CYS A CA  1 
ATOM   443  C C   . CYS A 1 58  ? -6.019  -4.045  14.558  1.00 7.86  ? 58  CYS A C   1 
ATOM   444  O O   . CYS A 1 58  ? -5.828  -5.093  15.169  1.00 9.14  ? 58  CYS A O   1 
ATOM   445  C CB  . CYS A 1 58  ? -3.747  -3.250  13.956  1.00 7.11  ? 58  CYS A CB  1 
ATOM   446  S SG  . CYS A 1 58  ? -2.506  -2.948  12.742  1.00 5.76  ? 58  CYS A SG  1 
ATOM   447  N N   . SER A 1 59  ? -7.161  -3.423  14.689  1.00 10.03 ? 59  SER A N   1 
ATOM   448  C CA  . SER A 1 59  ? -8.176  -3.843  15.692  1.00 10.65 ? 59  SER A CA  1 
ATOM   449  C C   . SER A 1 59  ? -9.476  -4.211  15.019  1.00 10.31 ? 59  SER A C   1 
ATOM   450  O O   . SER A 1 59  ? -10.527 -4.255  15.688  1.00 10.51 ? 59  SER A O   1 
ATOM   451  C CB  . SER A 1 59  ? -8.279  -2.836  16.833  1.00 12.06 ? 59  SER A CB  1 
ATOM   452  O OG  . SER A 1 59  ? -8.792  -1.620  16.307  1.00 16.75 ? 59  SER A OG  1 
ATOM   453  N N   . GLN A 1 60  ? -9.431  -4.513  13.731  1.00 8.09  ? 60  GLN A N   1 
ATOM   454  C CA  . GLN A 1 60  ? -10.646 -4.805  12.960  1.00 7.91  ? 60  GLN A CA  1 
ATOM   455  C C   . GLN A 1 60  ? -10.830 -6.255  12.706  1.00 7.67  ? 60  GLN A C   1 
ATOM   456  O O   . GLN A 1 60  ? -10.678 -7.047  13.674  1.00 7.76  ? 60  GLN A O   1 
ATOM   457  C CB  . GLN A 1 60  ? -10.851 -3.862  11.762  1.00 7.28  ? 60  GLN A CB  1 
ATOM   458  C CG  . GLN A 1 60  ? -10.828 -2.419  12.210  1.00 7.33  ? 60  GLN A CG  1 
ATOM   459  C CD  . GLN A 1 60  ? -10.957 -1.382  11.161  1.00 8.02  ? 60  GLN A CD  1 
ATOM   460  O OE1 . GLN A 1 60  ? -11.247 -1.545  9.996   1.00 7.88  ? 60  GLN A OE1 1 
ATOM   461  N NE2 . GLN A 1 60  ? -10.858 -0.115  11.615  1.00 8.27  ? 60  GLN A NE2 1 
ATOM   462  N N   . LYS A 1 61  ? -11.145 -6.669  11.530  1.00 7.37  ? 61  LYS A N   1 
ATOM   463  C CA  . LYS A 1 61  ? -11.499 -8.082  11.251  1.00 9.00  ? 61  LYS A CA  1 
ATOM   464  C C   . LYS A 1 61  ? -10.273 -8.970  11.090  1.00 8.57  ? 61  LYS A C   1 
ATOM   465  O O   . LYS A 1 61  ? -9.546  -8.792  10.091  1.00 9.07  ? 61  LYS A O   1 
ATOM   466  C CB  . LYS A 1 61  ? -12.396 -8.119  10.048  1.00 9.98  ? 61  LYS A CB  1 
ATOM   467  C CG  . LYS A 1 61  ? -12.901 -9.518  9.732   1.00 14.05 ? 61  LYS A CG  1 
ATOM   468  C CD  . LYS A 1 61  ? -13.706 -9.363  8.380   1.00 16.60 ? 61  LYS A CD  1 
ATOM   469  C CE  . LYS A 1 61  ? -14.401 -10.739 8.280   1.00 20.50 ? 61  LYS A CE  1 
ATOM   470  N NZ  . LYS A 1 61  ? -15.748 -10.520 7.593   1.00 23.45 ? 61  LYS A NZ  1 
ATOM   471  N N   . ASN A 1 62  ? -10.065 -9.872  12.017  1.00 7.51  ? 62  ASN A N   1 
ATOM   472  C CA  . ASN A 1 62  ? -8.905  -10.785 11.931  1.00 7.72  ? 62  ASN A CA  1 
ATOM   473  C C   . ASN A 1 62  ? -9.110  -11.844 10.859  1.00 7.90  ? 62  ASN A C   1 
ATOM   474  O O   . ASN A 1 62  ? -10.117 -12.537 10.973  1.00 7.38  ? 62  ASN A O   1 
ATOM   475  C CB  . ASN A 1 62  ? -8.674  -11.428 13.290  1.00 7.25  ? 62  ASN A CB  1 
ATOM   476  C CG  . ASN A 1 62  ? -7.436  -12.221 13.495  1.00 8.02  ? 62  ASN A CG  1 
ATOM   477  O OD1 . ASN A 1 62  ? -7.460  -13.148 14.307  1.00 9.64  ? 62  ASN A OD1 1 
ATOM   478  N ND2 . ASN A 1 62  ? -6.289  -11.952 12.899  1.00 8.63  ? 62  ASN A ND2 1 
ATOM   479  N N   . VAL A 1 63  ? -8.212  -11.988 9.910   1.00 7.40  ? 63  VAL A N   1 
ATOM   480  C CA  . VAL A 1 63  ? -8.230  -12.959 8.842   1.00 7.43  ? 63  VAL A CA  1 
ATOM   481  C C   . VAL A 1 63  ? -6.828  -13.611 8.729   1.00 8.22  ? 63  VAL A C   1 
ATOM   482  O O   . VAL A 1 63  ? -5.830  -13.093 9.236   1.00 9.30  ? 63  VAL A O   1 
ATOM   483  C CB  . VAL A 1 63  ? -8.660  -12.354 7.488   1.00 6.32  ? 63  VAL A CB  1 
ATOM   484  C CG1 . VAL A 1 63  ? -10.044 -11.759 7.510   1.00 7.75  ? 63  VAL A CG1 1 
ATOM   485  C CG2 . VAL A 1 63  ? -7.685  -11.275 6.979   1.00 6.83  ? 63  VAL A CG2 1 
ATOM   486  N N   . ALA A 1 64  ? -6.784  -14.721 8.010   1.00 7.32  ? 64  ALA A N   1 
ATOM   487  C CA  . ALA A 1 64  ? -5.518  -15.387 7.690   1.00 7.41  ? 64  ALA A CA  1 
ATOM   488  C C   . ALA A 1 64  ? -4.755  -14.582 6.646   1.00 6.93  ? 64  ALA A C   1 
ATOM   489  O O   . ALA A 1 64  ? -5.352  -14.072 5.690   1.00 6.29  ? 64  ALA A O   1 
ATOM   490  C CB  . ALA A 1 64  ? -5.886  -16.758 7.052   1.00 7.50  ? 64  ALA A CB  1 
ATOM   491  N N   . CYS A 1 65  ? -3.433  -14.509 6.858   1.00 7.15  ? 65  CYS A N   1 
ATOM   492  C CA  . CYS A 1 65  ? -2.498  -13.880 5.927   1.00 7.55  ? 65  CYS A CA  1 
ATOM   493  C C   . CYS A 1 65  ? -2.201  -14.937 4.830   1.00 8.23  ? 65  CYS A C   1 
ATOM   494  O O   . CYS A 1 65  ? -2.396  -16.136 5.106   1.00 8.80  ? 65  CYS A O   1 
ATOM   495  C CB  . CYS A 1 65  ? -1.112  -13.557 6.581   1.00 7.13  ? 65  CYS A CB  1 
ATOM   496  S SG  . CYS A 1 65  ? -1.206  -12.516 8.089   1.00 7.94  ? 65  CYS A SG  1 
ATOM   497  N N   . LYS A 1 66  ? -1.743  -14.506 3.696   1.00 9.46  ? 66  LYS A N   1 
ATOM   498  C CA  . LYS A 1 66  ? -1.353  -15.414 2.602   1.00 11.06 ? 66  LYS A CA  1 
ATOM   499  C C   . LYS A 1 66  ? -0.366  -16.453 3.033   1.00 12.91 ? 66  LYS A C   1 
ATOM   500  O O   . LYS A 1 66  ? -0.412  -17.623 2.601   1.00 13.06 ? 66  LYS A O   1 
ATOM   501  C CB  . LYS A 1 66  ? -0.828  -14.648 1.403   1.00 11.12 ? 66  LYS A CB  1 
ATOM   502  C CG  . LYS A 1 66  ? -1.984  -13.798 0.798   1.00 11.67 ? 66  LYS A CG  1 
ATOM   503  C CD  . LYS A 1 66  ? -1.300  -13.026 -0.361  1.00 13.49 ? 66  LYS A CD  1 
ATOM   504  C CE  . LYS A 1 66  ? -2.410  -12.645 -1.330  1.00 15.44 ? 66  LYS A CE  1 
ATOM   505  N NZ  . LYS A 1 66  ? -1.890  -11.525 -2.195  1.00 17.83 ? 66  LYS A NZ  1 
ATOM   506  N N   . ASN A 1 67  ? 0.569   -16.054 3.934   1.00 13.49 ? 67  ASN A N   1 
ATOM   507  C CA  . ASN A 1 67  ? 1.595   -17.008 4.409   1.00 13.45 ? 67  ASN A CA  1 
ATOM   508  C C   . ASN A 1 67  ? 1.048   -17.933 5.480   1.00 13.92 ? 67  ASN A C   1 
ATOM   509  O O   . ASN A 1 67  ? 1.906   -18.601 6.096   1.00 13.79 ? 67  ASN A O   1 
ATOM   510  C CB  . ASN A 1 67  ? 2.836   -16.260 4.940   1.00 13.74 ? 67  ASN A CB  1 
ATOM   511  C CG  . ASN A 1 67  ? 2.598   -15.497 6.209   1.00 14.40 ? 67  ASN A CG  1 
ATOM   512  O OD1 . ASN A 1 67  ? 3.615   -14.938 6.769   1.00 16.76 ? 67  ASN A OD1 1 
ATOM   513  N ND2 . ASN A 1 67  ? 1.444   -15.393 6.825   1.00 12.42 ? 67  ASN A ND2 1 
ATOM   514  N N   . GLY A 1 68  ? -0.205  -17.857 5.852   1.00 13.29 ? 68  GLY A N   1 
ATOM   515  C CA  . GLY A 1 68  ? -0.798  -18.685 6.850   1.00 13.32 ? 68  GLY A CA  1 
ATOM   516  C C   . GLY A 1 68  ? -0.769  -18.272 8.278   1.00 14.27 ? 68  GLY A C   1 
ATOM   517  O O   . GLY A 1 68  ? -1.334  -18.984 9.135   1.00 14.06 ? 68  GLY A O   1 
ATOM   518  N N   . GLN A 1 69  ? -0.088  -17.166 8.599   1.00 14.63 ? 69  GLN A N   1 
ATOM   519  C CA  . GLN A 1 69  ? -0.070  -16.560 9.908   1.00 15.94 ? 69  GLN A CA  1 
ATOM   520  C C   . GLN A 1 69  ? -1.430  -15.923 10.204  1.00 14.04 ? 69  GLN A C   1 
ATOM   521  O O   . GLN A 1 69  ? -2.181  -15.801 9.251   1.00 12.48 ? 69  GLN A O   1 
ATOM   522  C CB  . GLN A 1 69  ? 1.028   -15.507 10.130  1.00 19.34 ? 69  GLN A CB  1 
ATOM   523  C CG  . GLN A 1 69  ? 2.339   -16.179 9.643   1.00 24.01 ? 69  GLN A CG  1 
ATOM   524  C CD  . GLN A 1 69  ? 3.294   -16.195 10.816  1.00 27.38 ? 69  GLN A CD  1 
ATOM   525  O OE1 . GLN A 1 69  ? 3.021   -16.986 11.766  1.00 29.69 ? 69  GLN A OE1 1 
ATOM   526  N NE2 . GLN A 1 69  ? 4.269   -15.304 10.701  1.00 28.63 ? 69  GLN A NE2 1 
ATOM   527  N N   . THR A 1 70  ? -1.649  -15.590 11.467  1.00 12.00 ? 70  THR A N   1 
ATOM   528  C CA  . THR A 1 70  ? -2.926  -15.049 11.912  1.00 12.24 ? 70  THR A CA  1 
ATOM   529  C C   . THR A 1 70  ? -2.883  -13.626 12.462  1.00 10.19 ? 70  THR A C   1 
ATOM   530  O O   . THR A 1 70  ? -3.872  -13.221 13.107  1.00 10.05 ? 70  THR A O   1 
ATOM   531  C CB  . THR A 1 70  ? -3.729  -16.020 12.891  1.00 13.15 ? 70  THR A CB  1 
ATOM   532  O OG1 . THR A 1 70  ? -2.835  -16.151 14.052  1.00 14.69 ? 70  THR A OG1 1 
ATOM   533  C CG2 . THR A 1 70  ? -3.947  -17.456 12.351  1.00 14.10 ? 70  THR A CG2 1 
ATOM   534  N N   . ASN A 1 71  ? -1.906  -12.854 12.015  1.00 8.39  ? 71  ASN A N   1 
ATOM   535  C CA  . ASN A 1 71  ? -1.823  -11.428 12.457  1.00 8.65  ? 71  ASN A CA  1 
ATOM   536  C C   . ASN A 1 71  ? -2.268  -10.526 11.309  1.00 6.66  ? 71  ASN A C   1 
ATOM   537  O O   . ASN A 1 71  ? -1.684  -9.436  11.175  1.00 7.34  ? 71  ASN A O   1 
ATOM   538  C CB  . ASN A 1 71  ? -0.386  -11.200 12.923  1.00 9.41  ? 71  ASN A CB  1 
ATOM   539  C CG  . ASN A 1 71  ? 0.653   -11.323 11.853  1.00 10.39 ? 71  ASN A CG  1 
ATOM   540  O OD1 . ASN A 1 71  ? 0.792   -12.250 11.065  1.00 10.71 ? 71  ASN A OD1 1 
ATOM   541  N ND2 . ASN A 1 71  ? 1.569   -10.388 11.689  1.00 10.73 ? 71  ASN A ND2 1 
ATOM   542  N N   . CYS A 1 72  ? -3.201  -10.947 10.449  1.00 4.94  ? 72  CYS A N   1 
ATOM   543  C CA  . CYS A 1 72  ? -3.691  -10.136 9.335   1.00 4.87  ? 72  CYS A CA  1 
ATOM   544  C C   . CYS A 1 72  ? -5.074  -9.617  9.690   1.00 5.14  ? 72  CYS A C   1 
ATOM   545  O O   . CYS A 1 72  ? -5.718  -10.313 10.503  1.00 7.12  ? 72  CYS A O   1 
ATOM   546  C CB  . CYS A 1 72  ? -3.661  -10.789 7.960   1.00 5.28  ? 72  CYS A CB  1 
ATOM   547  S SG  . CYS A 1 72  ? -1.964  -10.840 7.300   1.00 5.97  ? 72  CYS A SG  1 
ATOM   548  N N   . TYR A 1 73  ? -5.476  -8.440  9.248   1.00 5.22  ? 73  TYR A N   1 
ATOM   549  C CA  . TYR A 1 73  ? -6.728  -7.824  9.590   1.00 4.75  ? 73  TYR A CA  1 
ATOM   550  C C   . TYR A 1 73  ? -7.249  -7.148  8.320   1.00 5.40  ? 73  TYR A C   1 
ATOM   551  O O   . TYR A 1 73  ? -6.472  -6.481  7.656   1.00 4.24  ? 73  TYR A O   1 
ATOM   552  C CB  . TYR A 1 73  ? -6.424  -6.604  10.595  1.00 4.96  ? 73  TYR A CB  1 
ATOM   553  C CG  . TYR A 1 73  ? -5.937  -7.269  11.901  1.00 5.90  ? 73  TYR A CG  1 
ATOM   554  C CD1 . TYR A 1 73  ? -6.814  -7.736  12.846  1.00 4.99  ? 73  TYR A CD1 1 
ATOM   555  C CD2 . TYR A 1 73  ? -4.580  -7.481  12.053  1.00 5.75  ? 73  TYR A CD2 1 
ATOM   556  C CE1 . TYR A 1 73  ? -6.350  -8.418  13.978  1.00 7.11  ? 73  TYR A CE1 1 
ATOM   557  C CE2 . TYR A 1 73  ? -4.104  -8.171  13.145  1.00 6.61  ? 73  TYR A CE2 1 
ATOM   558  C CZ  . TYR A 1 73  ? -5.002  -8.619  14.109  1.00 6.30  ? 73  TYR A CZ  1 
ATOM   559  O OH  . TYR A 1 73  ? -4.418  -9.322  15.118  1.00 10.48 ? 73  TYR A OH  1 
ATOM   560  N N   . GLN A 1 74  ? -8.525  -7.325  8.116   1.00 5.92  ? 74  GLN A N   1 
ATOM   561  C CA  . GLN A 1 74  ? -9.202  -6.711  6.949   1.00 7.22  ? 74  GLN A CA  1 
ATOM   562  C C   . GLN A 1 74  ? -9.992  -5.492  7.428   1.00 7.21  ? 74  GLN A C   1 
ATOM   563  O O   . GLN A 1 74  ? -10.639 -5.570  8.527   1.00 8.27  ? 74  GLN A O   1 
ATOM   564  C CB  . GLN A 1 74  ? -10.204 -7.788  6.399   1.00 9.49  ? 74  GLN A CB  1 
ATOM   565  C CG  . GLN A 1 74  ? -10.882 -7.291  5.123   1.00 13.51 ? 74  GLN A CG  1 
ATOM   566  C CD  . GLN A 1 74  ? -11.951 -8.323  4.746   1.00 16.90 ? 74  GLN A CD  1 
ATOM   567  O OE1 . GLN A 1 74  ? -11.687 -9.478  4.505   1.00 19.50 ? 74  GLN A OE1 1 
ATOM   568  N NE2 . GLN A 1 74  ? -13.192 -7.909  4.846   1.00 19.21 ? 74  GLN A NE2 1 
ATOM   569  N N   . SER A 1 75  ? -9.911  -4.424  6.727   1.00 5.78  ? 75  SER A N   1 
ATOM   570  C CA  . SER A 1 75  ? -10.691 -3.191  7.102   1.00 5.25  ? 75  SER A CA  1 
ATOM   571  C C   . SER A 1 75  ? -12.175 -3.544  7.103   1.00 5.89  ? 75  SER A C   1 
ATOM   572  O O   . SER A 1 75  ? -12.665 -4.277  6.214   1.00 5.77  ? 75  SER A O   1 
ATOM   573  C CB  . SER A 1 75  ? -10.348 -2.054  6.200   1.00 3.98  ? 75  SER A CB  1 
ATOM   574  O OG  . SER A 1 75  ? -10.663 -2.288  4.832   1.00 5.68  ? 75  SER A OG  1 
ATOM   575  N N   . TYR A 1 76  ? -12.925 -3.049  8.075   1.00 6.58  ? 76  TYR A N   1 
ATOM   576  C CA  . TYR A 1 76  ? -14.377 -3.212  8.112   1.00 6.28  ? 76  TYR A CA  1 
ATOM   577  C C   . TYR A 1 76  ? -15.016 -2.513  6.916   1.00 6.85  ? 76  TYR A C   1 
ATOM   578  O O   . TYR A 1 76  ? -15.983 -3.018  6.371   1.00 6.09  ? 76  TYR A O   1 
ATOM   579  C CB  . TYR A 1 76  ? -15.000 -2.565  9.369   1.00 6.38  ? 76  TYR A CB  1 
ATOM   580  C CG  . TYR A 1 76  ? -14.691 -3.317  10.640  1.00 7.03  ? 76  TYR A CG  1 
ATOM   581  C CD1 . TYR A 1 76  ? -14.618 -4.708  10.686  1.00 7.25  ? 76  TYR A CD1 1 
ATOM   582  C CD2 . TYR A 1 76  ? -14.588 -2.584  11.816  1.00 7.70  ? 76  TYR A CD2 1 
ATOM   583  C CE1 . TYR A 1 76  ? -14.407 -5.369  11.892  1.00 8.00  ? 76  TYR A CE1 1 
ATOM   584  C CE2 . TYR A 1 76  ? -14.366 -3.229  13.063  1.00 7.71  ? 76  TYR A CE2 1 
ATOM   585  C CZ  . TYR A 1 76  ? -14.318 -4.581  13.061  1.00 8.46  ? 76  TYR A CZ  1 
ATOM   586  O OH  . TYR A 1 76  ? -14.085 -5.202  14.274  1.00 10.19 ? 76  TYR A OH  1 
ATOM   587  N N   . SER A 1 77  ? -14.493 -1.323  6.590   1.00 8.19  ? 77  SER A N   1 
ATOM   588  C CA  . SER A 1 77  ? -15.073 -0.605  5.419   1.00 9.35  ? 77  SER A CA  1 
ATOM   589  C C   . SER A 1 77  ? -14.111 -0.771  4.218   1.00 8.73  ? 77  SER A C   1 
ATOM   590  O O   . SER A 1 77  ? -12.912 -1.047  4.426   1.00 7.74  ? 77  SER A O   1 
ATOM   591  C CB  . SER A 1 77  ? -14.852 0.960   5.656   1.00 11.06 ? 77  SER A CB  1 
ATOM   592  O OG  . SER A 1 77  ? -15.487 1.340   6.840   1.00 17.09 ? 77  SER A OG  1 
ATOM   593  N N   . THR A 1 78  ? -14.637 -0.328  3.064   1.00 8.52  ? 78  THR A N   1 
ATOM   594  C CA  . THR A 1 78  ? -13.727 -0.218  1.890   1.00 8.54  ? 78  THR A CA  1 
ATOM   595  C C   . THR A 1 78  ? -13.010 1.123   2.078   1.00 8.19  ? 78  THR A C   1 
ATOM   596  O O   . THR A 1 78  ? -13.471 2.074   2.716   1.00 7.55  ? 78  THR A O   1 
ATOM   597  C CB  . THR A 1 78  ? -14.531 -0.223  0.509   1.00 9.27  ? 78  THR A CB  1 
ATOM   598  O OG1 . THR A 1 78  ? -15.391 0.936   0.625   1.00 10.90 ? 78  THR A OG1 1 
ATOM   599  C CG2 . THR A 1 78  ? -15.366 -1.513  0.416   1.00 10.36 ? 78  THR A CG2 1 
ATOM   600  N N   . MET A 1 79  ? -11.823 1.200   1.460   1.00 6.69  ? 79  MET A N   1 
ATOM   601  C CA  . MET A 1 79  ? -10.959 2.364   1.528   1.00 6.95  ? 79  MET A CA  1 
ATOM   602  C C   . MET A 1 79  ? -10.634 2.807   0.119   1.00 5.64  ? 79  MET A C   1 
ATOM   603  O O   . MET A 1 79  ? -10.664 1.989   -0.796  1.00 7.77  ? 79  MET A O   1 
ATOM   604  C CB  . MET A 1 79  ? -9.633  1.972   2.250   1.00 6.73  ? 79  MET A CB  1 
ATOM   605  C CG  . MET A 1 79  ? -10.121 1.815   3.764   1.00 8.38  ? 79  MET A CG  1 
ATOM   606  S SD  . MET A 1 79  ? -8.511  1.617   4.649   1.00 9.85  ? 79  MET A SD  1 
ATOM   607  C CE  . MET A 1 79  ? -9.131  1.851   6.316   1.00 6.26  ? 79  MET A CE  1 
ATOM   608  N N   . SER A 1 80  ? -10.310 4.042   -0.023  1.00 7.20  ? 80  SER A N   1 
ATOM   609  C CA  . SER A 1 80  ? -9.943  4.564   -1.407  1.00 6.49  ? 80  SER A CA  1 
ATOM   610  C C   . SER A 1 80  ? -8.500  4.144   -1.637  1.00 6.48  ? 80  SER A C   1 
ATOM   611  O O   . SER A 1 80  ? -7.586  4.523   -0.823  1.00 5.48  ? 80  SER A O   1 
ATOM   612  C CB  . SER A 1 80  ? -10.113 6.059   -1.314  1.00 7.09  ? 80  SER A CB  1 
ATOM   613  O OG  . SER A 1 80  ? -9.663  6.639   -2.517  1.00 9.13  ? 80  SER A OG  1 
ATOM   614  N N   . ILE A 1 81  ? -8.247  3.399   -2.684  1.00 5.84  ? 81  ILE A N   1 
ATOM   615  C CA  . ILE A 1 81  ? -6.842  2.926   -2.931  1.00 6.65  ? 81  ILE A CA  1 
ATOM   616  C C   . ILE A 1 81  ? -6.436  3.227   -4.373  1.00 6.92  ? 81  ILE A C   1 
ATOM   617  O O   . ILE A 1 81  ? -7.351  3.550   -5.156  1.00 8.30  ? 81  ILE A O   1 
ATOM   618  C CB  . ILE A 1 81  ? -6.722  1.422   -2.578  1.00 6.88  ? 81  ILE A CB  1 
ATOM   619  C CG1 . ILE A 1 81  ? -7.613  0.600   -3.460  1.00 7.43  ? 81  ILE A CG1 1 
ATOM   620  C CG2 . ILE A 1 81  ? -6.861  1.109   -1.042  1.00 7.14  ? 81  ILE A CG2 1 
ATOM   621  C CD1 . ILE A 1 81  ? -7.220  -0.849  -3.750  1.00 9.18  ? 81  ILE A CD1 1 
ATOM   622  N N   . THR A 1 82  ? -5.145  3.204   -4.673  1.00 6.03  ? 82  THR A N   1 
ATOM   623  C CA  . THR A 1 82  ? -4.676  3.413   -6.034  1.00 6.45  ? 82  THR A CA  1 
ATOM   624  C C   . THR A 1 82  ? -3.794  2.117   -6.309  1.00 8.17  ? 82  THR A C   1 
ATOM   625  O O   . THR A 1 82  ? -2.910  1.843   -5.518  1.00 6.76  ? 82  THR A O   1 
ATOM   626  C CB  . THR A 1 82  ? -3.820  4.668   -6.330  1.00 5.54  ? 82  THR A CB  1 
ATOM   627  O OG1 . THR A 1 82  ? -4.554  5.848   -6.050  1.00 8.30  ? 82  THR A OG1 1 
ATOM   628  C CG2 . THR A 1 82  ? -3.165  4.705   -7.681  1.00 5.13  ? 82  THR A CG2 1 
ATOM   629  N N   . ASP A 1 83  ? -4.138  1.470   -7.422  1.00 7.16  ? 83  ASP A N   1 
ATOM   630  C CA  . ASP A 1 83  ? -3.404  0.322   -7.904  1.00 9.72  ? 83  ASP A CA  1 
ATOM   631  C C   . ASP A 1 83  ? -2.353  0.776   -8.906  1.00 8.15  ? 83  ASP A C   1 
ATOM   632  O O   . ASP A 1 83  ? -2.723  1.506   -9.839  1.00 8.22  ? 83  ASP A O   1 
ATOM   633  C CB  . ASP A 1 83  ? -4.470  -0.688  -8.483  1.00 12.28 ? 83  ASP A CB  1 
ATOM   634  C CG  . ASP A 1 83  ? -3.749  -1.925  -9.016  1.00 15.64 ? 83  ASP A CG  1 
ATOM   635  O OD1 . ASP A 1 83  ? -3.072  -2.662  -8.235  1.00 17.74 ? 83  ASP A OD1 1 
ATOM   636  O OD2 . ASP A 1 83  ? -3.777  -2.066  -10.233 1.00 16.11 ? 83  ASP A OD2 1 
ATOM   637  N N   . CYS A 1 84  ? -1.114  0.378   -8.724  1.00 8.79  ? 84  CYS A N   1 
ATOM   638  C CA  . CYS A 1 84  ? -0.004  0.773   -9.667  1.00 8.67  ? 84  CYS A CA  1 
ATOM   639  C C   . CYS A 1 84  ? 0.539   -0.570  -10.209 1.00 9.95  ? 84  CYS A C   1 
ATOM   640  O O   . CYS A 1 84  ? 0.867   -1.425  -9.372  1.00 8.87  ? 84  CYS A O   1 
ATOM   641  C CB  . CYS A 1 84  ? 1.157   1.462   -8.877  1.00 8.67  ? 84  CYS A CB  1 
ATOM   642  S SG  . CYS A 1 84  ? 0.608   3.058   -8.107  1.00 7.16  ? 84  CYS A SG  1 
ATOM   643  N N   . ARG A 1 85  ? 0.498   -0.708  -11.552 1.00 10.45 ? 85  ARG A N   1 
ATOM   644  C CA  . ARG A 1 85  ? 1.027   -2.049  -12.055 1.00 12.20 ? 85  ARG A CA  1 
ATOM   645  C C   . ARG A 1 85  ? 2.010   -1.661  -13.186 1.00 11.95 ? 85  ARG A C   1 
ATOM   646  O O   . ARG A 1 85  ? 1.647   -0.718  -13.902 1.00 11.65 ? 85  ARG A O   1 
ATOM   647  C CB  . ARG A 1 85  ? -0.004  -2.896  -12.738 1.00 14.90 ? 85  ARG A CB  1 
ATOM   648  C CG  . ARG A 1 85  ? -1.449  -2.681  -12.553 1.00 18.81 ? 85  ARG A CG  1 
ATOM   649  C CD  . ARG A 1 85  ? -2.299  -3.818  -13.035 1.00 21.04 ? 85  ARG A CD  1 
ATOM   650  N NE  . ARG A 1 85  ? -1.931  -5.023  -12.371 1.00 24.30 ? 85  ARG A NE  1 
ATOM   651  C CZ  . ARG A 1 85  ? -2.309  -5.485  -11.202 1.00 26.33 ? 85  ARG A CZ  1 
ATOM   652  N NH1 . ARG A 1 85  ? -3.388  -5.161  -10.539 1.00 27.20 ? 85  ARG A NH1 1 
ATOM   653  N NH2 . ARG A 1 85  ? -1.448  -6.299  -10.519 1.00 28.23 ? 85  ARG A NH2 1 
ATOM   654  N N   . GLU A 1 86  ? 3.084   -2.373  -13.311 1.00 12.42 ? 86  GLU A N   1 
ATOM   655  C CA  . GLU A 1 86  ? 4.080   -2.036  -14.348 1.00 13.57 ? 86  GLU A CA  1 
ATOM   656  C C   . GLU A 1 86  ? 3.450   -2.181  -15.722 1.00 13.74 ? 86  GLU A C   1 
ATOM   657  O O   . GLU A 1 86  ? 2.674   -3.143  -15.909 1.00 13.71 ? 86  GLU A O   1 
ATOM   658  C CB  . GLU A 1 86  ? 5.326   -2.820  -14.304 1.00 14.24 ? 86  GLU A CB  1 
ATOM   659  C CG  . GLU A 1 86  ? 6.479   -2.710  -13.398 1.00 16.85 ? 86  GLU A CG  1 
ATOM   660  C CD  . GLU A 1 86  ? 7.725   -3.397  -14.026 1.00 18.48 ? 86  GLU A CD  1 
ATOM   661  O OE1 . GLU A 1 86  ? 8.561   -2.759  -14.613 1.00 18.66 ? 86  GLU A OE1 1 
ATOM   662  O OE2 . GLU A 1 86  ? 7.578   -4.607  -13.916 1.00 19.81 ? 86  GLU A OE2 1 
ATOM   663  N N   . THR A 1 87  ? 3.820   -1.301  -16.651 1.00 14.99 ? 87  THR A N   1 
ATOM   664  C CA  . THR A 1 87  ? 3.223   -1.394  -18.010 1.00 15.87 ? 87  THR A CA  1 
ATOM   665  C C   . THR A 1 87  ? 4.151   -2.309  -18.834 1.00 17.33 ? 87  THR A C   1 
ATOM   666  O O   . THR A 1 87  ? 5.199   -2.722  -18.293 1.00 17.37 ? 87  THR A O   1 
ATOM   667  C CB  . THR A 1 87  ? 3.136   0.027   -18.640 1.00 16.63 ? 87  THR A CB  1 
ATOM   668  O OG1 . THR A 1 87  ? 4.546   0.448   -18.883 1.00 16.75 ? 87  THR A OG1 1 
ATOM   669  C CG2 . THR A 1 87  ? 2.343   1.073   -17.875 1.00 15.98 ? 87  THR A CG2 1 
ATOM   670  N N   . GLY A 1 88  ? 3.820   -2.529  -20.102 1.00 17.33 ? 88  GLY A N   1 
ATOM   671  C CA  . GLY A 1 88  ? 4.632   -3.404  -20.949 1.00 18.96 ? 88  GLY A CA  1 
ATOM   672  C C   . GLY A 1 88  ? 5.898   -2.698  -21.397 1.00 20.30 ? 88  GLY A C   1 
ATOM   673  O O   . GLY A 1 88  ? 6.751   -3.312  -22.034 1.00 21.04 ? 88  GLY A O   1 
ATOM   674  N N   . SER A 1 89  ? 6.003   -1.437  -21.096 1.00 21.36 ? 89  SER A N   1 
ATOM   675  C CA  . SER A 1 89  ? 7.120   -0.568  -21.528 1.00 23.53 ? 89  SER A CA  1 
ATOM   676  C C   . SER A 1 89  ? 8.119   -0.226  -20.451 1.00 23.99 ? 89  SER A C   1 
ATOM   677  O O   . SER A 1 89  ? 8.935   0.714   -20.592 1.00 25.11 ? 89  SER A O   1 
ATOM   678  C CB  . SER A 1 89  ? 6.393   0.702   -22.005 1.00 24.74 ? 89  SER A CB  1 
ATOM   679  O OG  . SER A 1 89  ? 7.299   1.724   -22.156 1.00 28.44 ? 89  SER A OG  1 
ATOM   680  N N   . SER A 1 90  ? 8.085   -0.977  -19.368 1.00 23.32 ? 90  SER A N   1 
ATOM   681  C CA  . SER A 1 90  ? 8.922   -0.689  -18.179 1.00 23.00 ? 90  SER A CA  1 
ATOM   682  C C   . SER A 1 90  ? 10.171  -1.528  -18.147 1.00 23.40 ? 90  SER A C   1 
ATOM   683  O O   . SER A 1 90  ? 10.033  -2.773  -18.133 1.00 23.90 ? 90  SER A O   1 
ATOM   684  C CB  . SER A 1 90  ? 7.984   -0.919  -16.956 1.00 21.17 ? 90  SER A CB  1 
ATOM   685  O OG  . SER A 1 90  ? 8.640   -0.729  -15.722 1.00 20.02 ? 90  SER A OG  1 
ATOM   686  N N   . LYS A 1 91  ? 11.326  -0.903  -18.048 1.00 24.49 ? 91  LYS A N   1 
ATOM   687  C CA  . LYS A 1 91  ? 12.619  -1.589  -17.881 1.00 25.15 ? 91  LYS A CA  1 
ATOM   688  C C   . LYS A 1 91  ? 13.462  -0.700  -16.948 1.00 25.04 ? 91  LYS A C   1 
ATOM   689  O O   . LYS A 1 91  ? 13.583  0.494   -17.229 1.00 24.95 ? 91  LYS A O   1 
ATOM   690  C CB  . LYS A 1 91  ? 13.354  -1.918  -19.158 1.00 26.55 ? 91  LYS A CB  1 
ATOM   691  C CG  . LYS A 1 91  ? 14.870  -2.224  -19.007 1.00 28.11 ? 91  LYS A CG  1 
ATOM   692  C CD  . LYS A 1 91  ? 15.626  -1.926  -20.303 1.00 29.15 ? 91  LYS A CD  1 
ATOM   693  C CE  . LYS A 1 91  ? 16.749  -0.900  -20.082 1.00 29.71 ? 91  LYS A CE  1 
ATOM   694  N NZ  . LYS A 1 91  ? 16.087  0.417   -19.687 1.00 30.51 ? 91  LYS A NZ  1 
ATOM   695  N N   . TYR A 1 92  ? 13.913  -1.292  -15.848 1.00 25.78 ? 92  TYR A N   1 
ATOM   696  C CA  . TYR A 1 92  ? 14.723  -0.569  -14.852 1.00 26.77 ? 92  TYR A CA  1 
ATOM   697  C C   . TYR A 1 92  ? 16.003  -0.035  -15.517 1.00 27.06 ? 92  TYR A C   1 
ATOM   698  O O   . TYR A 1 92  ? 16.621  -0.731  -16.321 1.00 26.90 ? 92  TYR A O   1 
ATOM   699  C CB  . TYR A 1 92  ? 15.168  -1.506  -13.706 1.00 26.62 ? 92  TYR A CB  1 
ATOM   700  C CG  . TYR A 1 92  ? 16.063  -0.872  -12.652 1.00 27.38 ? 92  TYR A CG  1 
ATOM   701  C CD1 . TYR A 1 92  ? 15.557  -0.382  -11.458 1.00 27.15 ? 92  TYR A CD1 1 
ATOM   702  C CD2 . TYR A 1 92  ? 17.450  -0.767  -12.843 1.00 27.66 ? 92  TYR A CD2 1 
ATOM   703  C CE1 . TYR A 1 92  ? 16.379  0.207   -10.485 1.00 27.68 ? 92  TYR A CE1 1 
ATOM   704  C CE2 . TYR A 1 92  ? 18.295  -0.175  -11.898 1.00 27.21 ? 92  TYR A CE2 1 
ATOM   705  C CZ  . TYR A 1 92  ? 17.762  0.277   -10.706 1.00 27.98 ? 92  TYR A CZ  1 
ATOM   706  O OH  . TYR A 1 92  ? 18.587  0.798   -9.742  1.00 28.09 ? 92  TYR A OH  1 
ATOM   707  N N   . PRO A 1 93  ? 16.425  1.155   -15.128 1.00 27.55 ? 93  PRO A N   1 
ATOM   708  C CA  . PRO A 1 93  ? 15.797  2.051   -14.183 1.00 27.56 ? 93  PRO A CA  1 
ATOM   709  C C   . PRO A 1 93  ? 14.626  2.849   -14.697 1.00 27.04 ? 93  PRO A C   1 
ATOM   710  O O   . PRO A 1 93  ? 14.222  3.770   -13.956 1.00 27.80 ? 93  PRO A O   1 
ATOM   711  C CB  . PRO A 1 93  ? 16.949  3.067   -13.882 1.00 27.73 ? 93  PRO A CB  1 
ATOM   712  C CG  . PRO A 1 93  ? 17.702  3.122   -15.198 1.00 27.83 ? 93  PRO A CG  1 
ATOM   713  C CD  . PRO A 1 93  ? 17.683  1.691   -15.693 1.00 27.23 ? 93  PRO A CD  1 
ATOM   714  N N   . ASN A 1 94  ? 14.128  2.621   -15.915 1.00 27.13 ? 94  ASN A N   1 
ATOM   715  C CA  . ASN A 1 94  ? 12.989  3.448   -16.378 1.00 26.26 ? 94  ASN A CA  1 
ATOM   716  C C   . ASN A 1 94  ? 11.662  2.704   -16.140 1.00 24.89 ? 94  ASN A C   1 
ATOM   717  O O   . ASN A 1 94  ? 10.953  2.334   -17.108 1.00 23.42 ? 94  ASN A O   1 
ATOM   718  C CB  . ASN A 1 94  ? 13.155  4.208   -17.622 1.00 28.17 ? 94  ASN A CB  1 
ATOM   719  C CG  . ASN A 1 94  ? 14.357  5.130   -17.738 1.00 29.96 ? 94  ASN A CG  1 
ATOM   720  O OD1 . ASN A 1 94  ? 14.296  6.364   -17.470 1.00 31.49 ? 94  ASN A OD1 1 
ATOM   721  N ND2 . ASN A 1 94  ? 15.450  4.481   -18.132 1.00 30.10 ? 94  ASN A ND2 1 
ATOM   722  N N   . CYS A 1 95  ? 11.378  2.564   -14.827 1.00 21.71 ? 95  CYS A N   1 
ATOM   723  C CA  . CYS A 1 95  ? 10.101  1.843   -14.461 1.00 20.05 ? 95  CYS A CA  1 
ATOM   724  C C   . CYS A 1 95  ? 8.920   2.648   -14.936 1.00 17.94 ? 95  CYS A C   1 
ATOM   725  O O   . CYS A 1 95  ? 8.979   3.904   -14.907 1.00 18.58 ? 95  CYS A O   1 
ATOM   726  C CB  . CYS A 1 95  ? 10.074  1.698   -12.933 1.00 19.38 ? 95  CYS A CB  1 
ATOM   727  S SG  . CYS A 1 95  ? 11.545  0.910   -12.259 1.00 19.52 ? 95  CYS A SG  1 
ATOM   728  N N   . ALA A 1 96  ? 7.833   1.992   -15.301 1.00 16.08 ? 96  ALA A N   1 
ATOM   729  C CA  . ALA A 1 96  ? 6.619   2.716   -15.747 1.00 14.02 ? 96  ALA A CA  1 
ATOM   730  C C   . ALA A 1 96  ? 5.384   2.028   -15.187 1.00 12.40 ? 96  ALA A C   1 
ATOM   731  O O   . ALA A 1 96  ? 5.371   0.788   -15.107 1.00 12.60 ? 96  ALA A O   1 
ATOM   732  C CB  . ALA A 1 96  ? 6.595   2.822   -17.244 1.00 14.34 ? 96  ALA A CB  1 
ATOM   733  N N   . TYR A 1 97  ? 4.410   2.845   -14.785 1.00 10.76 ? 97  TYR A N   1 
ATOM   734  C CA  . TYR A 1 97  ? 3.188   2.304   -14.177 1.00 9.40  ? 97  TYR A CA  1 
ATOM   735  C C   . TYR A 1 97  ? 1.878   2.740   -14.732 1.00 8.53  ? 97  TYR A C   1 
ATOM   736  O O   . TYR A 1 97  ? 1.752   3.899   -15.133 1.00 8.98  ? 97  TYR A O   1 
ATOM   737  C CB  . TYR A 1 97  ? 3.234   2.710   -12.624 1.00 8.71  ? 97  TYR A CB  1 
ATOM   738  C CG  . TYR A 1 97  ? 4.368   1.934   -11.959 1.00 9.04  ? 97  TYR A CG  1 
ATOM   739  C CD1 . TYR A 1 97  ? 4.172   0.670   -11.453 1.00 8.61  ? 97  TYR A CD1 1 
ATOM   740  C CD2 . TYR A 1 97  ? 5.649   2.504   -11.844 1.00 9.48  ? 97  TYR A CD2 1 
ATOM   741  C CE1 . TYR A 1 97  ? 5.224   -0.050  -10.887 1.00 8.98  ? 97  TYR A CE1 1 
ATOM   742  C CE2 . TYR A 1 97  ? 6.701   1.794   -11.248 1.00 8.57  ? 97  TYR A CE2 1 
ATOM   743  C CZ  . TYR A 1 97  ? 6.474   0.551   -10.761 1.00 9.44  ? 97  TYR A CZ  1 
ATOM   744  O OH  . TYR A 1 97  ? 7.527   -0.163  -10.192 1.00 9.80  ? 97  TYR A OH  1 
ATOM   745  N N   . LYS A 1 98  ? 0.900   1.875   -14.705 1.00 7.82  ? 98  LYS A N   1 
ATOM   746  C CA  . LYS A 1 98  ? -0.502  2.159   -15.046 1.00 8.05  ? 98  LYS A CA  1 
ATOM   747  C C   . LYS A 1 98  ? -1.160  2.546   -13.701 1.00 6.56  ? 98  LYS A C   1 
ATOM   748  O O   . LYS A 1 98  ? -1.030  1.740   -12.772 1.00 7.97  ? 98  LYS A O   1 
ATOM   749  C CB  . LYS A 1 98  ? -1.184  0.899   -15.584 1.00 7.28  ? 98  LYS A CB  1 
ATOM   750  C CG  . LYS A 1 98  ? -2.717  0.983   -15.790 1.00 7.71  ? 98  LYS A CG  1 
ATOM   751  C CD  . LYS A 1 98  ? -3.244  -0.417  -16.069 1.00 8.84  ? 98  LYS A CD  1 
ATOM   752  C CE  . LYS A 1 98  ? -4.769  -0.576  -16.125 1.00 9.72  ? 98  LYS A CE  1 
ATOM   753  N NZ  . LYS A 1 98  ? -5.316  0.457   -16.980 1.00 10.08 ? 98  LYS A NZ  1 
ATOM   754  N N   . THR A 1 99  ? -1.818  3.653   -13.630 1.00 6.56  ? 99  THR A N   1 
ATOM   755  C CA  . THR A 1 99  ? -2.562  4.074   -12.409 1.00 7.29  ? 99  THR A CA  1 
ATOM   756  C C   . THR A 1 99  ? -4.029  3.687   -12.538 1.00 7.96  ? 99  THR A C   1 
ATOM   757  O O   . THR A 1 99  ? -4.661  4.108   -13.534 1.00 7.91  ? 99  THR A O   1 
ATOM   758  C CB  . THR A 1 99  ? -2.464  5.664   -12.270 1.00 6.85  ? 99  THR A CB  1 
ATOM   759  O OG1 . THR A 1 99  ? -1.049  5.955   -12.246 1.00 8.36  ? 99  THR A OG1 1 
ATOM   760  C CG2 . THR A 1 99  ? -3.181  6.281   -11.067 1.00 8.50  ? 99  THR A CG2 1 
ATOM   761  N N   . THR A 1 100 ? -4.621  3.021   -11.557 1.00 8.85  ? 100 THR A N   1 
ATOM   762  C CA  . THR A 1 100 ? -6.001  2.660   -11.498 1.00 9.83  ? 100 THR A CA  1 
ATOM   763  C C   . THR A 1 100 ? -6.616  3.042   -10.150 1.00 9.72  ? 100 THR A C   1 
ATOM   764  O O   . THR A 1 100 ? -6.106  2.691   -9.112  1.00 9.30  ? 100 THR A O   1 
ATOM   765  C CB  . THR A 1 100 ? -6.291  1.113   -11.822 1.00 10.12 ? 100 THR A CB  1 
ATOM   766  O OG1 . THR A 1 100 ? -5.738  0.857   -13.091 1.00 10.24 ? 100 THR A OG1 1 
ATOM   767  C CG2 . THR A 1 100 ? -7.823  0.851   -11.896 1.00 11.68 ? 100 THR A CG2 1 
ATOM   768  N N   . GLN A 1 101 ? -7.751  3.700   -10.183 1.00 10.36 ? 101 GLN A N   1 
ATOM   769  C CA  . GLN A 1 101 ? -8.483  4.094   -8.946  1.00 10.95 ? 101 GLN A CA  1 
ATOM   770  C C   . GLN A 1 101 ? -9.367  2.951   -8.512  1.00 10.43 ? 101 GLN A C   1 
ATOM   771  O O   . GLN A 1 101 ? -10.022 2.338   -9.379  1.00 9.90  ? 101 GLN A O   1 
ATOM   772  C CB  . GLN A 1 101 ? -9.295  5.366   -9.166  1.00 12.53 ? 101 GLN A CB  1 
ATOM   773  C CG  . GLN A 1 101 ? -8.528  6.604   -9.549  1.00 14.86 ? 101 GLN A CG  1 
ATOM   774  C CD  . GLN A 1 101 ? -9.434  7.801   -9.726  1.00 17.75 ? 101 GLN A CD  1 
ATOM   775  O OE1 . GLN A 1 101 ? -10.661 7.696   -9.867  1.00 19.84 ? 101 GLN A OE1 1 
ATOM   776  N NE2 . GLN A 1 101 ? -8.882  9.019   -9.716  1.00 19.29 ? 101 GLN A NE2 1 
ATOM   777  N N   . ALA A 1 102 ? -9.428  2.636   -7.218  1.00 9.72  ? 102 ALA A N   1 
ATOM   778  C CA  . ALA A 1 102 ? -10.261 1.586   -6.681  1.00 9.71  ? 102 ALA A CA  1 
ATOM   779  C C   . ALA A 1 102 ? -10.784 1.926   -5.272  1.00 9.70  ? 102 ALA A C   1 
ATOM   780  O O   . ALA A 1 102 ? -10.269 2.835   -4.652  1.00 9.72  ? 102 ALA A O   1 
ATOM   781  C CB  . ALA A 1 102 ? -9.577  0.213   -6.632  1.00 9.88  ? 102 ALA A CB  1 
ATOM   782  N N   . ASN A 1 103 ? -11.753 1.177   -4.804  1.00 10.65 ? 103 ASN A N   1 
ATOM   783  C CA  . ASN A 1 103 ? -12.296 1.249   -3.472  1.00 12.95 ? 103 ASN A CA  1 
ATOM   784  C C   . ASN A 1 103 ? -12.440 -0.227  -3.011  1.00 13.24 ? 103 ASN A C   1 
ATOM   785  O O   . ASN A 1 103 ? -13.378 -0.822  -3.596  1.00 13.83 ? 103 ASN A O   1 
ATOM   786  C CB  . ASN A 1 103 ? -13.686 1.812   -3.330  1.00 16.43 ? 103 ASN A CB  1 
ATOM   787  C CG  . ASN A 1 103 ? -13.760 3.265   -3.598  1.00 17.96 ? 103 ASN A CG  1 
ATOM   788  O OD1 . ASN A 1 103 ? -14.282 3.531   -4.716  1.00 21.56 ? 103 ASN A OD1 1 
ATOM   789  N ND2 . ASN A 1 103 ? -13.326 4.080   -2.651  1.00 18.42 ? 103 ASN A ND2 1 
ATOM   790  N N   . LYS A 1 104 ? -11.664 -0.650  -2.088  1.00 11.43 ? 104 LYS A N   1 
ATOM   791  C CA  . LYS A 1 104 ? -11.703 -2.074  -1.694  1.00 10.35 ? 104 LYS A CA  1 
ATOM   792  C C   . LYS A 1 104 ? -11.332 -2.168  -0.177  1.00 9.14  ? 104 LYS A C   1 
ATOM   793  O O   . LYS A 1 104 ? -10.802 -1.213  0.354   1.00 8.44  ? 104 LYS A O   1 
ATOM   794  C CB  . LYS A 1 104 ? -10.414 -2.662  -2.287  1.00 12.48 ? 104 LYS A CB  1 
ATOM   795  C CG  . LYS A 1 104 ? -10.051 -2.696  -3.682  1.00 15.49 ? 104 LYS A CG  1 
ATOM   796  C CD  . LYS A 1 104 ? -10.993 -3.571  -4.499  1.00 18.19 ? 104 LYS A CD  1 
ATOM   797  C CE  . LYS A 1 104 ? -10.115 -4.572  -5.271  1.00 20.70 ? 104 LYS A CE  1 
ATOM   798  N NZ  . LYS A 1 104 ? -10.752 -4.757  -6.611  1.00 23.10 ? 104 LYS A NZ  1 
ATOM   799  N N   . HIS A 1 105 ? -11.545 -3.325  0.349   1.00 6.62  ? 105 HIS A N   1 
ATOM   800  C CA  . HIS A 1 105 ? -11.164 -3.596  1.757   1.00 6.71  ? 105 HIS A CA  1 
ATOM   801  C C   . HIS A 1 105 ? -9.658  -3.805  1.693   1.00 6.33  ? 105 HIS A C   1 
ATOM   802  O O   . HIS A 1 105 ? -9.226  -4.282  0.588   1.00 7.38  ? 105 HIS A O   1 
ATOM   803  C CB  . HIS A 1 105 ? -11.854 -4.817  2.313   1.00 7.27  ? 105 HIS A CB  1 
ATOM   804  C CG  . HIS A 1 105 ? -13.342 -4.624  2.419   1.00 9.32  ? 105 HIS A CG  1 
ATOM   805  N ND1 . HIS A 1 105 ? -13.950 -4.096  3.510   1.00 10.44 ? 105 HIS A ND1 1 
ATOM   806  C CD2 . HIS A 1 105 ? -14.352 -4.917  1.570   1.00 10.12 ? 105 HIS A CD2 1 
ATOM   807  C CE1 . HIS A 1 105 ? -15.270 -4.079  3.365   1.00 10.21 ? 105 HIS A CE1 1 
ATOM   808  N NE2 . HIS A 1 105 ? -15.506 -4.585  2.209   1.00 10.48 ? 105 HIS A NE2 1 
ATOM   809  N N   . ILE A 1 106 ? -8.907  -3.488  2.712   1.00 5.42  ? 106 ILE A N   1 
ATOM   810  C CA  . ILE A 1 106 ? -7.421  -3.738  2.661   1.00 4.74  ? 106 ILE A CA  1 
ATOM   811  C C   . ILE A 1 106 ? -7.174  -4.811  3.692   1.00 4.24  ? 106 ILE A C   1 
ATOM   812  O O   . ILE A 1 106 ? -7.949  -4.867  4.636   1.00 4.23  ? 106 ILE A O   1 
ATOM   813  C CB  . ILE A 1 106 ? -6.530  -2.472  2.837   1.00 5.99  ? 106 ILE A CB  1 
ATOM   814  C CG1 . ILE A 1 106 ? -6.623  -1.842  4.263   1.00 6.67  ? 106 ILE A CG1 1 
ATOM   815  C CG2 . ILE A 1 106 ? -6.813  -1.410  1.735   1.00 6.65  ? 106 ILE A CG2 1 
ATOM   816  C CD1 . ILE A 1 106 ? -5.465  -0.901  4.658   1.00 6.70  ? 106 ILE A CD1 1 
ATOM   817  N N   . ILE A 1 107 ? -6.183  -5.632  3.519   1.00 3.89  ? 107 ILE A N   1 
ATOM   818  C CA  . ILE A 1 107 ? -5.760  -6.642  4.499   1.00 4.53  ? 107 ILE A CA  1 
ATOM   819  C C   . ILE A 1 107 ? -4.283  -6.318  4.806   1.00 4.05  ? 107 ILE A C   1 
ATOM   820  O O   . ILE A 1 107 ? -3.469  -6.289  3.873   1.00 5.47  ? 107 ILE A O   1 
ATOM   821  C CB  . ILE A 1 107 ? -5.941  -8.125  4.050   1.00 4.20  ? 107 ILE A CB  1 
ATOM   822  C CG1 . ILE A 1 107 ? -7.480  -8.384  3.817   1.00 6.01  ? 107 ILE A CG1 1 
ATOM   823  C CG2 . ILE A 1 107 ? -5.393  -9.134  5.102   1.00 3.27  ? 107 ILE A CG2 1 
ATOM   824  C CD1 . ILE A 1 107 ? -7.802  -9.597  2.889   1.00 6.62  ? 107 ILE A CD1 1 
ATOM   825  N N   . VAL A 1 108 ? -4.028  -6.046  6.063   1.00 3.90  ? 108 VAL A N   1 
ATOM   826  C CA  . VAL A 1 108 ? -2.557  -5.772  6.400   1.00 5.08  ? 108 VAL A CA  1 
ATOM   827  C C   . VAL A 1 108 ? -2.145  -6.725  7.498   1.00 5.56  ? 108 VAL A C   1 
ATOM   828  O O   . VAL A 1 108 ? -3.023  -7.248  8.223   1.00 5.55  ? 108 VAL A O   1 
ATOM   829  C CB  . VAL A 1 108 ? -2.446  -4.294  6.879   1.00 3.97  ? 108 VAL A CB  1 
ATOM   830  C CG1 . VAL A 1 108 ? -2.706  -3.353  5.696   1.00 2.67  ? 108 VAL A CG1 1 
ATOM   831  C CG2 . VAL A 1 108 ? -3.461  -4.068  8.032   1.00 5.78  ? 108 VAL A CG2 1 
ATOM   832  N N   . ALA A 1 109 ? -0.849  -6.906  7.640   1.00 6.15  ? 109 ALA A N   1 
ATOM   833  C CA  . ALA A 1 109 ? -0.360  -7.770  8.789   1.00 4.76  ? 109 ALA A CA  1 
ATOM   834  C C   . ALA A 1 109 ? 0.093   -6.732  9.845   1.00 4.89  ? 109 ALA A C   1 
ATOM   835  O O   . ALA A 1 109 ? 0.664   -5.732  9.444   1.00 4.36  ? 109 ALA A O   1 
ATOM   836  C CB  . ALA A 1 109 ? 0.907   -8.478  8.327   1.00 4.97  ? 109 ALA A CB  1 
ATOM   837  N N   . CYS A 1 110 ? -0.173  -7.004  11.113  1.00 5.34  ? 110 CYS A N   1 
ATOM   838  C CA  . CYS A 1 110 ? 0.226   -6.029  12.144  1.00 5.76  ? 110 CYS A CA  1 
ATOM   839  C C   . CYS A 1 110 ? 1.211   -6.678  13.064  1.00 7.09  ? 110 CYS A C   1 
ATOM   840  O O   . CYS A 1 110 ? 1.248   -7.870  13.316  1.00 6.36  ? 110 CYS A O   1 
ATOM   841  C CB  . CYS A 1 110 ? -1.067  -5.616  12.870  1.00 6.09  ? 110 CYS A CB  1 
ATOM   842  S SG  . CYS A 1 110 ? -2.187  -4.658  11.810  1.00 6.82  ? 110 CYS A SG  1 
ATOM   843  N N   . GLU A 1 111 ? 2.054   -5.810  13.664  1.00 9.05  ? 111 GLU A N   1 
ATOM   844  C CA  . GLU A 1 111 ? 3.028   -6.288  14.619  1.00 10.49 ? 111 GLU A CA  1 
ATOM   845  C C   . GLU A 1 111 ? 3.531   -5.108  15.508  1.00 9.97  ? 111 GLU A C   1 
ATOM   846  O O   . GLU A 1 111 ? 3.391   -3.979  15.118  1.00 7.68  ? 111 GLU A O   1 
ATOM   847  C CB  . GLU A 1 111 ? 4.310   -6.756  13.915  1.00 14.71 ? 111 GLU A CB  1 
ATOM   848  C CG  . GLU A 1 111 ? 4.447   -8.124  13.347  1.00 20.36 ? 111 GLU A CG  1 
ATOM   849  C CD  . GLU A 1 111 ? 5.876   -8.360  12.815  1.00 23.38 ? 111 GLU A CD  1 
ATOM   850  O OE1 . GLU A 1 111 ? 6.828   -7.819  13.339  1.00 26.19 ? 111 GLU A OE1 1 
ATOM   851  O OE2 . GLU A 1 111 ? 5.893   -9.054  11.809  1.00 25.99 ? 111 GLU A OE2 1 
ATOM   852  N N   . GLY A 1 112 ? 4.036   -5.571  16.628  1.00 9.47  ? 112 GLY A N   1 
ATOM   853  C CA  . GLY A 1 112 ? 4.626   -4.710  17.643  1.00 11.64 ? 112 GLY A CA  1 
ATOM   854  C C   . GLY A 1 112 ? 3.745   -4.187  18.714  1.00 10.48 ? 112 GLY A C   1 
ATOM   855  O O   . GLY A 1 112 ? 2.564   -4.533  18.889  1.00 9.74  ? 112 GLY A O   1 
ATOM   856  N N   . ASN A 1 113 ? 4.310   -3.270  19.504  1.00 12.19 ? 113 ASN A N   1 
ATOM   857  C CA  . ASN A 1 113 ? 3.626   -2.557  20.597  1.00 13.02 ? 113 ASN A CA  1 
ATOM   858  C C   . ASN A 1 113 ? 4.240   -1.139  20.543  1.00 13.25 ? 113 ASN A C   1 
ATOM   859  O O   . ASN A 1 113 ? 5.390   -0.991  20.978  1.00 13.34 ? 113 ASN A O   1 
ATOM   860  C CB  . ASN A 1 113 ? 3.800   -3.184  21.969  1.00 13.82 ? 113 ASN A CB  1 
ATOM   861  C CG  . ASN A 1 113 ? 2.940   -2.527  23.026  1.00 15.62 ? 113 ASN A CG  1 
ATOM   862  O OD1 . ASN A 1 113 ? 3.246   -2.704  24.264  1.00 17.12 ? 113 ASN A OD1 1 
ATOM   863  N ND2 . ASN A 1 113 ? 1.840   -1.844  22.708  1.00 14.93 ? 113 ASN A ND2 1 
ATOM   864  N N   . PRO A 1 114 ? 3.519   -0.181  19.991  1.00 13.15 ? 114 PRO A N   1 
ATOM   865  C CA  . PRO A 1 114 ? 2.166   -0.224  19.450  1.00 12.31 ? 114 PRO A CA  1 
ATOM   866  C C   . PRO A 1 114 ? 1.951   -1.209  18.293  1.00 11.68 ? 114 PRO A C   1 
ATOM   867  O O   . PRO A 1 114 ? 2.885   -1.392  17.471  1.00 11.61 ? 114 PRO A O   1 
ATOM   868  C CB  . PRO A 1 114 ? 1.948   1.199   18.939  1.00 12.68 ? 114 PRO A CB  1 
ATOM   869  C CG  . PRO A 1 114 ? 2.913   2.042   19.730  1.00 12.56 ? 114 PRO A CG  1 
ATOM   870  C CD  . PRO A 1 114 ? 4.148   1.173   19.875  1.00 12.14 ? 114 PRO A CD  1 
ATOM   871  N N   . TYR A 1 115 ? 0.731   -1.741  18.236  1.00 9.70  ? 115 TYR A N   1 
ATOM   872  C CA  . TYR A 1 115 ? 0.432   -2.754  17.183  1.00 9.05  ? 115 TYR A CA  1 
ATOM   873  C C   . TYR A 1 115 ? 0.067   -2.057  15.891  1.00 7.89  ? 115 TYR A C   1 
ATOM   874  O O   . TYR A 1 115 ? -1.087  -1.612  15.830  1.00 8.28  ? 115 TYR A O   1 
ATOM   875  C CB  . TYR A 1 115 ? -0.682  -3.633  17.676  1.00 10.90 ? 115 TYR A CB  1 
ATOM   876  C CG  . TYR A 1 115 ? -0.922  -4.978  17.053  1.00 11.12 ? 115 TYR A CG  1 
ATOM   877  C CD1 . TYR A 1 115 ? 0.093   -5.954  16.955  1.00 10.78 ? 115 TYR A CD1 1 
ATOM   878  C CD2 . TYR A 1 115 ? -2.225  -5.324  16.682  1.00 11.63 ? 115 TYR A CD2 1 
ATOM   879  C CE1 . TYR A 1 115 ? -0.184  -7.211  16.433  1.00 11.24 ? 115 TYR A CE1 1 
ATOM   880  C CE2 . TYR A 1 115 ? -2.478  -6.586  16.129  1.00 11.37 ? 115 TYR A CE2 1 
ATOM   881  C CZ  . TYR A 1 115 ? -1.473  -7.523  16.055  1.00 10.89 ? 115 TYR A CZ  1 
ATOM   882  O OH  . TYR A 1 115 ? -1.807  -8.759  15.548  1.00 12.05 ? 115 TYR A OH  1 
ATOM   883  N N   . VAL A 1 116 ? 0.974   -2.006  14.952  1.00 5.84  ? 116 VAL A N   1 
ATOM   884  C CA  . VAL A 1 116 ? 0.681   -1.277  13.693  1.00 5.75  ? 116 VAL A CA  1 
ATOM   885  C C   . VAL A 1 116 ? 0.899   -2.096  12.452  1.00 3.95  ? 116 VAL A C   1 
ATOM   886  O O   . VAL A 1 116 ? 1.577   -3.099  12.502  1.00 3.07  ? 116 VAL A O   1 
ATOM   887  C CB  . VAL A 1 116 ? 1.577   0.002   13.676  1.00 6.41  ? 116 VAL A CB  1 
ATOM   888  C CG1 . VAL A 1 116 ? 1.068   1.031   14.684  1.00 6.79  ? 116 VAL A CG1 1 
ATOM   889  C CG2 . VAL A 1 116 ? 3.032   -0.326  13.838  1.00 6.01  ? 116 VAL A CG2 1 
ATOM   890  N N   . PRO A 1 117 ? 0.396   -1.558  11.330  1.00 4.32  ? 117 PRO A N   1 
ATOM   891  C CA  . PRO A 1 117 ? 0.589   -2.240  10.037  1.00 4.50  ? 117 PRO A CA  1 
ATOM   892  C C   . PRO A 1 117 ? 2.050   -2.266  9.587   1.00 4.70  ? 117 PRO A C   1 
ATOM   893  O O   . PRO A 1 117 ? 2.812   -1.242  9.638   1.00 5.96  ? 117 PRO A O   1 
ATOM   894  C CB  . PRO A 1 117 ? -0.340  -1.537  9.095   1.00 4.50  ? 117 PRO A CB  1 
ATOM   895  C CG  . PRO A 1 117 ? -1.164  -0.532  9.889   1.00 4.86  ? 117 PRO A CG  1 
ATOM   896  C CD  . PRO A 1 117 ? -0.435  -0.353  11.231  1.00 3.81  ? 117 PRO A CD  1 
ATOM   897  N N   . VAL A 1 118 ? 2.511   -3.415  9.124   1.00 4.33  ? 118 VAL A N   1 
ATOM   898  C CA  . VAL A 1 118 ? 3.878   -3.615  8.672   1.00 5.61  ? 118 VAL A CA  1 
ATOM   899  C C   . VAL A 1 118 ? 3.985   -4.167  7.277   1.00 6.04  ? 118 VAL A C   1 
ATOM   900  O O   . VAL A 1 118 ? 5.087   -4.216  6.703   1.00 6.66  ? 118 VAL A O   1 
ATOM   901  C CB  . VAL A 1 118 ? 4.738   -4.391  9.693   1.00 5.54  ? 118 VAL A CB  1 
ATOM   902  C CG1 . VAL A 1 118 ? 4.906   -3.590  11.002  1.00 6.03  ? 118 VAL A CG1 1 
ATOM   903  C CG2 . VAL A 1 118 ? 4.262   -5.791  9.958   1.00 6.91  ? 118 VAL A CG2 1 
ATOM   904  N N   . HIS A 1 119 ? 2.860   -4.657  6.787   1.00 5.21  ? 119 HIS A N   1 
ATOM   905  C CA  . HIS A 1 119 ? 2.906   -5.299  5.435   1.00 4.97  ? 119 HIS A CA  1 
ATOM   906  C C   . HIS A 1 119 ? 1.487   -5.234  4.863   1.00 4.48  ? 119 HIS A C   1 
ATOM   907  O O   . HIS A 1 119 ? 0.558   -5.486  5.612   1.00 3.44  ? 119 HIS A O   1 
ATOM   908  C CB  . HIS A 1 119 ? 3.294   -6.809  5.772   1.00 6.05  ? 119 HIS A CB  1 
ATOM   909  C CG  . HIS A 1 119 ? 3.152   -7.664  4.562   1.00 6.72  ? 119 HIS A CG  1 
ATOM   910  N ND1 . HIS A 1 119 ? 3.978   -7.597  3.497   1.00 8.22  ? 119 HIS A ND1 1 
ATOM   911  C CD2 . HIS A 1 119 ? 2.232   -8.636  4.269   1.00 7.49  ? 119 HIS A CD2 1 
ATOM   912  C CE1 . HIS A 1 119 ? 3.633   -8.484  2.551   1.00 7.76  ? 119 HIS A CE1 1 
ATOM   913  N NE2 . HIS A 1 119 ? 2.538   -9.061  3.037   1.00 7.55  ? 119 HIS A NE2 1 
ATOM   914  N N   . PHE A 1 120 ? 1.457   -4.931  3.566   1.00 4.25  ? 120 PHE A N   1 
ATOM   915  C CA  . PHE A 1 120 ? 0.128   -4.885  2.868   1.00 5.61  ? 120 PHE A CA  1 
ATOM   916  C C   . PHE A 1 120 ? -0.061  -6.304  2.233   1.00 6.22  ? 120 PHE A C   1 
ATOM   917  O O   . PHE A 1 120 ? 0.712   -6.633  1.313   1.00 6.21  ? 120 PHE A O   1 
ATOM   918  C CB  . PHE A 1 120 ? 0.146   -3.794  1.858   1.00 6.43  ? 120 PHE A CB  1 
ATOM   919  C CG  . PHE A 1 120 ? -1.197  -3.486  1.204   1.00 7.75  ? 120 PHE A CG  1 
ATOM   920  C CD1 . PHE A 1 120 ? -1.609  -4.233  0.089   1.00 8.40  ? 120 PHE A CD1 1 
ATOM   921  C CD2 . PHE A 1 120 ? -1.927  -2.438  1.641   1.00 8.61  ? 120 PHE A CD2 1 
ATOM   922  C CE1 . PHE A 1 120 ? -2.888  -4.004  -0.470  1.00 8.99  ? 120 PHE A CE1 1 
ATOM   923  C CE2 . PHE A 1 120 ? -3.193  -2.143  1.093   1.00 8.91  ? 120 PHE A CE2 1 
ATOM   924  C CZ  . PHE A 1 120 ? -3.643  -2.926  0.027   1.00 8.53  ? 120 PHE A CZ  1 
ATOM   925  N N   . ASP A 1 121 ? -1.014  -7.072  2.736   1.00 4.99  ? 121 ASP A N   1 
ATOM   926  C CA  . ASP A 1 121 ? -1.168  -8.458  2.244   1.00 6.65  ? 121 ASP A CA  1 
ATOM   927  C C   . ASP A 1 121 ? -1.986  -8.572  0.977   1.00 7.65  ? 121 ASP A C   1 
ATOM   928  O O   . ASP A 1 121 ? -1.556  -9.314  0.058   1.00 6.56  ? 121 ASP A O   1 
ATOM   929  C CB  . ASP A 1 121 ? -1.743  -9.359  3.360   1.00 6.92  ? 121 ASP A CB  1 
ATOM   930  C CG  . ASP A 1 121 ? -1.321  -10.815 3.275   1.00 7.86  ? 121 ASP A CG  1 
ATOM   931  O OD1 . ASP A 1 121 ? -0.125  -11.037 3.089   1.00 8.18  ? 121 ASP A OD1 1 
ATOM   932  O OD2 . ASP A 1 121 ? -2.211  -11.697 3.375   1.00 7.99  ? 121 ASP A OD2 1 
ATOM   933  N N   . ALA A 1 122 ? -3.081  -7.853  0.904   1.00 9.12  ? 122 ALA A N   1 
ATOM   934  C CA  . ALA A 1 122 ? -3.995  -7.936  -0.260  1.00 10.55 ? 122 ALA A CA  1 
ATOM   935  C C   . ALA A 1 122 ? -5.086  -6.861  -0.107  1.00 11.52 ? 122 ALA A C   1 
ATOM   936  O O   . ALA A 1 122 ? -5.227  -6.256  0.895   1.00 9.42  ? 122 ALA A O   1 
ATOM   937  C CB  . ALA A 1 122 ? -4.778  -9.304  -0.054  1.00 10.49 ? 122 ALA A CB  1 
ATOM   938  N N   . SER A 1 123 ? -5.816  -6.659  -1.205  1.00 14.42 ? 123 SER A N   1 
ATOM   939  C CA  . SER A 1 123 ? -6.993  -5.796  -1.270  1.00 16.25 ? 123 SER A CA  1 
ATOM   940  C C   . SER A 1 123 ? -8.151  -6.703  -1.730  1.00 17.75 ? 123 SER A C   1 
ATOM   941  O O   . SER A 1 123 ? -7.894  -7.691  -2.514  1.00 18.74 ? 123 SER A O   1 
ATOM   942  C CB  . SER A 1 123 ? -6.793  -4.554  -2.061  1.00 17.23 ? 123 SER A CB  1 
ATOM   943  O OG  . SER A 1 123 ? -6.870  -4.821  -3.433  1.00 19.71 ? 123 SER A OG  1 
ATOM   944  N N   . VAL A 1 124 ? -9.322  -6.560  -1.208  1.00 17.44 ? 124 VAL A N   1 
ATOM   945  C CA  . VAL A 1 124 ? -10.488 -7.385  -1.454  1.00 19.62 ? 124 VAL A CA  1 
ATOM   946  C C   . VAL A 1 124 ? -11.737 -6.604  -1.838  1.00 19.57 ? 124 VAL A C   1 
ATOM   947  O O   . VAL A 1 124 ? -12.284 -7.033  -2.878  1.00 19.93 ? 124 VAL A O   1 
ATOM   948  C CB  . VAL A 1 124 ? -10.745 -8.278  -0.189  1.00 20.49 ? 124 VAL A CB  1 
ATOM   949  C CG1 . VAL A 1 124 ? -12.011 -9.074  -0.409  1.00 22.32 ? 124 VAL A CG1 1 
ATOM   950  C CG2 . VAL A 1 124 ? -9.607  -9.283  -0.033  1.00 22.69 ? 124 VAL A CG2 1 
ATOM   951  O OXT . VAL A 1 124 ? -12.180 -5.692  -1.125  1.00 18.25 ? 124 VAL A OXT 1 
HETATM 952  C C1  . NIN B 2 .   ? 11.369  -1.966  0.222   1.00 20.00 ? 125 NIN A C1  1 
HETATM 953  C C2  . NIN B 2 .   ? 12.314  -2.997  0.282   1.00 22.90 ? 125 NIN A C2  1 
HETATM 954  N N2  . NIN B 2 .   ? 13.086  -3.191  1.438   1.00 24.37 ? 125 NIN A N2  1 
HETATM 955  O O21 . NIN B 2 .   ? 12.949  -2.410  2.457   1.00 24.67 ? 125 NIN A O21 1 
HETATM 956  O O22 . NIN B 2 .   ? 13.951  -4.169  1.482   1.00 26.34 ? 125 NIN A O22 1 
HETATM 957  C C3  . NIN B 2 .   ? 12.485  -3.894  -0.801  1.00 22.24 ? 125 NIN A C3  1 
HETATM 958  C C4  . NIN B 2 .   ? 11.668  -3.723  -1.949  1.00 22.23 ? 125 NIN A C4  1 
HETATM 959  N N4  . NIN B 2 .   ? 11.880  -4.617  -3.013  1.00 23.61 ? 125 NIN A N4  1 
HETATM 960  O O41 . NIN B 2 .   ? 12.804  -5.545  -2.886  1.00 24.83 ? 125 NIN A O41 1 
HETATM 961  O O42 . NIN B 2 .   ? 11.136  -4.582  -4.065  1.00 23.85 ? 125 NIN A O42 1 
HETATM 962  C C5  . NIN B 2 .   ? 10.716  -2.720  -2.017  1.00 20.61 ? 125 NIN A C5  1 
HETATM 963  C C6  . NIN B 2 .   ? 10.559  -1.845  -0.930  1.00 20.31 ? 125 NIN A C6  1 
HETATM 964  O O   . HOH C 3 .   ? 2.712   1.497   9.714   1.00 10.37 ? 126 HOH A O   1 
HETATM 965  O O   . HOH C 3 .   ? 13.205  -0.422  -4.840  1.00 26.99 ? 127 HOH A O   1 
HETATM 966  O O   . HOH C 3 .   ? 5.908   -2.500  3.236   0.90 21.78 ? 128 HOH A O   1 
HETATM 967  O O   . HOH C 3 .   ? 2.826   -5.778  -0.651  0.81 25.93 ? 129 HOH A O   1 
HETATM 968  O O   . HOH C 3 .   ? 3.536   12.714  -0.874  0.70 27.34 ? 130 HOH A O   1 
HETATM 969  O O   . HOH C 3 .   ? -1.951  5.222   -16.039 0.97 13.52 ? 131 HOH A O   1 
HETATM 970  O O   . HOH C 3 .   ? 1.391   6.226   -13.807 0.97 8.15  ? 132 HOH A O   1 
HETATM 971  O O   . HOH C 3 .   ? 3.128   5.525   -17.945 0.87 28.34 ? 133 HOH A O   1 
HETATM 972  O O   . HOH C 3 .   ? 20.201  2.964   -5.817  0.83 21.04 ? 134 HOH A O   1 
HETATM 973  O O   . HOH C 3 .   ? 17.446  -5.119  -9.894  0.77 33.09 ? 135 HOH A O   1 
HETATM 974  O O   . HOH C 3 .   ? -9.592  8.248   6.359   0.99 8.61  ? 136 HOH A O   1 
HETATM 975  O O   . HOH C 3 .   ? -10.693 2.345   10.026  1.00 8.78  ? 137 HOH A O   1 
HETATM 976  O O   . HOH C 3 .   ? -12.219 3.238   7.873   0.94 19.01 ? 138 HOH A O   1 
HETATM 977  O O   . HOH C 3 .   ? -11.789 3.226   12.377  1.00 7.79  ? 139 HOH A O   1 
HETATM 978  O O   . HOH C 3 .   ? -4.669  -12.238 3.470   1.00 8.54  ? 140 HOH A O   1 
HETATM 979  O O   . HOH C 3 .   ? 1.456   -12.996 4.116   1.00 10.23 ? 141 HOH A O   1 
HETATM 980  O O   . HOH C 3 .   ? -14.086 3.197   -0.603  0.97 23.08 ? 142 HOH A O   1 
HETATM 981  O O   . HOH C 3 .   ? -3.271  -0.048  -12.444 1.00 12.60 ? 143 HOH A O   1 
HETATM 982  O O   . HOH C 3 .   ? -7.409  6.377   -6.424  1.00 7.69  ? 144 HOH A O   1 
HETATM 983  O O   . HOH C 3 .   ? -9.642  5.639   -5.110  1.00 16.16 ? 145 HOH A O   1 
HETATM 984  O O   . HOH C 3 .   ? -13.472 6.707   -2.728  0.84 19.94 ? 146 HOH A O   1 
HETATM 985  O O   . HOH C 3 .   ? -13.269 5.334   1.721   0.83 18.76 ? 147 HOH A O   1 
HETATM 986  O O   . HOH C 3 .   ? 4.106   -8.326  17.454  0.90 21.74 ? 148 HOH A O   1 
HETATM 987  O O   . HOH C 3 .   ? 5.395   -0.528  16.754  1.00 9.10  ? 149 HOH A O   1 
HETATM 988  O O   . HOH C 3 .   ? 3.901   -4.220  2.163   0.90 9.32  ? 150 HOH A O   1 
HETATM 989  O O   . HOH C 3 .   ? 2.246   -4.497  -2.581  0.73 19.28 ? 151 HOH A O   1 
HETATM 990  O O   . HOH C 3 .   ? 4.571   -3.915  -3.758  0.62 24.73 ? 152 HOH A O   1 
HETATM 991  O O   . HOH C 3 .   ? 1.466   -10.689 0.331   0.84 20.20 ? 153 HOH A O   1 
HETATM 992  O O   . HOH C 3 .   ? -7.682  -14.152 4.290   0.78 15.44 ? 154 HOH A O   1 
HETATM 993  O O   . HOH C 3 .   ? -0.120  -4.050  -3.423  0.74 19.62 ? 155 HOH A O   1 
HETATM 994  O O   . HOH C 3 .   ? 5.485   2.198   16.062  0.72 22.05 ? 156 HOH A O   1 
HETATM 995  O O   . HOH C 3 .   ? 2.459   3.434   11.525  0.78 13.09 ? 157 HOH A O   1 
HETATM 996  O O   . HOH C 3 .   ? 0.626   9.993   3.490   0.79 16.63 ? 158 HOH A O   1 
HETATM 997  O O   . HOH C 3 .   ? 5.994   11.544  -1.838  0.61 20.08 ? 159 HOH A O   1 
HETATM 998  O O   . HOH C 3 .   ? 14.562  6.254   1.004   0.84 20.14 ? 160 HOH A O   1 
HETATM 999  O O   . HOH C 3 .   ? -6.509  7.841   -13.280 1.00 30.47 ? 161 HOH A O   1 
HETATM 1000 O O   . HOH C 3 .   ? -3.667  4.633   -18.485 0.56 29.48 ? 162 HOH A O   1 
HETATM 1001 O O   . HOH C 3 .   ? 8.357   5.617   -11.812 0.80 19.91 ? 163 HOH A O   1 
HETATM 1002 O O   . HOH C 3 .   ? -9.763  11.027  5.887   0.62 25.45 ? 164 HOH A O   1 
HETATM 1003 O O   . HOH C 3 .   ? -16.054 3.159   3.373   0.52 18.36 ? 165 HOH A O   1 
HETATM 1004 O O   . HOH C 3 .   ? -5.909  4.486   15.043  0.79 11.66 ? 166 HOH A O   1 
HETATM 1005 O O   . HOH C 3 .   ? -11.151 6.145   13.072  0.81 14.25 ? 167 HOH A O   1 
HETATM 1006 O O   . HOH C 3 .   ? -6.020  -6.402  17.309  0.76 20.47 ? 168 HOH A O   1 
HETATM 1007 O O   . HOH C 3 .   ? -0.225  -10.669 16.860  0.80 15.20 ? 169 HOH A O   1 
HETATM 1008 O O   . HOH C 3 .   ? -14.530 -3.011  16.342  0.75 12.88 ? 170 HOH A O   1 
HETATM 1009 O O   . HOH C 3 .   ? -12.410 0.183   8.161   0.85 7.44  ? 171 HOH A O   1 
HETATM 1010 O O   . HOH C 3 .   ? -17.321 -4.976  7.426   0.83 13.56 ? 172 HOH A O   1 
HETATM 1011 O O   . HOH C 3 .   ? -1.368  -6.656  -15.569 0.89 25.03 ? 173 HOH A O   1 
HETATM 1012 O O   . HOH C 3 .   ? 5.549   -6.567  -14.265 0.67 21.31 ? 174 HOH A O   1 
HETATM 1013 O O   . HOH C 3 .   ? 7.178   -4.716  -17.883 0.70 21.67 ? 175 HOH A O   1 
HETATM 1014 O O   . HOH C 3 .   ? -14.728 -4.148  -2.337  0.72 22.08 ? 176 HOH A O   1 
HETATM 1015 O O   . HOH C 3 .   ? 5.854   -2.585  14.497  0.79 13.05 ? 177 HOH A O   1 
HETATM 1016 O O   . HOH C 3 .   ? 8.107   -1.597  13.095  0.63 17.96 ? 178 HOH A O   1 
HETATM 1017 O O   . HOH C 3 .   ? 7.389   6.921   7.273   0.56 22.71 ? 179 HOH A O   1 
HETATM 1018 O O   . HOH C 3 .   ? 1.331   12.090  1.726   0.64 21.13 ? 180 HOH A O   1 
HETATM 1019 O O   . HOH C 3 .   ? -8.127  15.406  -2.687  0.66 21.26 ? 181 HOH A O   1 
HETATM 1020 O O   . HOH C 3 .   ? -8.933  4.703   -12.645 0.70 16.79 ? 182 HOH A O   1 
HETATM 1021 O O   . HOH C 3 .   ? -5.060  11.755  -16.269 0.62 18.28 ? 183 HOH A O   1 
HETATM 1022 O O   . HOH C 3 .   ? 12.739  11.548  -2.892  0.72 20.80 ? 184 HOH A O   1 
HETATM 1023 O O   . HOH C 3 .   ? 10.181  -4.339  -15.444 0.69 19.57 ? 185 HOH A O   1 
HETATM 1024 O O   . HOH C 3 .   ? 13.257  -4.615  -12.190 0.56 17.21 ? 186 HOH A O   1 
HETATM 1025 O O   . HOH C 3 .   ? -3.899  -2.534  -5.900  0.62 20.48 ? 187 HOH A O   1 
HETATM 1026 O O   . HOH C 3 .   ? -3.286  11.026  8.335   0.74 17.75 ? 188 HOH A O   1 
HETATM 1027 O O   . HOH C 3 .   ? -4.143  10.399  11.296  0.69 17.33 ? 189 HOH A O   1 
HETATM 1028 O O   . HOH C 3 .   ? -12.129 -0.548  15.898  0.63 23.50 ? 190 HOH A O   1 
HETATM 1029 O O   . HOH C 3 .   ? -11.962 -10.192 14.349  0.72 16.37 ? 191 HOH A O   1 
HETATM 1030 O O   . HOH C 3 .   ? 2.492   -12.456 8.891   0.67 19.85 ? 192 HOH A O   1 
HETATM 1031 O O   . HOH C 3 .   ? 12.743  -4.491  -14.704 0.55 20.29 ? 193 HOH A O   1 
HETATM 1032 O O   . HOH C 3 .   ? -1.291  -0.844  20.130  0.59 13.77 ? 194 HOH A O   1 
HETATM 1033 O O   . HOH C 3 .   ? 13.809  6.276   3.475   0.60 21.66 ? 195 HOH A O   1 
HETATM 1034 O O   . HOH C 3 .   ? 7.069   -2.830  22.556  0.50 20.61 ? 196 HOH A O   1 
HETATM 1035 O O   . HOH C 3 .   ? -4.818  -8.580  -3.778  0.51 19.72 ? 197 HOH A O   1 
HETATM 1036 O O   . HOH C 3 .   ? 2.433   -6.441  -12.550 0.63 22.63 ? 198 HOH A O   1 
HETATM 1037 O O   . HOH C 3 .   ? 2.189   -11.462 6.004   0.64 23.24 ? 199 HOH A O   1 
HETATM 1038 O O   . HOH C 3 .   ? -8.089  11.251  1.973   0.61 24.77 ? 200 HOH A O   1 
# 
